data_8BDL
#
_entry.id   8BDL
#
_cell.length_a   92.930
_cell.length_b   92.930
_cell.length_c   362.678
_cell.angle_alpha   90.00
_cell.angle_beta   90.00
_cell.angle_gamma   90.00
#
_symmetry.space_group_name_H-M   'P 41 2 2'
#
loop_
_entity.id
_entity.type
_entity.pdbx_description
1 polymer Elongin-B
2 polymer Elongin-C
3 polymer 'von Hippel-Lindau disease tumor suppressor'
4 non-polymer (2~{S},4~{R})-~{N}-[(1~{S})-1-[2-(2-methoxyethoxy)-4-(4-methyl-1,3-thiazol-5-yl)phenyl]ethyl]-1-[(2~{R})-3-methyl-2-(3-methyl-1,2-oxazol-5-yl)butanoyl]-4-oxidanyl-pyrrolidine-2-carboxamide
5 water water
#
loop_
_entity_poly.entity_id
_entity_poly.type
_entity_poly.pdbx_seq_one_letter_code
_entity_poly.pdbx_strand_id
1 'polypeptide(L)'
;MDVFLMIRRHKTTIFTDAKESSTVFELKRIVEGILKRPPDEQRLYKDDQLLDDGKTLGECGFTSQTARPQAPATVGLAFR
ADDTFEALCIEPFSSPPELPDVMK
;
A,D,G,J
2 'polypeptide(L)'
;MMYVKLISSDGHEFIVKREHALTSGTIKAMLSGPGQFAENETNEVNFREIPSHVLSKVCMYFTYKVRYTNSSTEIPEFPI
APEIALELLMAANFLDC
;
B,E,H,K
3 'polypeptide(L)'
;GSMEAGRPRPVLRSVNSREPSQVIF(CAS)NRSPRVVLPVWLNFDGEPQPYPTLPPGTGRRIHSYRGHLWLFRDAGTHDG
LLVNQTELFVPSLNVDGQPIFANITLPVYTLKERCLQVVRSLVKPENYRRLDIVRSLYEDLEDHPNVQKDLERLTQERIA
HQRMGD
;
C,F,I,L
#
loop_
_chem_comp.id
_chem_comp.type
_chem_comp.name
_chem_comp.formula
QF3 non-polymer (2~{S},4~{R})-~{N}-[(1~{S})-1-[2-(2-methoxyethoxy)-4-(4-methyl-1,3-thiazol-5-yl)phenyl]ethyl]-1-[(2~{R})-3-methyl-2-(3-methyl-1,2-oxazol-5-yl)butanoyl]-4-oxidanyl-pyrrolidine-2-carboxamide 'C29 H38 N4 O6 S'
#
# COMPACT_ATOMS: atom_id res chain seq x y z
N MET A 1 -6.58 -24.13 -7.00
CA MET A 1 -5.92 -24.76 -5.86
C MET A 1 -6.00 -23.87 -4.62
N ASP A 2 -6.11 -24.48 -3.44
CA ASP A 2 -6.19 -23.74 -2.20
C ASP A 2 -4.79 -23.49 -1.64
N VAL A 3 -4.59 -22.33 -1.02
CA VAL A 3 -3.36 -21.98 -0.35
C VAL A 3 -3.71 -21.64 1.10
N PHE A 4 -2.84 -22.01 2.05
CA PHE A 4 -3.10 -21.81 3.47
C PHE A 4 -2.14 -20.78 4.03
N LEU A 5 -2.68 -19.73 4.64
CA LEU A 5 -1.88 -18.59 5.06
C LEU A 5 -2.00 -18.19 6.54
N MET A 6 -1.05 -17.35 6.98
CA MET A 6 -0.98 -16.70 8.27
C MET A 6 -0.73 -15.23 7.93
N ILE A 7 -1.74 -14.38 8.10
CA ILE A 7 -1.60 -12.95 7.86
C ILE A 7 -1.20 -12.36 9.20
N ARG A 8 0.02 -11.84 9.30
CA ARG A 8 0.59 -11.43 10.56
C ARG A 8 0.94 -9.96 10.67
N ARG A 9 0.58 -9.38 11.81
CA ARG A 9 0.85 -7.99 12.13
C ARG A 9 1.01 -7.91 13.62
N HIS A 10 2.17 -7.41 14.10
CA HIS A 10 2.52 -7.26 15.50
C HIS A 10 2.26 -8.58 16.23
N LYS A 11 1.32 -8.65 17.20
CA LYS A 11 1.03 -9.89 17.88
C LYS A 11 -0.28 -10.54 17.42
N THR A 12 -0.74 -10.22 16.21
CA THR A 12 -1.97 -10.76 15.64
C THR A 12 -1.65 -11.70 14.48
N THR A 13 -2.25 -12.89 14.48
CA THR A 13 -2.05 -13.83 13.39
C THR A 13 -3.40 -14.36 12.89
N ILE A 14 -3.72 -14.13 11.62
CA ILE A 14 -4.96 -14.63 11.05
C ILE A 14 -4.69 -15.89 10.24
N PHE A 15 -5.32 -16.99 10.60
CA PHE A 15 -5.20 -18.23 9.84
C PHE A 15 -6.36 -18.23 8.84
N THR A 16 -6.06 -18.22 7.54
CA THR A 16 -7.10 -18.27 6.54
C THR A 16 -6.60 -19.00 5.27
N ASP A 17 -7.51 -19.37 4.40
CA ASP A 17 -7.18 -20.01 3.15
C ASP A 17 -7.76 -19.15 2.03
N ALA A 18 -7.24 -19.35 0.83
CA ALA A 18 -7.70 -18.63 -0.36
C ALA A 18 -7.29 -19.46 -1.61
N LYS A 19 -7.72 -19.07 -2.81
CA LYS A 19 -7.32 -19.75 -4.02
C LYS A 19 -6.00 -19.15 -4.53
N GLU A 20 -5.18 -19.95 -5.22
CA GLU A 20 -3.97 -19.45 -5.90
C GLU A 20 -4.35 -18.35 -6.91
N SER A 21 -5.53 -18.46 -7.56
CA SER A 21 -6.03 -17.49 -8.53
C SER A 21 -6.65 -16.25 -7.92
N SER A 22 -6.87 -16.23 -6.60
CA SER A 22 -7.44 -15.05 -5.94
C SER A 22 -6.37 -13.98 -5.81
N THR A 23 -6.77 -12.71 -5.72
CA THR A 23 -5.85 -11.58 -5.70
C THR A 23 -5.43 -11.11 -4.28
N VAL A 24 -4.40 -10.25 -4.24
CA VAL A 24 -3.93 -9.62 -3.02
C VAL A 24 -5.05 -8.74 -2.43
N PHE A 25 -5.82 -8.06 -3.29
CA PHE A 25 -6.94 -7.24 -2.86
C PHE A 25 -8.03 -8.08 -2.20
N GLU A 26 -8.34 -9.26 -2.76
CA GLU A 26 -9.34 -10.15 -2.16
C GLU A 26 -8.92 -10.60 -0.75
N LEU A 27 -7.61 -10.76 -0.55
CA LEU A 27 -7.08 -11.13 0.77
C LEU A 27 -7.21 -9.94 1.77
N LYS A 28 -7.15 -8.69 1.27
CA LYS A 28 -7.37 -7.49 2.07
C LYS A 28 -8.81 -7.38 2.50
N ARG A 29 -9.75 -7.83 1.65
CA ARG A 29 -11.16 -7.86 2.02
C ARG A 29 -11.38 -8.83 3.20
N ILE A 30 -10.61 -9.94 3.25
CA ILE A 30 -10.68 -10.89 4.34
C ILE A 30 -10.24 -10.20 5.66
N VAL A 31 -9.09 -9.52 5.62
CA VAL A 31 -8.56 -8.79 6.76
C VAL A 31 -9.57 -7.70 7.20
N GLU A 32 -10.23 -7.04 6.23
CA GLU A 32 -11.20 -5.99 6.55
C GLU A 32 -12.34 -6.56 7.39
N GLY A 33 -12.84 -7.72 7.02
CA GLY A 33 -13.95 -8.34 7.75
C GLY A 33 -13.59 -8.72 9.16
N ILE A 34 -12.30 -8.97 9.43
CA ILE A 34 -11.86 -9.39 10.76
C ILE A 34 -11.38 -8.21 11.62
N LEU A 35 -10.45 -7.41 11.11
CA LEU A 35 -9.83 -6.31 11.84
C LEU A 35 -10.48 -4.91 11.62
N LYS A 36 -11.53 -4.85 10.79
CA LYS A 36 -12.32 -3.66 10.49
C LYS A 36 -11.52 -2.51 9.92
N ARG A 37 -10.49 -2.80 9.11
CA ARG A 37 -9.71 -1.75 8.45
C ARG A 37 -9.89 -1.91 6.96
N PRO A 38 -10.23 -0.83 6.23
CA PRO A 38 -10.44 -0.97 4.79
C PRO A 38 -9.17 -1.32 4.04
N PRO A 39 -9.30 -1.99 2.87
CA PRO A 39 -8.11 -2.36 2.08
C PRO A 39 -7.14 -1.22 1.75
N ASP A 40 -7.65 0.00 1.55
CA ASP A 40 -6.76 1.14 1.26
C ASP A 40 -5.93 1.56 2.49
N GLU A 41 -6.30 1.13 3.69
CA GLU A 41 -5.54 1.41 4.91
C GLU A 41 -4.65 0.22 5.33
N GLN A 42 -4.45 -0.77 4.41
CA GLN A 42 -3.66 -1.97 4.63
C GLN A 42 -2.57 -2.10 3.57
N ARG A 43 -1.44 -2.65 3.96
CA ARG A 43 -0.35 -2.99 3.07
C ARG A 43 -0.02 -4.47 3.39
N LEU A 44 0.12 -5.32 2.35
CA LEU A 44 0.48 -6.73 2.53
C LEU A 44 1.84 -7.00 1.96
N TYR A 45 2.56 -7.93 2.55
CA TYR A 45 3.91 -8.23 2.15
C TYR A 45 4.18 -9.69 2.01
N LYS A 46 5.20 -10.03 1.22
CA LYS A 46 5.74 -11.38 1.18
C LYS A 46 7.18 -11.10 1.52
N ASP A 47 7.59 -11.44 2.75
CA ASP A 47 8.91 -11.10 3.30
C ASP A 47 8.93 -9.55 3.42
N ASP A 48 9.94 -8.84 2.88
CA ASP A 48 9.96 -7.39 2.93
C ASP A 48 9.34 -6.76 1.67
N GLN A 49 8.76 -7.55 0.76
CA GLN A 49 8.22 -7.02 -0.48
C GLN A 49 6.75 -6.65 -0.42
N LEU A 50 6.43 -5.41 -0.80
CA LEU A 50 5.06 -4.96 -0.88
C LEU A 50 4.38 -5.65 -2.05
N LEU A 51 3.16 -6.13 -1.86
CA LEU A 51 2.43 -6.85 -2.89
C LEU A 51 1.39 -5.97 -3.55
N ASP A 52 1.27 -6.05 -4.87
CA ASP A 52 0.28 -5.30 -5.65
C ASP A 52 -1.08 -5.96 -5.55
N ASP A 53 -2.13 -5.16 -5.31
CA ASP A 53 -3.51 -5.62 -5.18
C ASP A 53 -4.03 -6.48 -6.34
N GLY A 54 -3.58 -6.18 -7.55
CA GLY A 54 -4.04 -6.91 -8.73
C GLY A 54 -3.36 -8.25 -8.95
N LYS A 55 -2.28 -8.54 -8.22
CA LYS A 55 -1.56 -9.78 -8.40
C LYS A 55 -2.25 -10.95 -7.72
N THR A 56 -2.21 -12.13 -8.37
CA THR A 56 -2.78 -13.32 -7.75
C THR A 56 -1.81 -13.81 -6.66
N LEU A 57 -2.31 -14.65 -5.75
CA LEU A 57 -1.48 -15.20 -4.70
C LEU A 57 -0.40 -16.12 -5.28
N GLY A 58 -0.74 -16.88 -6.31
CA GLY A 58 0.20 -17.72 -7.04
C GLY A 58 1.34 -16.91 -7.63
N GLU A 59 1.01 -15.73 -8.20
CA GLU A 59 2.02 -14.80 -8.75
C GLU A 59 2.92 -14.24 -7.65
N CYS A 60 2.38 -14.06 -6.45
CA CYS A 60 3.14 -13.62 -5.29
C CYS A 60 3.93 -14.78 -4.60
N GLY A 61 3.90 -15.99 -5.17
CA GLY A 61 4.65 -17.11 -4.61
C GLY A 61 3.89 -17.97 -3.63
N PHE A 62 2.60 -17.68 -3.42
CA PHE A 62 1.78 -18.48 -2.53
C PHE A 62 1.20 -19.60 -3.37
N THR A 63 1.79 -20.80 -3.25
CA THR A 63 1.38 -21.97 -4.02
C THR A 63 0.96 -23.12 -3.11
N SER A 64 0.25 -24.09 -3.66
CA SER A 64 -0.16 -25.28 -2.93
C SER A 64 1.05 -26.08 -2.40
N GLN A 65 2.22 -25.98 -3.06
CA GLN A 65 3.42 -26.65 -2.57
C GLN A 65 4.01 -25.96 -1.34
N THR A 66 3.91 -24.61 -1.23
CA THR A 66 4.56 -23.89 -0.14
C THR A 66 3.64 -23.27 0.89
N ALA A 67 2.33 -23.34 0.70
CA ALA A 67 1.38 -22.74 1.64
C ALA A 67 0.42 -23.86 2.03
N ARG A 68 0.91 -24.81 2.79
CA ARG A 68 0.19 -26.02 3.18
C ARG A 68 -0.64 -25.86 4.46
N PRO A 69 -1.68 -26.71 4.67
CA PRO A 69 -2.50 -26.57 5.91
C PRO A 69 -1.68 -26.74 7.18
N GLN A 70 -0.78 -27.70 7.20
CA GLN A 70 0.11 -27.99 8.33
C GLN A 70 1.32 -27.06 8.43
N ALA A 71 1.58 -26.24 7.39
CA ALA A 71 2.70 -25.29 7.37
C ALA A 71 2.32 -24.13 6.48
N PRO A 72 1.46 -23.23 6.97
CA PRO A 72 0.98 -22.12 6.14
C PRO A 72 2.04 -21.07 5.82
N ALA A 73 1.88 -20.37 4.70
CA ALA A 73 2.81 -19.32 4.32
C ALA A 73 2.47 -18.04 5.05
N THR A 74 3.46 -17.22 5.31
CA THR A 74 3.27 -15.97 6.04
C THR A 74 3.07 -14.78 5.10
N VAL A 75 2.06 -13.96 5.37
CA VAL A 75 1.80 -12.73 4.66
C VAL A 75 1.88 -11.63 5.69
N GLY A 76 2.75 -10.65 5.49
CA GLY A 76 2.91 -9.55 6.44
C GLY A 76 1.85 -8.48 6.24
N LEU A 77 1.41 -7.84 7.33
CA LEU A 77 0.38 -6.81 7.24
C LEU A 77 0.81 -5.57 8.02
N ALA A 78 0.65 -4.38 7.40
CA ALA A 78 0.97 -3.09 8.01
C ALA A 78 -0.20 -2.16 7.73
N PHE A 79 -0.77 -1.53 8.78
CA PHE A 79 -1.89 -0.61 8.66
C PHE A 79 -1.43 0.85 8.51
N ARG A 80 -2.34 1.71 8.04
CA ARG A 80 -2.11 3.12 7.96
C ARG A 80 -2.43 3.70 9.36
N ALA A 81 -1.61 4.66 9.83
CA ALA A 81 -1.82 5.31 11.13
C ALA A 81 -1.70 6.83 10.95
N ASP A 82 -2.85 7.50 10.86
CA ASP A 82 -2.96 8.93 10.59
C ASP A 82 -2.43 9.15 9.15
N ASP A 83 -1.41 9.99 8.94
CA ASP A 83 -0.89 10.25 7.59
C ASP A 83 -0.17 9.09 6.89
N THR A 84 0.73 8.36 7.61
CA THR A 84 1.54 7.32 6.97
C THR A 84 1.35 5.92 7.50
N PHE A 85 1.72 4.92 6.66
CA PHE A 85 1.70 3.52 7.02
C PHE A 85 2.84 3.28 7.99
N GLU A 86 2.59 2.45 8.99
CA GLU A 86 3.60 2.05 9.97
C GLU A 86 4.60 1.06 9.30
N ALA A 87 5.76 0.86 9.95
CA ALA A 87 6.74 -0.10 9.46
C ALA A 87 6.15 -1.53 9.66
N LEU A 88 6.52 -2.47 8.78
CA LEU A 88 6.06 -3.84 8.90
C LEU A 88 6.75 -4.44 10.11
N CYS A 89 5.97 -4.82 11.12
CA CYS A 89 6.55 -5.44 12.30
C CYS A 89 5.77 -6.68 12.66
N ILE A 90 6.43 -7.82 12.74
CA ILE A 90 5.76 -9.07 13.08
C ILE A 90 6.45 -9.59 14.31
N GLU A 91 5.71 -9.77 15.41
CA GLU A 91 6.29 -10.25 16.66
C GLU A 91 6.50 -11.75 16.53
N PRO A 92 7.72 -12.23 16.82
CA PRO A 92 7.95 -13.67 16.71
C PRO A 92 7.25 -14.42 17.80
N PHE A 93 7.02 -15.70 17.55
CA PHE A 93 6.43 -16.55 18.56
C PHE A 93 7.45 -16.75 19.71
N SER A 94 6.98 -17.31 20.82
CA SER A 94 7.82 -17.60 21.97
C SER A 94 8.90 -18.64 21.60
N SER A 95 9.99 -18.66 22.36
CA SER A 95 11.05 -19.63 22.14
C SER A 95 10.73 -20.89 22.92
N PRO A 96 10.82 -22.05 22.27
CA PRO A 96 10.61 -23.31 23.00
C PRO A 96 11.74 -23.54 24.01
N PRO A 97 11.48 -24.30 25.08
CA PRO A 97 12.56 -24.57 26.05
C PRO A 97 13.63 -25.49 25.46
N GLU A 98 14.76 -25.64 26.16
CA GLU A 98 15.83 -26.55 25.72
C GLU A 98 15.29 -27.98 25.72
N LEU A 99 15.69 -28.81 24.76
CA LEU A 99 15.26 -30.22 24.74
C LEU A 99 15.80 -30.93 25.98
N PRO A 100 14.97 -31.71 26.68
CA PRO A 100 15.48 -32.48 27.83
C PRO A 100 16.56 -33.49 27.40
N ASP A 101 17.43 -33.90 28.33
CA ASP A 101 18.47 -34.88 28.02
C ASP A 101 17.91 -36.18 27.45
N VAL A 102 16.76 -36.62 27.98
CA VAL A 102 16.12 -37.85 27.52
C VAL A 102 15.52 -37.76 26.09
N MET A 103 15.53 -36.57 25.48
CA MET A 103 15.05 -36.37 24.12
C MET A 103 16.19 -36.08 23.11
N LYS A 104 17.42 -35.85 23.59
CA LYS A 104 18.56 -35.58 22.72
C LYS A 104 19.34 -36.84 22.39
N MET B 1 -18.98 -15.35 7.16
CA MET B 1 -17.81 -16.13 7.60
C MET B 1 -17.41 -15.73 9.02
N MET B 2 -17.61 -16.61 10.01
CA MET B 2 -17.29 -16.27 11.39
C MET B 2 -15.93 -16.77 11.85
N TYR B 3 -15.28 -15.99 12.72
CA TYR B 3 -13.95 -16.26 13.26
C TYR B 3 -13.95 -16.18 14.79
N VAL B 4 -12.99 -16.82 15.44
CA VAL B 4 -12.82 -16.73 16.89
C VAL B 4 -11.36 -16.37 17.20
N LYS B 5 -11.12 -15.77 18.36
CA LYS B 5 -9.77 -15.37 18.75
C LYS B 5 -9.27 -16.27 19.88
N LEU B 6 -8.12 -16.89 19.70
CA LEU B 6 -7.49 -17.74 20.71
C LEU B 6 -6.23 -16.99 21.11
N ILE B 7 -6.14 -16.60 22.36
CA ILE B 7 -5.00 -15.82 22.85
C ILE B 7 -4.04 -16.68 23.62
N SER B 8 -2.77 -16.60 23.27
CA SER B 8 -1.76 -17.42 23.92
C SER B 8 -1.34 -16.81 25.26
N SER B 9 -0.62 -17.58 26.11
CA SER B 9 -0.15 -17.10 27.42
C SER B 9 0.74 -15.87 27.30
N ASP B 10 1.47 -15.75 26.19
CA ASP B 10 2.32 -14.60 25.95
C ASP B 10 1.66 -13.46 25.17
N GLY B 11 0.34 -13.52 24.97
CA GLY B 11 -0.38 -12.41 24.34
C GLY B 11 -0.60 -12.44 22.84
N HIS B 12 -0.16 -13.48 22.17
CA HIS B 12 -0.37 -13.59 20.74
C HIS B 12 -1.83 -13.91 20.47
N GLU B 13 -2.46 -13.17 19.59
CA GLU B 13 -3.86 -13.37 19.25
C GLU B 13 -3.99 -14.12 17.94
N PHE B 14 -4.57 -15.31 17.98
CA PHE B 14 -4.75 -16.12 16.77
C PHE B 14 -6.19 -16.11 16.34
N ILE B 15 -6.47 -15.61 15.12
CA ILE B 15 -7.82 -15.55 14.63
C ILE B 15 -8.06 -16.67 13.64
N VAL B 16 -8.87 -17.67 14.03
CA VAL B 16 -9.17 -18.82 13.17
C VAL B 16 -10.66 -18.91 12.87
N LYS B 17 -11.05 -19.54 11.74
CA LYS B 17 -12.47 -19.71 11.41
C LYS B 17 -13.17 -20.50 12.54
N ARG B 18 -14.43 -20.16 12.81
CA ARG B 18 -15.20 -20.75 13.90
C ARG B 18 -15.28 -22.26 13.76
N GLU B 19 -15.61 -22.73 12.53
CA GLU B 19 -15.71 -24.14 12.18
C GLU B 19 -14.42 -24.89 12.55
N HIS B 20 -13.27 -24.29 12.28
CA HIS B 20 -11.98 -24.90 12.58
C HIS B 20 -11.72 -25.01 14.07
N ALA B 21 -12.02 -23.94 14.84
CA ALA B 21 -11.78 -23.98 16.27
C ALA B 21 -12.67 -25.03 16.95
N LEU B 22 -13.86 -25.31 16.36
CA LEU B 22 -14.80 -26.31 16.85
C LEU B 22 -14.30 -27.75 16.68
N THR B 23 -13.05 -27.92 16.21
CA THR B 23 -12.39 -29.22 16.13
C THR B 23 -12.10 -29.66 17.57
N SER B 24 -11.60 -28.75 18.41
CA SER B 24 -11.29 -29.06 19.77
C SER B 24 -12.60 -29.12 20.50
N GLY B 25 -12.93 -30.30 21.04
CA GLY B 25 -14.15 -30.47 21.81
C GLY B 25 -14.21 -29.54 23.00
N THR B 26 -13.03 -29.17 23.55
CA THR B 26 -12.95 -28.26 24.68
C THR B 26 -13.51 -26.90 24.30
N ILE B 27 -13.03 -26.36 23.15
CA ILE B 27 -13.47 -25.09 22.60
C ILE B 27 -14.95 -25.14 22.21
N LYS B 28 -15.39 -26.25 21.61
CA LYS B 28 -16.79 -26.42 21.22
C LYS B 28 -17.72 -26.33 22.43
N ALA B 29 -17.28 -26.84 23.60
CA ALA B 29 -18.12 -26.79 24.80
C ALA B 29 -18.34 -25.36 25.25
N MET B 30 -17.30 -24.51 25.19
CA MET B 30 -17.46 -23.11 25.60
C MET B 30 -18.13 -22.22 24.55
N LEU B 31 -18.01 -22.57 23.25
CA LEU B 31 -18.62 -21.74 22.20
C LEU B 31 -19.95 -22.32 21.64
N SER B 32 -19.94 -23.53 21.02
CA SER B 32 -21.15 -24.16 20.50
C SER B 32 -21.88 -24.97 21.56
N GLU B 41 -21.97 -15.45 20.00
CA GLU B 41 -21.90 -14.26 20.87
C GLU B 41 -20.52 -14.18 21.54
N THR B 42 -20.03 -15.34 22.02
CA THR B 42 -18.72 -15.48 22.66
C THR B 42 -17.75 -15.95 21.58
N ASN B 43 -16.63 -15.24 21.40
CA ASN B 43 -15.67 -15.59 20.36
C ASN B 43 -14.22 -15.23 20.73
N GLU B 44 -13.90 -15.26 22.02
CA GLU B 44 -12.56 -14.94 22.47
C GLU B 44 -12.17 -15.82 23.64
N VAL B 45 -11.07 -16.57 23.51
CA VAL B 45 -10.65 -17.53 24.53
C VAL B 45 -9.21 -17.30 24.92
N ASN B 46 -8.95 -17.14 26.23
CA ASN B 46 -7.60 -16.95 26.71
C ASN B 46 -6.99 -18.27 27.21
N PHE B 47 -5.76 -18.56 26.77
CA PHE B 47 -5.06 -19.76 27.19
C PHE B 47 -3.83 -19.33 27.95
N ARG B 48 -3.96 -19.06 29.25
CA ARG B 48 -2.87 -18.59 30.12
C ARG B 48 -1.75 -19.62 30.32
N GLU B 49 -1.92 -20.86 29.86
CA GLU B 49 -0.92 -21.91 30.01
C GLU B 49 -0.29 -22.35 28.70
N ILE B 50 -0.83 -21.91 27.54
CA ILE B 50 -0.35 -22.32 26.23
C ILE B 50 0.40 -21.21 25.54
N PRO B 51 1.74 -21.34 25.43
CA PRO B 51 2.52 -20.29 24.75
C PRO B 51 2.28 -20.28 23.24
N SER B 52 2.66 -19.16 22.58
CA SER B 52 2.43 -18.98 21.15
C SER B 52 3.10 -19.99 20.26
N HIS B 53 4.32 -20.44 20.62
CA HIS B 53 4.99 -21.48 19.81
C HIS B 53 4.23 -22.81 19.81
N VAL B 54 3.29 -23.01 20.76
CA VAL B 54 2.43 -24.17 20.85
C VAL B 54 1.05 -23.86 20.24
N LEU B 55 0.41 -22.76 20.69
CA LEU B 55 -0.92 -22.37 20.19
C LEU B 55 -0.96 -22.16 18.68
N SER B 56 0.15 -21.62 18.09
CA SER B 56 0.20 -21.45 16.64
C SER B 56 0.13 -22.81 15.95
N LYS B 57 0.80 -23.82 16.51
CA LYS B 57 0.81 -25.18 15.98
C LYS B 57 -0.52 -25.89 16.13
N VAL B 58 -1.27 -25.60 17.21
CA VAL B 58 -2.62 -26.12 17.41
C VAL B 58 -3.53 -25.60 16.28
N CYS B 59 -3.41 -24.30 15.96
CA CYS B 59 -4.17 -23.69 14.89
C CYS B 59 -3.82 -24.34 13.55
N MET B 60 -2.54 -24.71 13.35
CA MET B 60 -2.16 -25.39 12.11
C MET B 60 -2.82 -26.78 12.07
N TYR B 61 -2.91 -27.46 13.23
CA TYR B 61 -3.57 -28.75 13.30
C TYR B 61 -5.06 -28.63 12.88
N PHE B 62 -5.79 -27.60 13.37
CA PHE B 62 -7.19 -27.39 13.02
C PHE B 62 -7.38 -27.32 11.50
N THR B 63 -6.54 -26.53 10.82
CA THR B 63 -6.60 -26.36 9.38
C THR B 63 -6.33 -27.70 8.69
N TYR B 64 -5.30 -28.41 9.15
CA TYR B 64 -4.90 -29.72 8.66
C TYR B 64 -6.04 -30.73 8.80
N LYS B 65 -6.68 -30.76 9.96
CA LYS B 65 -7.78 -31.67 10.27
C LYS B 65 -9.00 -31.39 9.41
N VAL B 66 -9.39 -30.11 9.28
CA VAL B 66 -10.54 -29.76 8.46
C VAL B 66 -10.28 -30.10 6.98
N ARG B 67 -9.07 -29.81 6.51
CA ARG B 67 -8.70 -30.10 5.14
C ARG B 67 -8.65 -31.60 4.81
N TYR B 68 -7.99 -32.40 5.63
CA TYR B 68 -7.75 -33.80 5.31
C TYR B 68 -8.72 -34.80 5.89
N THR B 69 -9.70 -34.41 6.72
CA THR B 69 -10.65 -35.38 7.27
C THR B 69 -11.59 -35.91 6.21
N ASN B 70 -11.64 -37.24 6.05
CA ASN B 70 -12.47 -37.93 5.06
C ASN B 70 -12.02 -37.70 3.61
N SER B 71 -10.72 -37.38 3.43
CA SER B 71 -10.17 -37.14 2.09
C SER B 71 -9.71 -38.44 1.44
N SER B 72 -9.98 -38.56 0.14
CA SER B 72 -9.56 -39.73 -0.65
C SER B 72 -8.06 -39.62 -0.96
N THR B 73 -7.60 -38.39 -1.28
CA THR B 73 -6.21 -38.05 -1.60
C THR B 73 -5.19 -38.50 -0.51
N GLU B 74 -3.90 -38.51 -0.87
CA GLU B 74 -2.83 -38.85 0.04
C GLU B 74 -2.74 -37.80 1.13
N ILE B 75 -2.67 -38.23 2.38
CA ILE B 75 -2.60 -37.32 3.51
C ILE B 75 -1.15 -37.16 3.92
N PRO B 76 -0.65 -35.92 4.01
CA PRO B 76 0.73 -35.72 4.47
C PRO B 76 0.84 -35.88 5.98
N GLU B 77 2.05 -36.15 6.47
CA GLU B 77 2.34 -36.27 7.88
C GLU B 77 2.18 -34.90 8.55
N PHE B 78 1.63 -34.87 9.76
CA PHE B 78 1.57 -33.60 10.48
C PHE B 78 2.90 -33.44 11.18
N PRO B 79 3.69 -32.41 10.83
CA PRO B 79 5.02 -32.27 11.44
C PRO B 79 5.06 -31.64 12.83
N ILE B 80 5.88 -32.19 13.73
CA ILE B 80 6.04 -31.65 15.07
C ILE B 80 7.54 -31.57 15.42
N ALA B 81 8.04 -30.36 15.68
CA ALA B 81 9.45 -30.20 16.06
C ALA B 81 9.69 -30.85 17.42
N PRO B 82 10.81 -31.55 17.59
CA PRO B 82 11.08 -32.18 18.89
C PRO B 82 10.94 -31.24 20.09
N GLU B 83 11.38 -29.99 19.91
CA GLU B 83 11.38 -28.95 20.95
C GLU B 83 10.00 -28.56 21.45
N ILE B 84 8.96 -28.76 20.64
CA ILE B 84 7.61 -28.37 21.06
C ILE B 84 6.72 -29.56 21.42
N ALA B 85 7.13 -30.79 21.07
CA ALA B 85 6.34 -31.99 21.28
C ALA B 85 5.73 -32.13 22.67
N LEU B 86 6.52 -31.95 23.74
CA LEU B 86 6.00 -32.10 25.10
C LEU B 86 4.91 -31.11 25.44
N GLU B 87 5.12 -29.84 25.12
CA GLU B 87 4.14 -28.80 25.40
C GLU B 87 2.89 -28.97 24.53
N LEU B 88 3.09 -29.37 23.27
CA LEU B 88 1.97 -29.59 22.35
C LEU B 88 1.12 -30.75 22.83
N LEU B 89 1.74 -31.83 23.36
CA LEU B 89 1.02 -32.99 23.90
C LEU B 89 0.06 -32.53 25.03
N MET B 90 0.56 -31.67 25.93
CA MET B 90 -0.22 -31.17 27.06
C MET B 90 -1.37 -30.27 26.61
N ALA B 91 -1.13 -29.46 25.58
CA ALA B 91 -2.18 -28.60 25.04
C ALA B 91 -3.24 -29.46 24.34
N ALA B 92 -2.82 -30.44 23.53
CA ALA B 92 -3.74 -31.32 22.82
C ALA B 92 -4.59 -32.15 23.76
N ASN B 93 -4.03 -32.54 24.91
CA ASN B 93 -4.75 -33.32 25.90
C ASN B 93 -5.85 -32.43 26.54
N PHE B 94 -5.55 -31.14 26.79
CA PHE B 94 -6.54 -30.23 27.35
C PHE B 94 -7.62 -29.92 26.30
N LEU B 95 -7.19 -29.67 25.07
CA LEU B 95 -8.09 -29.28 24.00
C LEU B 95 -8.98 -30.40 23.48
N ASP B 96 -8.64 -31.67 23.76
CA ASP B 96 -9.38 -32.85 23.30
C ASP B 96 -9.47 -32.83 21.76
N CYS B 97 -8.32 -32.79 21.10
CA CYS B 97 -8.27 -32.77 19.65
C CYS B 97 -7.11 -33.60 19.13
N VAL C 11 -13.94 -64.24 16.27
CA VAL C 11 -14.82 -63.42 15.43
C VAL C 11 -14.07 -62.79 14.22
N LEU C 12 -13.03 -61.95 14.47
CA LEU C 12 -12.30 -61.35 13.35
C LEU C 12 -11.27 -62.33 12.81
N ARG C 13 -11.60 -63.00 11.71
CA ARG C 13 -10.71 -63.99 11.11
C ARG C 13 -10.97 -64.15 9.63
N SER C 14 -9.95 -64.66 8.91
CA SER C 14 -10.10 -64.92 7.49
C SER C 14 -10.99 -66.15 7.35
N VAL C 15 -11.82 -66.15 6.32
CA VAL C 15 -12.67 -67.30 6.02
C VAL C 15 -11.87 -68.17 5.02
N ASN C 16 -11.80 -69.49 5.22
CA ASN C 16 -11.03 -70.39 4.35
C ASN C 16 -11.76 -70.71 3.04
N SER C 17 -11.86 -69.71 2.14
CA SER C 17 -12.58 -69.87 0.87
C SER C 17 -11.82 -70.66 -0.15
N ARG C 18 -10.49 -70.47 -0.19
CA ARG C 18 -9.60 -71.11 -1.17
C ARG C 18 -9.83 -70.56 -2.61
N GLU C 19 -10.45 -69.35 -2.72
CA GLU C 19 -10.70 -68.70 -4.00
C GLU C 19 -9.71 -67.57 -4.13
N PRO C 20 -8.73 -67.72 -5.03
CA PRO C 20 -7.70 -66.66 -5.17
C PRO C 20 -8.27 -65.31 -5.50
N SER C 21 -7.61 -64.27 -5.02
CA SER C 21 -7.95 -62.88 -5.27
C SER C 21 -6.65 -62.10 -5.31
N GLN C 22 -6.39 -61.41 -6.40
CA GLN C 22 -5.18 -60.62 -6.54
C GLN C 22 -5.42 -59.21 -6.06
N VAL C 23 -4.50 -58.69 -5.26
CA VAL C 23 -4.62 -57.37 -4.68
C VAL C 23 -3.39 -56.53 -4.96
N ILE C 24 -3.54 -55.20 -5.07
CA ILE C 24 -2.41 -54.30 -5.16
C ILE C 24 -2.33 -53.60 -3.78
N PHE C 25 -1.28 -53.90 -2.99
CA PHE C 25 -1.07 -53.19 -1.75
C PHE C 25 -0.37 -51.92 -2.21
N CAS C 26 -1.01 -50.75 -2.09
CA CAS C 26 -0.41 -49.49 -2.53
CB CAS C 26 -1.33 -48.96 -3.59
C CAS C 26 -0.19 -48.54 -1.32
O CAS C 26 -1.15 -47.99 -0.77
SG CAS C 26 -0.88 -47.26 -4.07
AS CAS C 26 0.92 -47.69 -5.38
CE1 CAS C 26 2.16 -46.38 -4.59
CE2 CAS C 26 0.52 -47.04 -7.23
N ASN C 27 1.08 -48.37 -0.91
CA ASN C 27 1.45 -47.52 0.22
C ASN C 27 1.45 -46.04 -0.16
N ARG C 28 0.32 -45.36 0.04
CA ARG C 28 0.21 -43.92 -0.20
C ARG C 28 0.39 -43.17 1.13
N SER C 29 1.41 -43.56 1.87
CA SER C 29 1.75 -42.98 3.17
C SER C 29 3.27 -42.79 3.24
N PRO C 30 3.77 -41.94 4.15
CA PRO C 30 5.23 -41.79 4.28
C PRO C 30 5.82 -42.80 5.27
N ARG C 31 5.05 -43.82 5.71
CA ARG C 31 5.57 -44.79 6.67
C ARG C 31 5.97 -46.08 5.98
N VAL C 32 6.82 -46.88 6.64
CA VAL C 32 7.12 -48.22 6.15
C VAL C 32 5.94 -49.04 6.61
N VAL C 33 5.23 -49.68 5.68
CA VAL C 33 4.01 -50.40 6.00
C VAL C 33 4.26 -51.87 6.31
N LEU C 34 3.62 -52.35 7.38
CA LEU C 34 3.62 -53.76 7.78
C LEU C 34 2.21 -54.27 7.52
N PRO C 35 2.01 -55.07 6.45
CA PRO C 35 0.69 -55.68 6.21
C PRO C 35 0.52 -56.85 7.21
N VAL C 36 -0.67 -56.97 7.80
CA VAL C 36 -0.91 -58.02 8.81
C VAL C 36 -2.14 -58.81 8.38
N TRP C 37 -2.00 -60.10 8.15
CA TRP C 37 -3.09 -60.96 7.74
C TRP C 37 -3.68 -61.63 8.97
N LEU C 38 -5.02 -61.64 9.14
CA LEU C 38 -5.62 -62.33 10.30
C LEU C 38 -5.84 -63.75 9.88
N ASN C 39 -5.08 -64.71 10.45
CA ASN C 39 -5.15 -66.11 10.04
C ASN C 39 -6.50 -66.78 10.40
N PHE C 40 -6.68 -68.07 10.08
CA PHE C 40 -7.98 -68.73 10.27
C PHE C 40 -8.44 -68.78 11.71
N ASP C 41 -7.53 -68.63 12.67
CA ASP C 41 -7.84 -68.56 14.10
C ASP C 41 -8.00 -67.13 14.62
N GLY C 42 -7.79 -66.13 13.75
CA GLY C 42 -7.86 -64.72 14.11
C GLY C 42 -6.55 -64.14 14.61
N GLU C 43 -5.45 -64.93 14.52
CA GLU C 43 -4.13 -64.52 14.93
C GLU C 43 -3.47 -63.65 13.84
N PRO C 44 -3.05 -62.44 14.21
CA PRO C 44 -2.37 -61.58 13.23
C PRO C 44 -1.04 -62.18 12.79
N GLN C 45 -0.83 -62.27 11.50
CA GLN C 45 0.38 -62.80 10.89
C GLN C 45 1.04 -61.67 10.05
N PRO C 46 2.24 -61.23 10.43
CA PRO C 46 2.91 -60.18 9.68
C PRO C 46 3.43 -60.67 8.34
N TYR C 47 3.43 -59.77 7.33
CA TYR C 47 3.91 -60.05 5.97
C TYR C 47 5.05 -59.09 5.59
N PRO C 48 5.80 -59.33 4.48
CA PRO C 48 6.90 -58.42 4.13
C PRO C 48 6.49 -56.94 4.07
N THR C 49 7.35 -56.08 4.58
CA THR C 49 7.07 -54.64 4.62
C THR C 49 7.14 -53.96 3.27
N LEU C 50 6.50 -52.79 3.16
CA LEU C 50 6.49 -51.95 1.96
C LEU C 50 7.09 -50.59 2.29
N PRO C 51 8.14 -50.19 1.60
CA PRO C 51 8.70 -48.85 1.82
C PRO C 51 7.68 -47.77 1.43
N PRO C 52 7.79 -46.54 1.99
CA PRO C 52 6.82 -45.47 1.61
C PRO C 52 6.69 -45.23 0.13
N GLY C 53 5.50 -44.89 -0.31
CA GLY C 53 5.22 -44.61 -1.72
C GLY C 53 5.37 -45.75 -2.69
N THR C 54 5.44 -47.02 -2.22
CA THR C 54 5.61 -48.16 -3.13
C THR C 54 4.36 -49.06 -3.20
N GLY C 55 4.26 -49.85 -4.25
CA GLY C 55 3.17 -50.78 -4.41
C GLY C 55 3.66 -52.18 -4.70
N ARG C 56 2.86 -53.19 -4.32
CA ARG C 56 3.20 -54.59 -4.53
C ARG C 56 1.97 -55.32 -5.02
N ARG C 57 2.13 -56.16 -6.04
CA ARG C 57 1.02 -56.98 -6.52
C ARG C 57 1.11 -58.30 -5.77
N ILE C 58 0.08 -58.62 -4.98
CA ILE C 58 0.11 -59.78 -4.11
C ILE C 58 -1.04 -60.75 -4.34
N HIS C 59 -0.83 -62.00 -3.94
CA HIS C 59 -1.85 -63.03 -4.10
C HIS C 59 -2.49 -63.38 -2.75
N SER C 60 -3.75 -63.02 -2.61
CA SER C 60 -4.50 -63.32 -1.41
C SER C 60 -5.74 -64.16 -1.82
N TYR C 61 -6.77 -64.23 -0.97
CA TYR C 61 -7.95 -65.03 -1.24
C TYR C 61 -9.20 -64.27 -0.82
N ARG C 62 -10.33 -64.59 -1.41
CA ARG C 62 -11.58 -63.95 -1.08
C ARG C 62 -11.96 -64.23 0.35
N GLY C 63 -12.44 -63.22 1.06
CA GLY C 63 -12.88 -63.41 2.44
C GLY C 63 -11.77 -63.38 3.47
N HIS C 64 -10.51 -63.09 3.05
CA HIS C 64 -9.42 -62.99 4.01
C HIS C 64 -9.36 -61.59 4.57
N LEU C 65 -8.90 -61.44 5.79
CA LEU C 65 -8.85 -60.13 6.44
C LEU C 65 -7.44 -59.61 6.59
N TRP C 66 -7.25 -58.33 6.29
CA TRP C 66 -5.96 -57.67 6.41
C TRP C 66 -6.06 -56.33 7.12
N LEU C 67 -5.02 -56.00 7.88
CA LEU C 67 -4.89 -54.67 8.47
C LEU C 67 -3.46 -54.18 8.21
N PHE C 68 -3.21 -52.87 8.34
CA PHE C 68 -1.91 -52.31 7.97
C PHE C 68 -1.43 -51.38 9.06
N ARG C 69 -0.13 -51.54 9.39
CA ARG C 69 0.51 -50.79 10.48
C ARG C 69 1.83 -50.15 10.07
N ASP C 70 2.33 -49.18 10.85
CA ASP C 70 3.68 -48.67 10.63
C ASP C 70 4.60 -49.82 11.14
N ALA C 71 5.50 -50.33 10.30
CA ALA C 71 6.31 -51.48 10.66
C ALA C 71 7.24 -51.25 11.86
N GLY C 72 7.61 -50.01 12.12
CA GLY C 72 8.52 -49.73 13.21
C GLY C 72 7.85 -49.37 14.52
N THR C 73 6.71 -48.70 14.47
CA THR C 73 6.04 -48.23 15.68
C THR C 73 4.69 -48.90 15.98
N HIS C 74 4.11 -49.59 14.99
CA HIS C 74 2.81 -50.26 15.03
C HIS C 74 1.63 -49.29 15.03
N ASP C 75 1.85 -48.02 14.66
CA ASP C 75 0.79 -47.01 14.53
C ASP C 75 -0.26 -47.50 13.52
N GLY C 76 -1.53 -47.20 13.79
CA GLY C 76 -2.61 -47.63 12.91
C GLY C 76 -2.65 -46.88 11.59
N LEU C 77 -2.86 -47.61 10.52
CA LEU C 77 -3.00 -47.01 9.20
C LEU C 77 -4.37 -47.35 8.61
N LEU C 78 -4.82 -46.60 7.61
CA LEU C 78 -6.10 -46.90 6.98
C LEU C 78 -5.90 -47.59 5.65
N VAL C 79 -6.85 -48.44 5.26
CA VAL C 79 -6.80 -49.11 3.97
C VAL C 79 -8.16 -48.89 3.31
N ASN C 80 -8.20 -48.16 2.16
CA ASN C 80 -9.44 -47.80 1.49
C ASN C 80 -10.36 -47.03 2.48
N GLN C 81 -9.76 -46.15 3.27
CA GLN C 81 -10.35 -45.24 4.26
C GLN C 81 -10.98 -45.93 5.47
N THR C 82 -10.65 -47.21 5.70
CA THR C 82 -11.21 -47.93 6.84
C THR C 82 -10.13 -48.81 7.52
N GLU C 83 -10.49 -49.52 8.60
CA GLU C 83 -9.53 -50.31 9.35
C GLU C 83 -9.13 -51.63 8.72
N LEU C 84 -10.08 -52.38 8.17
CA LEU C 84 -9.80 -53.71 7.63
C LEU C 84 -10.06 -53.81 6.14
N PHE C 85 -9.32 -54.67 5.48
CA PHE C 85 -9.48 -54.88 4.04
C PHE C 85 -9.73 -56.32 3.77
N VAL C 86 -10.77 -56.60 3.01
CA VAL C 86 -11.14 -57.96 2.65
C VAL C 86 -11.09 -58.12 1.15
N PRO C 87 -10.18 -58.96 0.61
CA PRO C 87 -10.15 -59.18 -0.84
C PRO C 87 -11.46 -59.74 -1.34
N SER C 88 -11.89 -59.25 -2.50
CA SER C 88 -13.15 -59.65 -3.11
C SER C 88 -12.94 -60.39 -4.47
N LEU C 89 -13.99 -60.51 -5.31
CA LEU C 89 -13.91 -61.19 -6.60
C LEU C 89 -13.36 -60.27 -7.68
N ASN C 90 -12.31 -60.72 -8.40
CA ASN C 90 -11.67 -59.94 -9.46
C ASN C 90 -12.54 -59.91 -10.74
N VAL C 91 -13.26 -58.81 -10.96
CA VAL C 91 -14.07 -58.64 -12.17
C VAL C 91 -13.14 -58.33 -13.36
N ASP C 92 -13.24 -59.17 -14.40
CA ASP C 92 -12.42 -59.09 -15.63
C ASP C 92 -10.92 -59.20 -15.34
N GLY C 93 -10.56 -59.97 -14.31
CA GLY C 93 -9.18 -60.17 -13.91
C GLY C 93 -8.49 -58.95 -13.30
N GLN C 94 -9.23 -57.84 -13.08
CA GLN C 94 -8.68 -56.62 -12.48
C GLN C 94 -8.32 -56.91 -11.06
N PRO C 95 -7.09 -56.59 -10.62
CA PRO C 95 -6.76 -56.79 -9.20
C PRO C 95 -7.45 -55.74 -8.33
N ILE C 96 -7.72 -56.09 -7.07
CA ILE C 96 -8.39 -55.16 -6.16
C ILE C 96 -7.38 -54.17 -5.62
N PHE C 97 -7.75 -52.90 -5.52
CA PHE C 97 -6.83 -51.91 -4.98
C PHE C 97 -6.99 -51.73 -3.50
N ALA C 98 -5.90 -51.92 -2.75
CA ALA C 98 -5.89 -51.64 -1.31
C ALA C 98 -5.00 -50.41 -1.10
N ASN C 99 -5.61 -49.24 -1.00
CA ASN C 99 -4.90 -47.99 -0.81
C ASN C 99 -4.65 -47.70 0.63
N ILE C 100 -3.39 -47.87 1.04
CA ILE C 100 -2.96 -47.66 2.42
C ILE C 100 -2.60 -46.19 2.58
N THR C 101 -3.20 -45.52 3.56
CA THR C 101 -2.94 -44.10 3.80
C THR C 101 -2.80 -43.84 5.30
N LEU C 102 -2.21 -42.70 5.65
CA LEU C 102 -2.16 -42.28 7.04
C LEU C 102 -3.57 -41.84 7.39
N PRO C 103 -4.06 -42.17 8.59
CA PRO C 103 -5.31 -41.54 9.04
C PRO C 103 -4.98 -40.10 9.50
N VAL C 104 -5.99 -39.28 9.72
CA VAL C 104 -5.79 -37.96 10.30
C VAL C 104 -5.72 -38.27 11.78
N TYR C 105 -4.51 -38.50 12.34
CA TYR C 105 -4.42 -38.79 13.77
C TYR C 105 -4.86 -37.60 14.58
N THR C 106 -5.35 -37.83 15.83
CA THR C 106 -5.65 -36.70 16.71
C THR C 106 -4.29 -36.02 17.02
N LEU C 107 -4.30 -34.74 17.38
CA LEU C 107 -3.06 -34.04 17.71
C LEU C 107 -2.39 -34.69 18.92
N LYS C 108 -3.20 -35.17 19.90
CA LYS C 108 -2.67 -35.88 21.07
C LYS C 108 -1.89 -37.14 20.64
N GLU C 109 -2.50 -37.97 19.78
CA GLU C 109 -1.85 -39.20 19.35
C GLU C 109 -0.60 -38.91 18.53
N ARG C 110 -0.67 -37.89 17.68
CA ARG C 110 0.49 -37.50 16.88
C ARG C 110 1.65 -37.03 17.81
N CYS C 111 1.33 -36.25 18.83
CA CYS C 111 2.30 -35.82 19.84
C CYS C 111 2.92 -37.04 20.55
N LEU C 112 2.07 -38.04 20.94
CA LEU C 112 2.58 -39.24 21.59
C LEU C 112 3.56 -39.99 20.66
N GLN C 113 3.23 -40.07 19.36
CA GLN C 113 4.06 -40.73 18.36
C GLN C 113 5.46 -40.08 18.28
N VAL C 114 5.51 -38.72 18.27
CA VAL C 114 6.76 -37.97 18.20
C VAL C 114 7.59 -38.11 19.48
N VAL C 115 6.93 -38.05 20.66
CA VAL C 115 7.64 -38.21 21.92
C VAL C 115 8.24 -39.62 22.02
N ARG C 116 7.43 -40.67 21.74
CA ARG C 116 7.92 -42.04 21.78
C ARG C 116 9.13 -42.24 20.83
N SER C 117 9.14 -41.52 19.70
CA SER C 117 10.23 -41.64 18.74
C SER C 117 11.53 -40.98 19.23
N LEU C 118 11.44 -40.06 20.19
CA LEU C 118 12.61 -39.36 20.70
C LEU C 118 13.09 -39.88 22.06
N VAL C 119 12.19 -40.48 22.84
CA VAL C 119 12.54 -40.92 24.19
C VAL C 119 12.51 -42.43 24.32
N LYS C 120 13.57 -43.04 24.90
CA LYS C 120 13.59 -44.48 25.13
C LYS C 120 12.55 -44.81 26.21
N PRO C 121 11.83 -45.93 26.10
CA PRO C 121 10.81 -46.26 27.10
C PRO C 121 11.25 -46.21 28.56
N GLU C 122 12.55 -46.47 28.81
CA GLU C 122 13.16 -46.42 30.14
C GLU C 122 13.04 -45.01 30.75
N ASN C 123 13.12 -43.97 29.90
CA ASN C 123 13.10 -42.58 30.31
C ASN C 123 11.77 -41.86 30.20
N TYR C 124 10.64 -42.57 30.01
CA TYR C 124 9.33 -41.89 29.92
C TYR C 124 9.03 -41.20 31.26
N ARG C 125 9.26 -41.93 32.38
CA ARG C 125 9.04 -41.42 33.73
C ARG C 125 9.93 -40.22 34.08
N ARG C 126 10.97 -39.94 33.28
CA ARG C 126 11.84 -38.78 33.50
C ARG C 126 11.32 -37.50 32.87
N LEU C 127 10.18 -37.55 32.13
CA LEU C 127 9.63 -36.36 31.48
C LEU C 127 8.84 -35.47 32.46
N ASP C 128 8.88 -34.16 32.26
CA ASP C 128 8.16 -33.22 33.12
C ASP C 128 6.70 -33.09 32.65
N ILE C 129 5.93 -34.18 32.79
CA ILE C 129 4.54 -34.23 32.38
C ILE C 129 3.70 -34.91 33.47
N VAL C 130 2.38 -34.71 33.43
CA VAL C 130 1.46 -35.31 34.40
C VAL C 130 1.43 -36.83 34.26
N ARG C 131 1.13 -37.51 35.38
CA ARG C 131 1.08 -38.96 35.46
C ARG C 131 0.24 -39.64 34.39
N SER C 132 -0.89 -39.05 34.03
CA SER C 132 -1.76 -39.64 33.02
C SER C 132 -1.08 -39.72 31.64
N LEU C 133 -0.24 -38.73 31.32
CA LEU C 133 0.48 -38.73 30.05
C LEU C 133 1.61 -39.77 30.02
N TYR C 134 2.13 -40.20 31.20
CA TYR C 134 3.12 -41.28 31.25
C TYR C 134 2.43 -42.56 30.80
N GLU C 135 1.22 -42.82 31.32
CA GLU C 135 0.45 -44.00 30.97
C GLU C 135 0.07 -43.98 29.49
N ASP C 136 -0.31 -42.79 28.95
CA ASP C 136 -0.67 -42.65 27.56
C ASP C 136 0.51 -43.00 26.66
N LEU C 137 1.73 -42.56 27.06
CA LEU C 137 2.98 -42.82 26.34
C LEU C 137 3.32 -44.30 26.34
N GLU C 138 3.21 -44.94 27.52
CA GLU C 138 3.50 -46.36 27.70
C GLU C 138 2.54 -47.25 26.96
N ASP C 139 1.32 -46.77 26.67
CA ASP C 139 0.30 -47.56 25.97
C ASP C 139 0.57 -47.56 24.45
N HIS C 140 1.67 -48.23 24.06
CA HIS C 140 2.13 -48.31 22.68
C HIS C 140 1.10 -48.90 21.77
N PRO C 141 1.02 -48.43 20.50
CA PRO C 141 0.04 -49.03 19.57
C PRO C 141 0.28 -50.53 19.43
N ASN C 142 -0.81 -51.29 19.51
CA ASN C 142 -0.74 -52.73 19.60
C ASN C 142 -1.84 -53.34 18.74
N VAL C 143 -1.48 -54.24 17.83
CA VAL C 143 -2.44 -54.92 16.97
C VAL C 143 -3.42 -55.76 17.79
N GLN C 144 -2.94 -56.55 18.77
CA GLN C 144 -3.83 -57.37 19.59
C GLN C 144 -4.85 -56.50 20.36
N LYS C 145 -4.39 -55.39 20.95
CA LYS C 145 -5.27 -54.48 21.67
C LYS C 145 -6.33 -53.88 20.73
N ASP C 146 -5.93 -53.57 19.49
CA ASP C 146 -6.84 -53.03 18.48
C ASP C 146 -7.87 -54.07 18.04
N LEU C 147 -7.44 -55.35 17.90
CA LEU C 147 -8.37 -56.41 17.56
C LEU C 147 -9.39 -56.60 18.69
N GLU C 148 -8.97 -56.42 19.96
CA GLU C 148 -9.90 -56.52 21.08
C GLU C 148 -10.92 -55.40 20.99
N ARG C 149 -10.47 -54.18 20.69
CA ARG C 149 -11.33 -53.01 20.56
C ARG C 149 -12.32 -53.22 19.41
N LEU C 150 -11.84 -53.70 18.25
CA LEU C 150 -12.66 -53.95 17.08
C LEU C 150 -13.73 -55.00 17.32
N THR C 151 -13.40 -56.12 18.00
CA THR C 151 -14.43 -57.14 18.26
C THR C 151 -15.47 -56.58 19.22
N GLN C 152 -15.04 -55.81 20.24
CA GLN C 152 -15.96 -55.18 21.20
C GLN C 152 -16.95 -54.24 20.50
N GLU C 153 -16.47 -53.47 19.49
CA GLU C 153 -17.29 -52.54 18.74
C GLU C 153 -18.32 -53.26 17.88
N ARG C 154 -17.94 -54.39 17.25
CA ARG C 154 -18.89 -55.19 16.47
C ARG C 154 -19.98 -55.86 17.35
N ILE C 155 -19.70 -56.01 18.66
CA ILE C 155 -20.61 -56.59 19.66
C ILE C 155 -21.71 -55.57 20.00
N ALA C 156 -21.35 -54.28 20.12
CA ALA C 156 -22.31 -53.19 20.39
C ALA C 156 -23.43 -53.13 19.33
N HIS C 157 -23.13 -53.62 18.10
CA HIS C 157 -24.03 -53.75 16.96
C HIS C 157 -24.81 -55.10 17.12
N GLN C 158 -25.64 -55.21 18.19
CA GLN C 158 -26.45 -56.38 18.54
C GLN C 158 -25.85 -57.74 18.14
N MET D 1 -4.44 9.12 16.78
CA MET D 1 -4.06 10.30 17.55
C MET D 1 -2.83 10.02 18.40
N ASP D 2 -1.98 11.03 18.61
CA ASP D 2 -0.79 10.87 19.42
C ASP D 2 -1.10 11.18 20.89
N VAL D 3 -0.46 10.47 21.80
CA VAL D 3 -0.59 10.70 23.22
C VAL D 3 0.81 10.95 23.78
N PHE D 4 0.94 11.83 24.76
CA PHE D 4 2.25 12.21 25.29
C PHE D 4 2.39 11.73 26.71
N LEU D 5 3.44 10.95 26.98
CA LEU D 5 3.57 10.28 28.25
C LEU D 5 4.88 10.53 29.01
N MET D 6 4.88 10.15 30.31
CA MET D 6 6.00 10.12 31.23
C MET D 6 5.94 8.73 31.82
N ILE D 7 6.85 7.83 31.42
CA ILE D 7 6.92 6.48 31.97
C ILE D 7 7.87 6.58 33.15
N ARG D 8 7.36 6.38 34.38
CA ARG D 8 8.13 6.64 35.59
C ARG D 8 8.36 5.44 36.49
N ARG D 9 9.58 5.34 36.99
CA ARG D 9 10.00 4.28 37.89
C ARG D 9 11.11 4.85 38.74
N HIS D 10 10.98 4.81 40.08
CA HIS D 10 11.96 5.29 41.06
C HIS D 10 12.39 6.76 40.69
N LYS D 11 13.66 7.00 40.33
CA LYS D 11 14.07 8.34 39.91
C LYS D 11 14.26 8.45 38.38
N THR D 12 13.65 7.57 37.60
CA THR D 12 13.73 7.57 36.15
C THR D 12 12.41 8.04 35.54
N THR D 13 12.46 8.96 34.58
CA THR D 13 11.28 9.43 33.87
C THR D 13 11.56 9.43 32.38
N ILE D 14 10.77 8.68 31.60
CA ILE D 14 10.94 8.65 30.16
C ILE D 14 9.86 9.50 29.51
N PHE D 15 10.26 10.51 28.72
CA PHE D 15 9.31 11.33 28.00
C PHE D 15 9.19 10.70 26.62
N THR D 16 8.00 10.18 26.25
CA THR D 16 7.81 9.59 24.92
C THR D 16 6.36 9.79 24.46
N ASP D 17 6.13 9.58 23.16
CA ASP D 17 4.81 9.66 22.61
C ASP D 17 4.46 8.30 21.99
N ALA D 18 3.19 8.06 21.74
CA ALA D 18 2.69 6.81 21.14
C ALA D 18 1.28 7.09 20.57
N LYS D 19 0.70 6.14 19.83
CA LYS D 19 -0.65 6.31 19.31
C LYS D 19 -1.67 5.85 20.34
N GLU D 20 -2.86 6.45 20.35
CA GLU D 20 -3.98 6.00 21.20
C GLU D 20 -4.31 4.52 20.87
N SER D 21 -4.19 4.12 19.60
CA SER D 21 -4.45 2.77 19.13
C SER D 21 -3.34 1.78 19.44
N SER D 22 -2.17 2.23 19.88
CA SER D 22 -1.07 1.31 20.20
C SER D 22 -1.37 0.62 21.54
N THR D 23 -0.83 -0.59 21.75
CA THR D 23 -1.09 -1.37 22.94
C THR D 23 -0.10 -1.13 24.11
N VAL D 24 -0.45 -1.64 25.30
CA VAL D 24 0.40 -1.59 26.48
C VAL D 24 1.70 -2.38 26.21
N PHE D 25 1.60 -3.51 25.46
CA PHE D 25 2.76 -4.31 25.11
C PHE D 25 3.70 -3.53 24.18
N GLU D 26 3.14 -2.79 23.21
CA GLU D 26 3.96 -1.97 22.31
C GLU D 26 4.70 -0.86 23.09
N LEU D 27 4.10 -0.36 24.17
CA LEU D 27 4.75 0.64 25.01
C LEU D 27 5.91 0.01 25.81
N LYS D 28 5.80 -1.28 26.16
CA LYS D 28 6.86 -2.01 26.84
C LYS D 28 8.03 -2.20 25.90
N ARG D 29 7.77 -2.40 24.58
CA ARG D 29 8.83 -2.50 23.58
C ARG D 29 9.62 -1.16 23.47
N ILE D 30 8.94 -0.02 23.72
CA ILE D 30 9.59 1.29 23.73
C ILE D 30 10.54 1.35 24.93
N VAL D 31 10.05 0.97 26.11
CA VAL D 31 10.86 0.92 27.33
C VAL D 31 12.04 -0.02 27.15
N GLU D 32 11.84 -1.16 26.44
CA GLU D 32 12.93 -2.11 26.19
C GLU D 32 14.06 -1.47 25.42
N GLY D 33 13.74 -0.69 24.39
CA GLY D 33 14.75 -0.01 23.59
C GLY D 33 15.56 1.02 24.37
N ILE D 34 14.98 1.57 25.44
CA ILE D 34 15.64 2.60 26.23
C ILE D 34 16.38 2.04 27.45
N LEU D 35 15.68 1.24 28.28
CA LEU D 35 16.21 0.70 29.52
C LEU D 35 16.76 -0.73 29.44
N LYS D 36 16.72 -1.34 28.24
CA LYS D 36 17.24 -2.67 27.94
C LYS D 36 16.64 -3.78 28.81
N ARG D 37 15.36 -3.66 29.16
CA ARG D 37 14.66 -4.69 29.95
C ARG D 37 13.54 -5.23 29.09
N PRO D 38 13.43 -6.55 28.95
CA PRO D 38 12.38 -7.11 28.08
C PRO D 38 10.98 -6.87 28.60
N PRO D 39 9.96 -6.82 27.72
CA PRO D 39 8.58 -6.65 28.19
C PRO D 39 8.13 -7.63 29.29
N ASP D 40 8.57 -8.92 29.25
CA ASP D 40 8.16 -9.87 30.30
C ASP D 40 8.75 -9.53 31.69
N GLU D 41 9.73 -8.60 31.76
CA GLU D 41 10.29 -8.13 33.01
C GLU D 41 9.79 -6.71 33.35
N GLN D 42 8.63 -6.30 32.81
CA GLN D 42 8.08 -4.99 33.04
C GLN D 42 6.62 -5.04 33.42
N ARG D 43 6.16 -4.09 34.25
CA ARG D 43 4.74 -3.95 34.59
C ARG D 43 4.34 -2.48 34.45
N LEU D 44 3.32 -2.19 33.63
CA LEU D 44 2.87 -0.82 33.44
C LEU D 44 1.59 -0.54 34.17
N TYR D 45 1.50 0.62 34.78
CA TYR D 45 0.37 1.03 35.61
C TYR D 45 -0.25 2.38 35.23
N LYS D 46 -1.53 2.56 35.55
CA LYS D 46 -2.26 3.82 35.49
C LYS D 46 -2.65 4.00 36.93
N ASP D 47 -1.92 4.86 37.68
CA ASP D 47 -2.09 5.02 39.12
C ASP D 47 -1.69 3.66 39.76
N ASP D 48 -2.52 3.04 40.62
CA ASP D 48 -2.19 1.74 41.20
C ASP D 48 -2.72 0.56 40.40
N GLN D 49 -3.18 0.79 39.16
CA GLN D 49 -3.70 -0.31 38.36
C GLN D 49 -2.72 -0.89 37.39
N LEU D 50 -2.54 -2.18 37.43
CA LEU D 50 -1.71 -2.90 36.49
C LEU D 50 -2.47 -2.94 35.16
N LEU D 51 -1.79 -2.64 34.06
CA LEU D 51 -2.41 -2.59 32.74
C LEU D 51 -2.18 -3.87 31.96
N ASP D 52 -3.19 -4.33 31.22
CA ASP D 52 -3.12 -5.53 30.39
C ASP D 52 -2.41 -5.22 29.09
N ASP D 53 -1.45 -6.07 28.69
CA ASP D 53 -0.67 -5.90 27.45
C ASP D 53 -1.49 -5.73 26.20
N GLY D 54 -2.63 -6.38 26.12
CA GLY D 54 -3.49 -6.33 24.93
C GLY D 54 -4.32 -5.06 24.80
N LYS D 55 -4.43 -4.28 25.88
CA LYS D 55 -5.24 -3.07 25.87
C LYS D 55 -4.57 -1.92 25.17
N THR D 56 -5.35 -1.12 24.40
CA THR D 56 -4.80 0.05 23.75
C THR D 56 -4.61 1.14 24.81
N LEU D 57 -3.79 2.15 24.50
CA LEU D 57 -3.54 3.24 25.42
C LEU D 57 -4.84 4.06 25.65
N GLY D 58 -5.63 4.24 24.60
CA GLY D 58 -6.93 4.89 24.69
C GLY D 58 -7.85 4.16 25.65
N GLU D 59 -7.87 2.79 25.59
CA GLU D 59 -8.66 1.97 26.50
C GLU D 59 -8.17 2.10 27.95
N CYS D 60 -6.86 2.32 28.14
CA CYS D 60 -6.28 2.55 29.44
C CYS D 60 -6.46 4.03 29.93
N GLY D 61 -7.19 4.87 29.20
CA GLY D 61 -7.42 6.24 29.61
C GLY D 61 -6.40 7.26 29.11
N PHE D 62 -5.44 6.82 28.28
CA PHE D 62 -4.46 7.73 27.71
C PHE D 62 -5.01 8.26 26.41
N THR D 63 -5.54 9.48 26.40
CA THR D 63 -6.16 10.08 25.21
C THR D 63 -5.47 11.41 24.80
N SER D 64 -5.79 11.93 23.62
CA SER D 64 -5.27 13.21 23.14
C SER D 64 -5.73 14.38 24.00
N GLN D 65 -6.87 14.26 24.67
CA GLN D 65 -7.38 15.31 25.54
C GLN D 65 -6.59 15.35 26.88
N THR D 66 -6.16 14.21 27.42
CA THR D 66 -5.51 14.15 28.74
C THR D 66 -4.01 13.83 28.78
N ALA D 67 -3.41 13.53 27.64
CA ALA D 67 -1.99 13.19 27.59
C ALA D 67 -1.38 14.15 26.57
N ARG D 68 -1.27 15.42 26.95
CA ARG D 68 -0.84 16.51 26.08
C ARG D 68 0.68 16.74 26.09
N PRO D 69 1.25 17.36 25.05
CA PRO D 69 2.71 17.60 25.04
C PRO D 69 3.17 18.45 26.20
N GLN D 70 2.42 19.51 26.55
CA GLN D 70 2.75 20.38 27.66
C GLN D 70 2.35 19.83 29.03
N ALA D 71 1.58 18.72 29.07
CA ALA D 71 1.15 18.10 30.32
C ALA D 71 0.95 16.60 30.06
N PRO D 72 2.05 15.84 29.95
CA PRO D 72 1.92 14.42 29.63
C PRO D 72 1.32 13.57 30.74
N ALA D 73 0.67 12.47 30.36
CA ALA D 73 0.08 11.55 31.34
C ALA D 73 1.17 10.64 31.91
N THR D 74 0.98 10.20 33.16
CA THR D 74 1.96 9.36 33.82
C THR D 74 1.64 7.89 33.71
N VAL D 75 2.63 7.09 33.34
CA VAL D 75 2.50 5.63 33.29
C VAL D 75 3.53 5.11 34.28
N GLY D 76 3.10 4.32 35.26
CA GLY D 76 4.01 3.75 36.25
C GLY D 76 4.69 2.50 35.72
N LEU D 77 5.95 2.26 36.10
CA LEU D 77 6.71 1.12 35.61
C LEU D 77 7.37 0.41 36.78
N ALA D 78 7.27 -0.94 36.82
CA ALA D 78 7.90 -1.82 37.81
C ALA D 78 8.72 -2.87 37.04
N PHE D 79 9.92 -3.18 37.51
CA PHE D 79 10.76 -4.18 36.87
C PHE D 79 10.76 -5.48 37.65
N ARG D 80 10.99 -6.62 36.97
CA ARG D 80 11.08 -7.89 37.67
C ARG D 80 12.50 -8.04 38.18
N ALA D 81 12.64 -8.21 39.48
CA ALA D 81 13.94 -8.38 40.10
C ALA D 81 14.09 -9.87 40.33
N ASP D 82 14.70 -10.58 39.36
CA ASP D 82 14.95 -12.02 39.42
C ASP D 82 13.61 -12.86 39.47
N ASP D 83 13.20 -13.43 40.65
CA ASP D 83 11.97 -14.20 40.77
C ASP D 83 10.66 -13.38 40.69
N THR D 84 10.55 -12.25 41.43
CA THR D 84 9.31 -11.48 41.49
C THR D 84 9.42 -10.02 41.07
N PHE D 85 8.28 -9.38 40.74
CA PHE D 85 8.26 -7.96 40.41
C PHE D 85 8.32 -7.17 41.70
N GLU D 86 9.07 -6.07 41.66
CA GLU D 86 9.16 -5.16 42.78
C GLU D 86 7.81 -4.40 42.90
N ALA D 87 7.59 -3.75 44.05
CA ALA D 87 6.41 -2.93 44.23
C ALA D 87 6.56 -1.64 43.37
N LEU D 88 5.44 -1.11 42.87
CA LEU D 88 5.47 0.11 42.08
C LEU D 88 5.90 1.26 42.99
N CYS D 89 7.01 1.92 42.64
CA CYS D 89 7.52 3.02 43.44
C CYS D 89 7.96 4.14 42.53
N ILE D 90 7.46 5.36 42.79
CA ILE D 90 7.81 6.52 42.00
C ILE D 90 8.26 7.63 42.93
N GLU D 91 9.54 8.01 42.86
CA GLU D 91 10.05 9.10 43.68
C GLU D 91 9.46 10.39 43.13
N PRO D 92 8.81 11.17 43.99
CA PRO D 92 8.22 12.43 43.52
C PRO D 92 9.29 13.44 43.17
N PHE D 93 8.91 14.44 42.41
CA PHE D 93 9.82 15.51 42.08
C PHE D 93 10.11 16.35 43.35
N SER D 94 11.09 17.25 43.27
CA SER D 94 11.43 18.12 44.37
C SER D 94 10.29 19.12 44.64
N SER D 95 10.25 19.64 45.87
CA SER D 95 9.24 20.61 46.24
C SER D 95 9.72 22.01 45.88
N PRO D 96 8.87 22.79 45.20
CA PRO D 96 9.23 24.19 44.92
C PRO D 96 9.31 25.00 46.22
N PRO D 97 10.04 26.12 46.25
CA PRO D 97 10.03 26.96 47.46
C PRO D 97 8.69 27.66 47.66
N GLU D 98 8.45 28.22 48.84
CA GLU D 98 7.23 28.97 49.12
C GLU D 98 7.21 30.22 48.24
N LEU D 99 6.02 30.64 47.76
CA LEU D 99 5.92 31.84 46.92
C LEU D 99 6.44 33.08 47.65
N PRO D 100 7.30 33.87 47.01
CA PRO D 100 7.77 35.12 47.65
C PRO D 100 6.61 36.07 47.94
N ASP D 101 6.78 36.98 48.91
CA ASP D 101 5.74 37.94 49.26
C ASP D 101 5.30 38.77 48.06
N VAL D 102 6.25 39.18 47.21
CA VAL D 102 5.97 39.97 46.01
C VAL D 102 5.18 39.22 44.92
N MET D 103 4.97 37.91 45.07
CA MET D 103 4.21 37.10 44.14
C MET D 103 2.83 36.67 44.68
N LYS D 104 2.55 36.94 45.97
CA LYS D 104 1.28 36.56 46.57
C LYS D 104 0.26 37.70 46.51
N MET E 2 16.72 7.78 18.98
CA MET E 2 17.77 7.91 19.99
C MET E 2 17.38 8.92 21.06
N TYR E 3 17.75 8.60 22.28
CA TYR E 3 17.40 9.36 23.47
C TYR E 3 18.63 9.85 24.24
N VAL E 4 18.43 10.88 25.07
CA VAL E 4 19.50 11.37 25.94
C VAL E 4 18.98 11.47 27.36
N LYS E 5 19.92 11.44 28.32
CA LYS E 5 19.55 11.52 29.72
C LYS E 5 19.94 12.87 30.31
N LEU E 6 18.99 13.57 30.90
CA LEU E 6 19.21 14.86 31.55
C LEU E 6 18.97 14.60 33.03
N ILE E 7 19.99 14.77 33.86
CA ILE E 7 19.89 14.49 35.28
C ILE E 7 19.74 15.76 36.07
N SER E 8 18.74 15.81 36.96
CA SER E 8 18.50 16.99 37.78
C SER E 8 19.49 17.09 38.95
N SER E 9 19.50 18.25 39.65
CA SER E 9 20.38 18.44 40.80
C SER E 9 20.08 17.44 41.90
N ASP E 10 18.80 17.03 42.04
CA ASP E 10 18.39 16.07 43.05
C ASP E 10 18.43 14.60 42.60
N GLY E 11 19.08 14.30 41.48
CA GLY E 11 19.25 12.92 41.03
C GLY E 11 18.15 12.31 40.17
N HIS E 12 17.16 13.08 39.70
CA HIS E 12 16.11 12.51 38.83
C HIS E 12 16.66 12.41 37.42
N GLU E 13 16.49 11.26 36.77
CA GLU E 13 17.00 11.05 35.42
C GLU E 13 15.88 11.17 34.41
N PHE E 14 15.95 12.15 33.52
CA PHE E 14 14.93 12.34 32.50
C PHE E 14 15.43 11.87 31.14
N ILE E 15 14.79 10.86 30.57
CA ILE E 15 15.18 10.34 29.28
C ILE E 15 14.24 10.89 28.23
N VAL E 16 14.77 11.79 27.38
CA VAL E 16 14.02 12.48 26.32
C VAL E 16 14.68 12.28 24.97
N LYS E 17 13.92 12.44 23.86
CA LYS E 17 14.48 12.32 22.51
C LYS E 17 15.58 13.33 22.31
N ARG E 18 16.65 12.92 21.60
CA ARG E 18 17.78 13.80 21.34
C ARG E 18 17.32 15.04 20.58
N GLU E 19 16.50 14.85 19.48
CA GLU E 19 15.91 15.94 18.67
C GLU E 19 15.22 16.96 19.57
N HIS E 20 14.48 16.49 20.57
CA HIS E 20 13.79 17.38 21.51
C HIS E 20 14.76 18.14 22.41
N ALA E 21 15.76 17.46 22.98
CA ALA E 21 16.72 18.11 23.87
C ALA E 21 17.52 19.18 23.10
N LEU E 22 17.80 18.94 21.80
CA LEU E 22 18.51 19.89 20.96
C LEU E 22 17.76 21.21 20.76
N THR E 23 16.55 21.35 21.33
CA THR E 23 15.82 22.62 21.37
C THR E 23 16.69 23.66 22.14
N SER E 24 17.38 23.20 23.18
CA SER E 24 18.29 24.02 23.95
C SER E 24 19.66 24.03 23.29
N GLY E 25 20.15 25.21 22.92
CA GLY E 25 21.47 25.39 22.34
C GLY E 25 22.55 25.08 23.35
N THR E 26 22.29 25.37 24.64
CA THR E 26 23.20 25.05 25.74
C THR E 26 23.34 23.54 25.87
N ILE E 27 22.23 22.81 25.77
CA ILE E 27 22.28 21.35 25.80
C ILE E 27 23.06 20.82 24.61
N LYS E 28 22.86 21.40 23.42
CA LYS E 28 23.58 20.98 22.22
C LYS E 28 25.07 21.09 22.41
N ALA E 29 25.54 22.17 23.06
CA ALA E 29 26.97 22.35 23.34
C ALA E 29 27.48 21.28 24.31
N MET E 30 26.72 21.01 25.38
CA MET E 30 27.07 20.02 26.39
C MET E 30 27.13 18.60 25.81
N LEU E 31 26.38 18.32 24.74
CA LEU E 31 26.40 17.00 24.10
C LEU E 31 27.52 16.84 23.06
N SER E 32 27.65 17.82 22.14
CA SER E 32 28.64 17.81 21.06
C SER E 32 29.87 18.64 21.43
N GLY E 33 30.54 18.23 22.50
CA GLY E 33 31.76 18.90 22.97
C GLY E 33 32.41 18.16 24.11
N THR E 42 28.52 10.32 26.23
CA THR E 42 28.17 11.38 25.26
C THR E 42 26.65 11.63 25.18
N ASN E 43 25.82 10.84 25.89
CA ASN E 43 24.36 11.02 25.91
C ASN E 43 23.81 11.21 27.33
N GLU E 44 24.63 11.82 28.20
CA GLU E 44 24.22 12.11 29.57
C GLU E 44 24.65 13.52 29.91
N VAL E 45 23.75 14.30 30.52
CA VAL E 45 24.08 15.66 30.94
C VAL E 45 23.62 15.86 32.37
N ASN E 46 24.51 16.29 33.26
CA ASN E 46 24.16 16.56 34.64
C ASN E 46 23.90 18.05 34.85
N PHE E 47 22.78 18.37 35.47
CA PHE E 47 22.42 19.74 35.78
C PHE E 47 22.42 19.91 37.29
N ARG E 48 23.57 20.25 37.86
CA ARG E 48 23.68 20.39 39.32
C ARG E 48 22.97 21.62 39.90
N GLU E 49 22.40 22.47 39.04
CA GLU E 49 21.70 23.67 39.47
C GLU E 49 20.19 23.63 39.18
N ILE E 50 19.71 22.64 38.43
CA ILE E 50 18.29 22.57 38.05
C ILE E 50 17.59 21.44 38.79
N PRO E 51 16.70 21.77 39.75
CA PRO E 51 15.98 20.68 40.45
C PRO E 51 14.93 19.99 39.56
N SER E 52 14.48 18.80 39.95
CA SER E 52 13.53 18.00 39.17
C SER E 52 12.19 18.67 38.92
N HIS E 53 11.66 19.44 39.89
CA HIS E 53 10.38 20.14 39.66
C HIS E 53 10.49 21.19 38.53
N VAL E 54 11.73 21.60 38.17
CA VAL E 54 12.01 22.54 37.10
C VAL E 54 12.41 21.77 35.84
N LEU E 55 13.38 20.84 35.94
CA LEU E 55 13.86 20.05 34.79
C LEU E 55 12.74 19.25 34.14
N SER E 56 11.79 18.72 34.92
CA SER E 56 10.67 17.98 34.34
C SER E 56 9.83 18.91 33.45
N LYS E 57 9.64 20.17 33.88
CA LYS E 57 8.88 21.17 33.14
C LYS E 57 9.59 21.64 31.88
N VAL E 58 10.95 21.68 31.93
CA VAL E 58 11.76 22.02 30.77
C VAL E 58 11.53 20.92 29.69
N CYS E 59 11.54 19.63 30.11
CA CYS E 59 11.31 18.52 29.21
C CYS E 59 9.90 18.61 28.59
N MET E 60 8.91 19.08 29.38
CA MET E 60 7.56 19.27 28.83
C MET E 60 7.58 20.39 27.78
N TYR E 61 8.37 21.46 28.03
CA TYR E 61 8.51 22.52 27.04
C TYR E 61 9.07 22.01 25.71
N PHE E 62 10.13 21.17 25.75
CA PHE E 62 10.73 20.59 24.54
C PHE E 62 9.70 19.88 23.69
N THR E 63 8.86 19.05 24.32
CA THR E 63 7.83 18.28 23.61
C THR E 63 6.81 19.24 23.02
N TYR E 64 6.38 20.24 23.79
CA TYR E 64 5.44 21.28 23.37
C TYR E 64 5.97 22.05 22.16
N LYS E 65 7.25 22.45 22.20
CA LYS E 65 7.92 23.19 21.13
C LYS E 65 8.02 22.37 19.87
N VAL E 66 8.46 21.11 19.99
CA VAL E 66 8.58 20.24 18.82
C VAL E 66 7.19 19.98 18.20
N ARG E 67 6.17 19.77 19.03
CA ARG E 67 4.84 19.52 18.55
C ARG E 67 4.18 20.73 17.86
N TYR E 68 4.26 21.92 18.48
CA TYR E 68 3.54 23.08 17.96
C TYR E 68 4.34 24.04 17.07
N THR E 69 5.65 23.82 16.84
CA THR E 69 6.41 24.70 15.95
C THR E 69 5.99 24.50 14.50
N ASN E 70 5.63 25.60 13.81
CA ASN E 70 5.18 25.57 12.42
C ASN E 70 3.79 24.96 12.24
N SER E 71 2.99 24.88 13.31
CA SER E 71 1.66 24.29 13.23
C SER E 71 0.60 25.29 12.78
N SER E 72 -0.31 24.83 11.91
CA SER E 72 -1.41 25.67 11.42
C SER E 72 -2.50 25.76 12.50
N THR E 73 -2.76 24.63 13.18
CA THR E 73 -3.74 24.46 14.26
C THR E 73 -3.57 25.49 15.41
N GLU E 74 -4.62 25.64 16.22
CA GLU E 74 -4.62 26.52 17.38
C GLU E 74 -3.58 25.99 18.39
N ILE E 75 -2.76 26.89 18.90
CA ILE E 75 -1.71 26.53 19.84
C ILE E 75 -2.19 26.79 21.25
N PRO E 76 -2.10 25.80 22.14
CA PRO E 76 -2.50 26.03 23.53
C PRO E 76 -1.42 26.79 24.30
N GLU E 77 -1.82 27.47 25.35
CA GLU E 77 -0.90 28.20 26.21
C GLU E 77 0.01 27.20 26.94
N PHE E 78 1.29 27.55 27.11
CA PHE E 78 2.18 26.67 27.88
C PHE E 78 1.98 27.06 29.32
N PRO E 79 1.49 26.16 30.16
CA PRO E 79 1.20 26.53 31.56
C PRO E 79 2.41 26.50 32.49
N ILE E 80 2.50 27.50 33.39
CA ILE E 80 3.59 27.58 34.35
C ILE E 80 3.01 27.93 35.72
N ALA E 81 3.15 27.04 36.72
CA ALA E 81 2.67 27.33 38.07
C ALA E 81 3.44 28.51 38.66
N PRO E 82 2.76 29.45 39.31
CA PRO E 82 3.49 30.58 39.94
C PRO E 82 4.68 30.17 40.80
N GLU E 83 4.56 29.05 41.54
CA GLU E 83 5.58 28.52 42.44
C GLU E 83 6.88 28.11 41.75
N ILE E 84 6.83 27.76 40.47
CA ILE E 84 8.04 27.33 39.75
C ILE E 84 8.57 28.38 38.77
N ALA E 85 7.76 29.43 38.45
CA ALA E 85 8.11 30.47 37.49
C ALA E 85 9.50 31.04 37.67
N LEU E 86 9.89 31.45 38.87
CA LEU E 86 11.21 32.03 39.11
C LEU E 86 12.35 31.11 38.78
N GLU E 87 12.31 29.87 39.23
CA GLU E 87 13.36 28.91 38.96
C GLU E 87 13.36 28.50 37.48
N LEU E 88 12.18 28.34 36.89
CA LEU E 88 12.07 27.97 35.49
C LEU E 88 12.63 29.08 34.61
N LEU E 89 12.42 30.36 34.98
CA LEU E 89 12.96 31.49 34.22
C LEU E 89 14.48 31.42 34.18
N MET E 90 15.10 31.13 35.33
CA MET E 90 16.55 31.04 35.44
C MET E 90 17.10 29.85 34.67
N ALA E 91 16.38 28.71 34.67
CA ALA E 91 16.80 27.52 33.94
C ALA E 91 16.69 27.79 32.43
N ALA E 92 15.58 28.39 31.99
CA ALA E 92 15.37 28.72 30.58
C ALA E 92 16.41 29.70 30.06
N ASN E 93 16.84 30.63 30.91
CA ASN E 93 17.85 31.62 30.53
C ASN E 93 19.21 30.92 30.35
N PHE E 94 19.53 29.94 31.21
CA PHE E 94 20.79 29.20 31.09
C PHE E 94 20.75 28.31 29.85
N LEU E 95 19.61 27.65 29.62
CA LEU E 95 19.44 26.71 28.53
C LEU E 95 19.24 27.35 27.17
N ASP E 96 18.92 28.65 27.12
CA ASP E 96 18.72 29.38 25.87
C ASP E 96 17.58 28.75 25.05
N CYS E 97 16.43 28.52 25.68
CA CYS E 97 15.28 27.94 24.99
C CYS E 97 13.97 28.67 25.29
N PRO F 10 8.91 56.34 7.36
CA PRO F 10 7.60 55.65 7.42
C PRO F 10 7.61 54.33 6.64
N VAL F 11 8.61 53.46 6.87
CA VAL F 11 8.73 52.19 6.15
C VAL F 11 7.46 51.32 6.25
N LEU F 12 7.05 50.91 7.45
CA LEU F 12 5.83 50.11 7.59
C LEU F 12 4.58 50.98 7.64
N ARG F 13 3.82 51.06 6.55
CA ARG F 13 2.62 51.90 6.53
C ARG F 13 1.47 51.35 5.66
N SER F 14 0.21 51.67 6.02
CA SER F 14 -0.93 51.23 5.20
C SER F 14 -0.93 52.05 3.93
N VAL F 15 -1.27 51.42 2.81
CA VAL F 15 -1.34 52.13 1.55
C VAL F 15 -2.76 52.64 1.37
N ASN F 16 -2.94 53.96 1.16
CA ASN F 16 -4.27 54.55 0.98
C ASN F 16 -4.92 54.19 -0.38
N SER F 17 -5.41 52.95 -0.46
CA SER F 17 -6.05 52.37 -1.64
C SER F 17 -7.49 52.84 -1.84
N ARG F 18 -8.20 53.08 -0.70
CA ARG F 18 -9.62 53.45 -0.67
C ARG F 18 -10.52 52.34 -1.25
N GLU F 19 -10.01 51.10 -1.34
CA GLU F 19 -10.76 49.95 -1.82
C GLU F 19 -11.15 49.12 -0.62
N PRO F 20 -12.43 49.12 -0.26
CA PRO F 20 -12.85 48.37 0.93
C PRO F 20 -12.53 46.90 0.87
N SER F 21 -12.24 46.33 2.03
CA SER F 21 -11.93 44.93 2.18
C SER F 21 -12.49 44.51 3.50
N GLN F 22 -13.39 43.53 3.50
CA GLN F 22 -13.98 43.04 4.72
C GLN F 22 -13.15 41.92 5.28
N VAL F 23 -12.88 41.99 6.59
CA VAL F 23 -12.08 40.97 7.25
C VAL F 23 -12.82 40.40 8.44
N ILE F 24 -12.55 39.14 8.78
CA ILE F 24 -13.06 38.55 10.01
C ILE F 24 -11.84 38.44 10.95
N PHE F 25 -11.80 39.26 12.03
CA PHE F 25 -10.73 39.12 13.01
C PHE F 25 -11.22 37.96 13.87
N CAS F 26 -10.52 36.82 13.85
CA CAS F 26 -10.92 35.66 14.65
CB CAS F 26 -11.15 34.58 13.63
C CAS F 26 -9.84 35.34 15.72
O CAS F 26 -8.75 34.85 15.41
SG CAS F 26 -11.41 32.97 14.39
AS CAS F 26 -13.58 33.28 15.05
CE1 CAS F 26 -13.29 32.69 16.98
CE2 CAS F 26 -14.70 31.83 14.22
N ASN F 27 -10.15 35.60 17.01
CA ASN F 27 -9.25 35.38 18.11
C ASN F 27 -9.22 33.91 18.52
N ARG F 28 -8.29 33.13 17.95
CA ARG F 28 -8.10 31.72 18.31
C ARG F 28 -6.96 31.61 19.33
N SER F 29 -7.00 32.48 20.34
CA SER F 29 -6.01 32.53 21.40
C SER F 29 -6.76 32.69 22.74
N PRO F 30 -6.12 32.38 23.88
CA PRO F 30 -6.77 32.61 25.17
C PRO F 30 -6.50 34.04 25.71
N ARG F 31 -5.96 34.95 24.89
CA ARG F 31 -5.65 36.31 25.34
C ARG F 31 -6.70 37.29 24.87
N VAL F 32 -6.82 38.43 25.55
CA VAL F 32 -7.68 39.51 25.07
C VAL F 32 -6.86 40.17 23.98
N VAL F 33 -7.37 40.25 22.75
CA VAL F 33 -6.60 40.76 21.62
C VAL F 33 -6.81 42.24 21.38
N LEU F 34 -5.71 42.96 21.17
CA LEU F 34 -5.68 44.37 20.79
C LEU F 34 -5.23 44.44 19.34
N PRO F 35 -6.17 44.69 18.40
CA PRO F 35 -5.77 44.88 17.00
C PRO F 35 -5.14 46.28 16.83
N VAL F 36 -4.02 46.37 16.08
CA VAL F 36 -3.32 47.64 15.85
C VAL F 36 -3.18 47.93 14.35
N TRP F 37 -3.75 49.05 13.87
CA TRP F 37 -3.66 49.45 12.47
C TRP F 37 -2.50 50.43 12.28
N LEU F 38 -1.56 50.17 11.35
CA LEU F 38 -0.49 51.14 11.10
C LEU F 38 -1.00 52.13 10.07
N ASN F 39 -1.25 53.36 10.51
CA ASN F 39 -1.87 54.39 9.71
C ASN F 39 -0.99 54.90 8.52
N PHE F 40 -1.50 55.86 7.73
CA PHE F 40 -0.82 56.37 6.53
C PHE F 40 0.54 57.05 6.80
N ASP F 41 0.80 57.38 8.06
CA ASP F 41 2.08 57.90 8.48
C ASP F 41 2.95 56.85 9.20
N GLY F 42 2.49 55.61 9.31
CA GLY F 42 3.20 54.54 10.01
C GLY F 42 2.96 54.51 11.51
N GLU F 43 1.98 55.29 12.01
CA GLU F 43 1.68 55.36 13.44
C GLU F 43 0.76 54.22 13.86
N PRO F 44 1.15 53.43 14.87
CA PRO F 44 0.26 52.38 15.35
C PRO F 44 -0.97 52.99 16.01
N GLN F 45 -2.17 52.58 15.56
CA GLN F 45 -3.45 53.05 16.04
C GLN F 45 -4.22 51.86 16.63
N PRO F 46 -4.50 51.88 17.95
CA PRO F 46 -5.20 50.75 18.55
C PRO F 46 -6.68 50.75 18.20
N TYR F 47 -7.27 49.56 18.10
CA TYR F 47 -8.70 49.38 17.78
C TYR F 47 -9.42 48.61 18.93
N PRO F 48 -10.78 48.55 18.95
CA PRO F 48 -11.45 47.85 20.05
C PRO F 48 -10.95 46.41 20.27
N THR F 49 -10.80 46.01 21.53
CA THR F 49 -10.29 44.69 21.87
C THR F 49 -11.29 43.56 21.58
N LEU F 50 -10.79 42.32 21.49
CA LEU F 50 -11.55 41.10 21.28
C LEU F 50 -11.32 40.16 22.45
N PRO F 51 -12.37 39.75 23.15
CA PRO F 51 -12.20 38.74 24.22
C PRO F 51 -11.73 37.40 23.63
N PRO F 52 -11.06 36.55 24.44
CA PRO F 52 -10.60 35.24 23.90
C PRO F 52 -11.67 34.41 23.24
N GLY F 53 -11.30 33.70 22.17
CA GLY F 53 -12.21 32.84 21.44
C GLY F 53 -13.34 33.52 20.68
N THR F 54 -13.28 34.85 20.49
CA THR F 54 -14.37 35.57 19.80
C THR F 54 -13.94 36.08 18.41
N GLY F 55 -14.93 36.40 17.58
CA GLY F 55 -14.69 36.92 16.26
C GLY F 55 -15.41 38.25 16.04
N ARG F 56 -14.90 39.07 15.13
CA ARG F 56 -15.54 40.33 14.80
C ARG F 56 -15.47 40.55 13.31
N ARG F 57 -16.58 40.99 12.70
N ARG F 57 -16.57 41.00 12.71
CA ARG F 57 -16.60 41.29 11.29
CA ARG F 57 -16.64 41.31 11.30
C ARG F 57 -16.26 42.76 11.16
C ARG F 57 -16.26 42.77 11.18
N ILE F 58 -15.13 43.07 10.51
CA ILE F 58 -14.68 44.44 10.41
C ILE F 58 -14.49 44.94 8.99
N HIS F 59 -14.56 46.26 8.83
CA HIS F 59 -14.36 46.89 7.54
C HIS F 59 -13.00 47.56 7.47
N SER F 60 -12.11 47.01 6.66
CA SER F 60 -10.81 47.58 6.46
C SER F 60 -10.62 47.89 4.95
N TYR F 61 -9.39 48.04 4.45
CA TYR F 61 -9.14 48.40 3.05
C TYR F 61 -7.96 47.58 2.52
N ARG F 62 -7.90 47.38 1.19
CA ARG F 62 -6.80 46.64 0.58
C ARG F 62 -5.46 47.38 0.81
N GLY F 63 -4.41 46.64 1.09
CA GLY F 63 -3.09 47.24 1.30
C GLY F 63 -2.87 47.88 2.65
N HIS F 64 -3.86 47.80 3.56
CA HIS F 64 -3.69 48.33 4.90
C HIS F 64 -2.85 47.37 5.74
N LEU F 65 -2.32 47.85 6.86
CA LEU F 65 -1.42 47.05 7.66
C LEU F 65 -1.92 46.89 9.06
N TRP F 66 -1.99 45.63 9.52
CA TRP F 66 -2.41 45.30 10.88
C TRP F 66 -1.44 44.38 11.65
N LEU F 67 -1.37 44.57 12.95
CA LEU F 67 -0.69 43.64 13.83
C LEU F 67 -1.57 43.40 15.07
N PHE F 68 -1.31 42.33 15.84
CA PHE F 68 -2.18 41.96 16.94
C PHE F 68 -1.36 41.66 18.18
N ARG F 69 -1.73 42.25 19.31
N ARG F 69 -1.73 42.25 19.31
N ARG F 69 -1.79 42.22 19.31
CA ARG F 69 -1.02 42.06 20.57
CA ARG F 69 -1.02 42.05 20.56
CA ARG F 69 -1.09 42.10 20.58
C ARG F 69 -2.00 41.66 21.70
C ARG F 69 -2.00 41.66 21.70
C ARG F 69 -2.03 41.60 21.70
N ASP F 70 -1.48 41.20 22.85
CA ASP F 70 -2.30 40.87 24.02
C ASP F 70 -2.64 42.30 24.58
N ALA F 71 -3.92 42.64 24.75
CA ALA F 71 -4.31 43.98 25.15
C ALA F 71 -3.81 44.42 26.51
N GLY F 72 -3.54 43.48 27.40
CA GLY F 72 -3.10 43.79 28.74
C GLY F 72 -1.60 43.87 28.92
N THR F 73 -0.86 43.01 28.22
CA THR F 73 0.59 42.94 28.37
C THR F 73 1.40 43.38 27.15
N HIS F 74 0.76 43.49 25.99
CA HIS F 74 1.36 43.84 24.69
C HIS F 74 2.23 42.73 24.10
N ASP F 75 2.09 41.48 24.61
CA ASP F 75 2.81 40.31 24.09
C ASP F 75 2.45 40.13 22.59
N GLY F 76 3.42 39.73 21.80
CA GLY F 76 3.21 39.55 20.36
C GLY F 76 2.34 38.35 20.04
N LEU F 77 1.42 38.53 19.10
CA LEU F 77 0.56 37.44 18.65
C LEU F 77 0.77 37.23 17.16
N LEU F 78 0.36 36.07 16.64
CA LEU F 78 0.46 35.81 15.20
C LEU F 78 -0.87 35.98 14.52
N VAL F 79 -0.87 36.38 13.26
CA VAL F 79 -2.09 36.47 12.47
C VAL F 79 -1.84 35.70 11.17
N ASN F 80 -2.60 34.64 10.93
CA ASN F 80 -2.39 33.77 9.76
C ASN F 80 -0.93 33.25 9.71
N GLN F 81 -0.42 32.88 10.91
CA GLN F 81 0.90 32.33 11.19
C GLN F 81 2.08 33.28 10.96
N THR F 82 1.82 34.58 10.83
CA THR F 82 2.90 35.54 10.62
C THR F 82 2.66 36.84 11.44
N GLU F 83 3.58 37.82 11.36
CA GLU F 83 3.50 39.05 12.15
C GLU F 83 2.48 40.06 11.70
N LEU F 84 2.40 40.32 10.39
CA LEU F 84 1.52 41.35 9.85
C LEU F 84 0.44 40.79 8.95
N PHE F 85 -0.69 41.47 8.94
CA PHE F 85 -1.83 41.08 8.12
C PHE F 85 -2.20 42.25 7.22
N VAL F 86 -2.32 41.96 5.93
CA VAL F 86 -2.68 42.96 4.96
C VAL F 86 -3.94 42.52 4.28
N PRO F 87 -5.07 43.20 4.52
CA PRO F 87 -6.31 42.81 3.83
C PRO F 87 -6.17 42.80 2.30
N SER F 88 -6.77 41.79 1.66
CA SER F 88 -6.66 41.63 0.23
C SER F 88 -8.04 41.64 -0.47
N LEU F 89 -8.06 41.42 -1.79
CA LEU F 89 -9.24 41.42 -2.65
C LEU F 89 -10.30 40.39 -2.24
N ASN F 90 -11.53 40.85 -1.94
CA ASN F 90 -12.62 39.95 -1.59
C ASN F 90 -13.21 39.29 -2.85
N VAL F 91 -12.88 38.01 -3.09
CA VAL F 91 -13.42 37.30 -4.24
C VAL F 91 -14.89 36.96 -3.97
N ASP F 92 -15.80 37.43 -4.84
CA ASP F 92 -17.25 37.21 -4.73
C ASP F 92 -17.85 37.76 -3.43
N GLY F 93 -17.26 38.83 -2.92
CA GLY F 93 -17.72 39.45 -1.68
C GLY F 93 -17.40 38.67 -0.40
N GLN F 94 -16.68 37.55 -0.51
CA GLN F 94 -16.33 36.75 0.67
C GLN F 94 -15.34 37.51 1.53
N PRO F 95 -15.55 37.63 2.84
CA PRO F 95 -14.55 38.33 3.68
C PRO F 95 -13.28 37.52 3.88
N ILE F 96 -12.16 38.17 4.18
CA ILE F 96 -10.88 37.49 4.38
C ILE F 96 -10.75 37.13 5.85
N PHE F 97 -10.31 35.92 6.17
CA PHE F 97 -10.11 35.52 7.55
C PHE F 97 -8.73 35.93 8.13
N ALA F 98 -8.70 36.55 9.31
CA ALA F 98 -7.46 36.92 9.98
C ALA F 98 -7.42 36.11 11.28
N ASN F 99 -6.81 34.91 11.22
CA ASN F 99 -6.74 34.00 12.37
C ASN F 99 -5.64 34.35 13.32
N ILE F 100 -6.03 34.97 14.43
CA ILE F 100 -5.10 35.41 15.47
C ILE F 100 -4.83 34.24 16.39
N THR F 101 -3.56 33.90 16.60
CA THR F 101 -3.19 32.77 17.45
C THR F 101 -1.98 33.12 18.30
N LEU F 102 -1.74 32.34 19.36
CA LEU F 102 -0.54 32.50 20.17
C LEU F 102 0.62 31.98 19.34
N PRO F 103 1.78 32.66 19.35
CA PRO F 103 2.98 32.03 18.78
C PRO F 103 3.51 30.98 19.77
N VAL F 104 4.47 30.16 19.34
CA VAL F 104 5.14 29.25 20.26
C VAL F 104 6.21 30.14 20.90
N TYR F 105 5.94 30.78 22.04
CA TYR F 105 6.94 31.64 22.67
C TYR F 105 8.13 30.80 23.13
N THR F 106 9.32 31.42 23.28
CA THR F 106 10.46 30.70 23.90
C THR F 106 10.06 30.47 25.38
N LEU F 107 10.64 29.47 26.04
CA LEU F 107 10.37 29.21 27.45
C LEU F 107 10.77 30.43 28.30
N LYS F 108 11.88 31.09 27.96
CA LYS F 108 12.33 32.30 28.68
C LYS F 108 11.28 33.40 28.59
N GLU F 109 10.77 33.68 27.37
CA GLU F 109 9.77 34.73 27.22
C GLU F 109 8.48 34.37 27.93
N ARG F 110 8.07 33.09 27.86
CA ARG F 110 6.86 32.65 28.54
C ARG F 110 7.01 32.82 30.06
N CYS F 111 8.19 32.50 30.59
CA CYS F 111 8.49 32.69 32.02
C CYS F 111 8.41 34.17 32.37
N LEU F 112 8.99 35.05 31.53
CA LEU F 112 8.94 36.50 31.77
C LEU F 112 7.47 36.99 31.81
N GLN F 113 6.61 36.45 30.94
CA GLN F 113 5.19 36.82 30.95
C GLN F 113 4.54 36.47 32.28
N VAL F 114 4.76 35.22 32.75
CA VAL F 114 4.16 34.75 33.98
C VAL F 114 4.64 35.56 35.18
N VAL F 115 5.93 35.87 35.24
CA VAL F 115 6.47 36.67 36.33
C VAL F 115 5.90 38.07 36.31
N ARG F 116 5.90 38.74 35.16
CA ARG F 116 5.33 40.08 35.02
C ARG F 116 3.86 40.12 35.42
N SER F 117 3.13 39.02 35.17
CA SER F 117 1.71 38.93 35.53
C SER F 117 1.48 38.79 37.03
N LEU F 118 2.48 38.33 37.78
CA LEU F 118 2.36 38.14 39.22
C LEU F 118 3.00 39.23 40.05
N VAL F 119 4.00 39.92 39.50
CA VAL F 119 4.75 40.92 40.25
C VAL F 119 4.53 42.33 39.72
N LYS F 120 4.28 43.30 40.62
CA LYS F 120 4.13 44.70 40.20
C LYS F 120 5.52 45.20 39.77
N PRO F 121 5.60 46.03 38.73
CA PRO F 121 6.92 46.50 38.27
C PRO F 121 7.82 47.12 39.34
N GLU F 122 7.21 47.70 40.38
CA GLU F 122 7.91 48.29 41.52
C GLU F 122 8.76 47.25 42.25
N ASN F 123 8.26 46.01 42.32
CA ASN F 123 8.89 44.91 43.06
C ASN F 123 9.72 43.93 42.23
N TYR F 124 10.08 44.27 40.98
CA TYR F 124 10.90 43.36 40.17
C TYR F 124 12.28 43.18 40.84
N ARG F 125 12.87 44.31 41.29
CA ARG F 125 14.17 44.29 41.94
C ARG F 125 14.19 43.53 43.29
N ARG F 126 13.01 43.20 43.83
CA ARG F 126 12.91 42.42 45.06
C ARG F 126 12.97 40.89 44.83
N LEU F 127 13.04 40.45 43.56
CA LEU F 127 13.08 39.01 43.25
C LEU F 127 14.48 38.41 43.44
N ASP F 128 14.54 37.14 43.86
CA ASP F 128 15.80 36.42 44.05
C ASP F 128 16.33 35.86 42.72
N ILE F 129 16.65 36.73 41.77
CA ILE F 129 17.13 36.34 40.44
C ILE F 129 18.36 37.19 40.07
N VAL F 130 19.12 36.77 39.06
CA VAL F 130 20.28 37.53 38.61
C VAL F 130 19.90 38.88 38.00
N ARG F 131 20.79 39.86 38.11
CA ARG F 131 20.58 41.22 37.62
C ARG F 131 20.11 41.32 36.17
N SER F 132 20.62 40.45 35.30
CA SER F 132 20.25 40.47 33.88
C SER F 132 18.76 40.17 33.69
N LEU F 133 18.20 39.28 34.53
CA LEU F 133 16.78 38.94 34.46
C LEU F 133 15.90 40.09 34.94
N TYR F 134 16.41 41.00 35.80
CA TYR F 134 15.64 42.19 36.20
C TYR F 134 15.44 43.08 34.94
N GLU F 135 16.51 43.28 34.18
CA GLU F 135 16.44 44.08 32.96
C GLU F 135 15.54 43.42 31.91
N ASP F 136 15.61 42.08 31.81
CA ASP F 136 14.76 41.35 30.85
C ASP F 136 13.29 41.52 31.20
N LEU F 137 12.97 41.51 32.51
CA LEU F 137 11.62 41.68 33.03
C LEU F 137 11.10 43.08 32.74
N GLU F 138 11.95 44.11 33.00
CA GLU F 138 11.62 45.51 32.78
C GLU F 138 11.44 45.84 31.30
N ASP F 139 12.04 45.05 30.39
CA ASP F 139 11.93 45.28 28.94
C ASP F 139 10.59 44.74 28.41
N HIS F 140 9.49 45.36 28.82
CA HIS F 140 8.14 44.98 28.47
C HIS F 140 7.92 44.96 26.97
N PRO F 141 7.10 44.01 26.46
CA PRO F 141 6.81 43.97 25.01
C PRO F 141 6.23 45.29 24.55
N ASN F 142 6.68 45.77 23.40
CA ASN F 142 6.37 47.12 22.94
C ASN F 142 6.16 47.12 21.43
N VAL F 143 5.04 47.70 20.96
CA VAL F 143 4.75 47.77 19.53
C VAL F 143 5.81 48.60 18.78
N GLN F 144 6.18 49.77 19.31
CA GLN F 144 7.19 50.64 18.69
C GLN F 144 8.53 49.94 18.54
N LYS F 145 8.94 49.17 19.55
CA LYS F 145 10.19 48.39 19.49
C LYS F 145 10.13 47.38 18.33
N ASP F 146 9.03 46.62 18.25
CA ASP F 146 8.81 45.64 17.21
C ASP F 146 8.73 46.28 15.82
N LEU F 147 8.23 47.52 15.72
CA LEU F 147 8.19 48.23 14.44
C LEU F 147 9.61 48.58 14.01
N GLU F 148 10.47 48.98 14.96
CA GLU F 148 11.87 49.26 14.65
C GLU F 148 12.63 48.00 14.19
N ARG F 149 12.24 46.84 14.70
CA ARG F 149 12.85 45.57 14.32
C ARG F 149 12.35 45.12 12.93
N LEU F 150 11.02 45.13 12.72
CA LEU F 150 10.44 44.78 11.41
C LEU F 150 10.81 45.79 10.32
N THR F 151 11.30 46.99 10.70
CA THR F 151 11.75 48.00 9.76
C THR F 151 13.21 47.74 9.41
N GLN F 152 14.04 47.30 10.40
CA GLN F 152 15.46 46.97 10.16
C GLN F 152 15.61 45.79 9.16
N GLU F 153 16.05 46.14 7.93
CA GLU F 153 16.26 45.20 6.82
C GLU F 153 17.74 45.15 6.41
N MET G 1 -31.91 -7.96 -32.98
CA MET G 1 -31.47 -6.74 -32.31
C MET G 1 -30.23 -6.99 -31.45
N ASP G 2 -29.37 -5.99 -31.35
CA ASP G 2 -28.17 -6.12 -30.52
C ASP G 2 -28.47 -5.68 -29.09
N VAL G 3 -27.83 -6.33 -28.13
CA VAL G 3 -27.94 -5.99 -26.72
C VAL G 3 -26.52 -5.71 -26.22
N PHE G 4 -26.38 -4.75 -25.31
CA PHE G 4 -25.06 -4.34 -24.83
C PHE G 4 -24.94 -4.68 -23.38
N LEU G 5 -23.91 -5.45 -23.03
CA LEU G 5 -23.77 -6.01 -21.68
C LEU G 5 -22.46 -5.71 -20.97
N MET G 6 -22.47 -5.94 -19.65
CA MET G 6 -21.34 -5.88 -18.73
C MET G 6 -21.41 -7.20 -17.99
N ILE G 7 -20.51 -8.14 -18.30
CA ILE G 7 -20.45 -9.43 -17.63
C ILE G 7 -19.48 -9.19 -16.46
N ARG G 8 -20.00 -9.25 -15.23
CA ARG G 8 -19.24 -8.86 -14.06
C ARG G 8 -19.02 -9.95 -13.04
N ARG G 9 -17.79 -10.00 -12.53
CA ARG G 9 -17.37 -10.95 -11.51
C ARG G 9 -16.28 -10.27 -10.73
N HIS G 10 -16.46 -10.14 -9.39
CA HIS G 10 -15.48 -9.55 -8.47
C HIS G 10 -15.05 -8.15 -8.99
N LYS G 11 -13.78 -7.94 -9.37
CA LYS G 11 -13.35 -6.66 -9.91
C LYS G 11 -13.11 -6.73 -11.42
N THR G 12 -13.73 -7.69 -12.12
CA THR G 12 -13.61 -7.85 -13.57
C THR G 12 -14.94 -7.50 -14.23
N THR G 13 -14.88 -6.66 -15.29
CA THR G 13 -16.06 -6.29 -16.04
C THR G 13 -15.80 -6.44 -17.52
N ILE G 14 -16.56 -7.28 -18.20
CA ILE G 14 -16.41 -7.47 -19.64
C ILE G 14 -17.49 -6.69 -20.36
N PHE G 15 -17.09 -5.75 -21.25
CA PHE G 15 -18.04 -5.00 -22.06
C PHE G 15 -18.15 -5.76 -23.37
N THR G 16 -19.34 -6.30 -23.68
CA THR G 16 -19.55 -7.03 -24.93
C THR G 16 -20.99 -6.86 -25.43
N ASP G 17 -21.22 -7.20 -26.69
CA ASP G 17 -22.55 -7.15 -27.26
C ASP G 17 -22.91 -8.55 -27.76
N ALA G 18 -24.20 -8.77 -27.98
CA ALA G 18 -24.72 -10.05 -28.46
C ALA G 18 -26.13 -9.79 -29.07
N LYS G 19 -26.75 -10.79 -29.71
CA LYS G 19 -28.09 -10.62 -30.26
C LYS G 19 -29.10 -11.01 -29.18
N GLU G 20 -30.30 -10.39 -29.21
CA GLU G 20 -31.41 -10.76 -28.33
C GLU G 20 -31.76 -12.26 -28.52
N SER G 21 -31.63 -12.77 -29.76
CA SER G 21 -31.91 -14.16 -30.12
C SER G 21 -30.79 -15.13 -29.75
N SER G 22 -29.62 -14.64 -29.34
CA SER G 22 -28.52 -15.51 -28.94
C SER G 22 -28.79 -16.08 -27.56
N THR G 23 -28.24 -17.26 -27.25
CA THR G 23 -28.51 -17.96 -26.00
C THR G 23 -27.53 -17.63 -24.86
N VAL G 24 -27.87 -18.05 -23.64
CA VAL G 24 -27.02 -17.91 -22.47
C VAL G 24 -25.72 -18.73 -22.68
N PHE G 25 -25.83 -19.90 -23.32
CA PHE G 25 -24.67 -20.74 -23.61
C PHE G 25 -23.72 -20.03 -24.57
N GLU G 26 -24.27 -19.37 -25.61
CA GLU G 26 -23.43 -18.64 -26.55
C GLU G 26 -22.68 -17.50 -25.87
N LEU G 27 -23.28 -16.88 -24.84
CA LEU G 27 -22.63 -15.83 -24.06
C LEU G 27 -21.50 -16.42 -23.20
N LYS G 28 -21.65 -17.68 -22.73
CA LYS G 28 -20.62 -18.41 -22.00
C LYS G 28 -19.41 -18.69 -22.90
N ARG G 29 -19.65 -18.95 -24.20
CA ARG G 29 -18.57 -19.16 -25.17
C ARG G 29 -17.76 -17.86 -25.34
N ILE G 30 -18.42 -16.68 -25.22
CA ILE G 30 -17.74 -15.39 -25.28
C ILE G 30 -16.82 -15.24 -24.08
N VAL G 31 -17.33 -15.53 -22.87
CA VAL G 31 -16.55 -15.48 -21.64
C VAL G 31 -15.37 -16.46 -21.71
N GLU G 32 -15.58 -17.65 -22.32
CA GLU G 32 -14.52 -18.63 -22.48
C GLU G 32 -13.35 -18.08 -23.26
N GLY G 33 -13.64 -17.40 -24.36
CA GLY G 33 -12.60 -16.81 -25.19
C GLY G 33 -11.79 -15.73 -24.50
N ILE G 34 -12.38 -15.07 -23.51
CA ILE G 34 -11.71 -13.99 -22.80
C ILE G 34 -11.01 -14.46 -21.50
N LEU G 35 -11.73 -15.14 -20.61
CA LEU G 35 -11.25 -15.59 -19.32
C LEU G 35 -10.74 -17.03 -19.26
N LYS G 36 -10.76 -17.75 -20.40
CA LYS G 36 -10.26 -19.11 -20.57
C LYS G 36 -10.90 -20.14 -19.63
N ARG G 37 -12.19 -19.98 -19.33
CA ARG G 37 -12.92 -20.93 -18.49
C ARG G 37 -14.04 -21.53 -19.34
N PRO G 38 -14.16 -22.86 -19.40
CA PRO G 38 -15.21 -23.46 -20.23
C PRO G 38 -16.62 -23.16 -19.74
N PRO G 39 -17.62 -23.21 -20.64
CA PRO G 39 -19.02 -22.96 -20.23
C PRO G 39 -19.53 -23.78 -19.03
N ASP G 40 -19.09 -25.06 -18.91
CA ASP G 40 -19.52 -25.91 -17.79
C ASP G 40 -18.92 -25.48 -16.43
N GLU G 41 -17.91 -24.61 -16.45
CA GLU G 41 -17.33 -24.06 -15.24
C GLU G 41 -17.77 -22.61 -14.98
N GLN G 42 -18.79 -22.09 -15.70
CA GLN G 42 -19.29 -20.71 -15.53
C GLN G 42 -20.77 -20.71 -15.14
N ARG G 43 -21.22 -19.65 -14.44
CA ARG G 43 -22.61 -19.51 -14.06
C ARG G 43 -23.02 -18.08 -14.36
N LEU G 44 -24.08 -17.87 -15.15
CA LEU G 44 -24.52 -16.54 -15.49
C LEU G 44 -25.82 -16.17 -14.83
N TYR G 45 -25.92 -14.94 -14.37
CA TYR G 45 -27.08 -14.50 -13.61
C TYR G 45 -27.65 -13.19 -14.07
N LYS G 46 -28.96 -13.01 -13.86
CA LYS G 46 -29.60 -11.74 -14.06
C LYS G 46 -30.05 -11.43 -12.66
N ASP G 47 -29.35 -10.54 -11.97
CA ASP G 47 -29.59 -10.24 -10.55
C ASP G 47 -29.21 -11.54 -9.76
N ASP G 48 -30.09 -12.07 -8.90
CA ASP G 48 -29.79 -13.32 -8.19
C ASP G 48 -30.29 -14.55 -8.92
N GLN G 49 -30.87 -14.41 -10.13
CA GLN G 49 -31.41 -15.55 -10.84
C GLN G 49 -30.43 -16.24 -11.75
N LEU G 50 -30.23 -17.54 -11.55
CA LEU G 50 -29.36 -18.34 -12.41
C LEU G 50 -30.03 -18.50 -13.77
N LEU G 51 -29.28 -18.29 -14.83
CA LEU G 51 -29.84 -18.34 -16.18
C LEU G 51 -29.57 -19.69 -16.83
N ASP G 52 -30.61 -20.22 -17.50
CA ASP G 52 -30.53 -21.49 -18.23
C ASP G 52 -29.83 -21.28 -19.56
N ASP G 53 -28.87 -22.17 -19.90
CA ASP G 53 -28.09 -22.13 -21.14
C ASP G 53 -28.93 -22.05 -22.41
N GLY G 54 -30.07 -22.71 -22.43
CA GLY G 54 -30.92 -22.74 -23.61
C GLY G 54 -31.76 -21.50 -23.83
N LYS G 55 -31.86 -20.62 -22.83
CA LYS G 55 -32.68 -19.42 -22.94
C LYS G 55 -32.00 -18.33 -23.73
N THR G 56 -32.78 -17.61 -24.55
CA THR G 56 -32.23 -16.48 -25.29
C THR G 56 -32.04 -15.30 -24.32
N LEU G 57 -31.22 -14.34 -24.71
CA LEU G 57 -30.98 -13.16 -23.88
C LEU G 57 -32.25 -12.32 -23.73
N GLY G 58 -33.05 -12.24 -24.81
CA GLY G 58 -34.34 -11.57 -24.80
C GLY G 58 -35.28 -12.20 -23.79
N GLU G 59 -35.30 -13.54 -23.72
CA GLU G 59 -36.11 -14.29 -22.76
C GLU G 59 -35.66 -14.01 -21.33
N CYS G 60 -34.34 -13.81 -21.14
CA CYS G 60 -33.76 -13.48 -19.85
C CYS G 60 -33.93 -11.99 -19.46
N GLY G 61 -34.65 -11.21 -20.26
CA GLY G 61 -34.88 -9.81 -19.97
C GLY G 61 -33.88 -8.84 -20.56
N PHE G 62 -32.89 -9.34 -21.33
CA PHE G 62 -31.89 -8.49 -21.98
C PHE G 62 -32.44 -8.09 -23.33
N THR G 63 -33.00 -6.88 -23.41
CA THR G 63 -33.63 -6.36 -24.61
C THR G 63 -32.92 -5.09 -25.08
N SER G 64 -33.13 -4.71 -26.34
CA SER G 64 -32.52 -3.48 -26.88
C SER G 64 -32.91 -2.25 -26.06
N GLN G 65 -34.13 -2.22 -25.53
CA GLN G 65 -34.60 -1.09 -24.72
C GLN G 65 -33.88 -0.97 -23.39
N THR G 66 -33.45 -2.09 -22.79
CA THR G 66 -32.80 -2.06 -21.48
C THR G 66 -31.33 -2.39 -21.46
N ALA G 67 -30.73 -2.77 -22.57
CA ALA G 67 -29.31 -3.13 -22.63
C ALA G 67 -28.71 -2.27 -23.73
N ARG G 68 -28.60 -0.97 -23.47
CA ARG G 68 -28.15 0.02 -24.43
C ARG G 68 -26.63 0.24 -24.45
N PRO G 69 -26.03 0.76 -25.56
CA PRO G 69 -24.57 0.96 -25.58
C PRO G 69 -24.09 1.89 -24.48
N GLN G 70 -24.81 2.98 -24.24
CA GLN G 70 -24.50 3.98 -23.22
C GLN G 70 -24.91 3.56 -21.79
N ALA G 71 -25.70 2.49 -21.65
CA ALA G 71 -26.15 2.00 -20.35
C ALA G 71 -26.38 0.49 -20.47
N PRO G 72 -25.28 -0.29 -20.51
CA PRO G 72 -25.41 -1.75 -20.71
C PRO G 72 -26.01 -2.48 -19.54
N ALA G 73 -26.66 -3.62 -19.81
CA ALA G 73 -27.25 -4.43 -18.75
C ALA G 73 -26.16 -5.26 -18.08
N THR G 74 -26.36 -5.57 -16.81
CA THR G 74 -25.39 -6.35 -16.06
C THR G 74 -25.74 -7.84 -16.03
N VAL G 75 -24.75 -8.68 -16.32
CA VAL G 75 -24.87 -10.12 -16.25
C VAL G 75 -23.85 -10.55 -15.22
N GLY G 76 -24.28 -11.24 -14.18
CA GLY G 76 -23.36 -11.71 -13.14
C GLY G 76 -22.66 -12.99 -13.54
N LEU G 77 -21.41 -13.17 -13.12
CA LEU G 77 -20.63 -14.35 -13.45
C LEU G 77 -20.00 -14.91 -12.19
N ALA G 78 -20.08 -16.25 -12.04
CA ALA G 78 -19.55 -17.06 -10.93
C ALA G 78 -18.85 -18.30 -11.54
N PHE G 79 -17.60 -18.58 -11.14
CA PHE G 79 -16.81 -19.71 -11.64
C PHE G 79 -16.86 -20.95 -10.73
N ARG G 80 -16.43 -22.12 -11.25
CA ARG G 80 -16.38 -23.34 -10.45
C ARG G 80 -14.98 -23.61 -9.91
N ASP G 82 -11.38 -27.57 -6.07
CA ASP G 82 -12.17 -26.70 -6.92
C ASP G 82 -13.45 -27.37 -7.48
N ASP G 83 -14.00 -28.30 -6.69
CA ASP G 83 -15.23 -29.07 -6.94
C ASP G 83 -16.52 -28.25 -7.08
N THR G 84 -16.66 -27.12 -6.35
CA THR G 84 -17.94 -26.38 -6.35
C THR G 84 -17.86 -24.95 -6.85
N PHE G 85 -19.01 -24.40 -7.30
CA PHE G 85 -19.10 -23.02 -7.76
C PHE G 85 -18.99 -22.07 -6.59
N GLU G 86 -18.39 -20.91 -6.84
CA GLU G 86 -18.27 -19.87 -5.84
C GLU G 86 -19.59 -19.06 -5.78
N ALA G 87 -19.78 -18.29 -4.69
CA ALA G 87 -20.95 -17.42 -4.55
C ALA G 87 -20.82 -16.24 -5.55
N LEU G 88 -21.95 -15.76 -6.09
CA LEU G 88 -21.95 -14.64 -7.01
C LEU G 88 -21.54 -13.39 -6.22
N CYS G 89 -20.43 -12.77 -6.60
CA CYS G 89 -19.94 -11.57 -5.92
C CYS G 89 -19.50 -10.58 -6.93
N ILE G 90 -19.97 -9.34 -6.81
CA ILE G 90 -19.63 -8.25 -7.70
C ILE G 90 -19.18 -7.04 -6.88
N GLU G 91 -17.90 -6.66 -7.01
CA GLU G 91 -17.39 -5.49 -6.30
C GLU G 91 -17.98 -4.27 -6.98
N PRO G 92 -18.63 -3.39 -6.22
CA PRO G 92 -19.19 -2.20 -6.83
C PRO G 92 -18.10 -1.24 -7.26
N PHE G 93 -18.44 -0.32 -8.15
CA PHE G 93 -17.51 0.71 -8.57
C PHE G 93 -17.25 1.65 -7.40
N SER G 94 -16.20 2.48 -7.51
CA SER G 94 -15.85 3.44 -6.48
C SER G 94 -16.96 4.50 -6.33
N SER G 95 -17.04 5.11 -5.15
CA SER G 95 -18.04 6.13 -4.87
C SER G 95 -17.50 7.47 -5.36
N PRO G 96 -18.32 8.22 -6.09
CA PRO G 96 -17.91 9.55 -6.52
C PRO G 96 -17.81 10.49 -5.32
N PRO G 97 -17.00 11.55 -5.42
CA PRO G 97 -16.93 12.52 -4.30
C PRO G 97 -18.22 13.33 -4.21
N GLU G 98 -18.40 14.04 -3.07
CA GLU G 98 -19.55 14.91 -2.86
C GLU G 98 -19.52 16.03 -3.88
N LEU G 99 -20.70 16.45 -4.34
CA LEU G 99 -20.79 17.56 -5.31
C LEU G 99 -20.22 18.85 -4.71
N PRO G 100 -19.39 19.57 -5.47
CA PRO G 100 -18.89 20.86 -4.97
C PRO G 100 -20.04 21.84 -4.71
N ASP G 101 -19.82 22.83 -3.84
CA ASP G 101 -20.83 23.84 -3.51
C ASP G 101 -21.33 24.56 -4.75
N VAL G 102 -20.43 24.87 -5.69
CA VAL G 102 -20.78 25.56 -6.94
C VAL G 102 -21.64 24.71 -7.91
N MET G 103 -21.85 23.43 -7.61
CA MET G 103 -22.68 22.54 -8.42
C MET G 103 -24.01 22.17 -7.75
N LYS G 104 -24.21 22.56 -6.48
CA LYS G 104 -25.46 22.28 -5.77
C LYS G 104 -26.38 23.54 -5.83
N MET H 1 -12.59 -12.06 -32.00
CA MET H 1 -12.47 -10.67 -31.52
C MET H 1 -11.31 -10.52 -30.49
N MET H 2 -10.41 -9.53 -30.68
CA MET H 2 -9.30 -9.29 -29.74
C MET H 2 -9.72 -8.32 -28.64
N TYR H 3 -9.29 -8.57 -27.40
CA TYR H 3 -9.68 -7.72 -26.28
C TYR H 3 -8.48 -7.11 -25.54
N VAL H 4 -8.71 -5.95 -24.89
CA VAL H 4 -7.71 -5.25 -24.09
C VAL H 4 -8.26 -5.04 -22.67
N LYS H 5 -7.36 -4.92 -21.69
CA LYS H 5 -7.76 -4.71 -20.31
C LYS H 5 -7.37 -3.30 -19.88
N LEU H 6 -8.33 -2.53 -19.36
CA LEU H 6 -8.10 -1.18 -18.87
C LEU H 6 -8.33 -1.28 -17.37
N ILE H 7 -7.29 -1.03 -16.58
CA ILE H 7 -7.39 -1.14 -15.13
C ILE H 7 -7.53 0.22 -14.49
N SER H 8 -8.52 0.35 -13.59
CA SER H 8 -8.76 1.63 -12.92
C SER H 8 -7.78 1.85 -11.75
N SER H 9 -7.74 3.07 -11.20
CA SER H 9 -6.87 3.39 -10.07
C SER H 9 -7.20 2.55 -8.85
N ASP H 10 -8.48 2.17 -8.67
CA ASP H 10 -8.90 1.32 -7.58
C ASP H 10 -8.86 -0.18 -7.91
N GLY H 11 -8.28 -0.53 -9.05
CA GLY H 11 -8.03 -1.92 -9.42
C GLY H 11 -9.09 -2.67 -10.19
N HIS H 12 -10.16 -1.99 -10.62
CA HIS H 12 -11.19 -2.67 -11.39
C HIS H 12 -10.63 -2.94 -12.78
N GLU H 13 -10.79 -4.16 -13.27
CA GLU H 13 -10.31 -4.53 -14.59
C GLU H 13 -11.44 -4.52 -15.60
N PHE H 14 -11.36 -3.67 -16.59
CA PHE H 14 -12.39 -3.59 -17.63
C PHE H 14 -11.88 -4.19 -18.93
N ILE H 15 -12.54 -5.24 -19.41
CA ILE H 15 -12.17 -5.88 -20.65
C ILE H 15 -13.09 -5.41 -21.76
N VAL H 16 -12.54 -4.61 -22.67
CA VAL H 16 -13.28 -4.07 -23.80
C VAL H 16 -12.68 -4.52 -25.13
N LYS H 17 -13.46 -4.43 -26.23
CA LYS H 17 -12.98 -4.80 -27.56
C LYS H 17 -11.78 -3.91 -27.95
N ARG H 18 -10.81 -4.47 -28.67
CA ARG H 18 -9.65 -3.71 -29.10
C ARG H 18 -10.04 -2.52 -29.97
N GLU H 19 -10.93 -2.77 -30.95
CA GLU H 19 -11.45 -1.75 -31.87
C GLU H 19 -12.10 -0.61 -31.09
N HIS H 20 -12.86 -0.92 -30.05
CA HIS H 20 -13.51 0.08 -29.22
C HIS H 20 -12.51 0.92 -28.41
N ALA H 21 -11.50 0.29 -27.83
CA ALA H 21 -10.48 1.00 -27.06
C ALA H 21 -9.68 1.95 -27.94
N LEU H 22 -9.48 1.60 -29.22
CA LEU H 22 -8.77 2.46 -30.17
C LEU H 22 -9.52 3.76 -30.52
N THR H 23 -10.73 3.98 -29.94
CA THR H 23 -11.46 5.24 -30.06
C THR H 23 -10.59 6.37 -29.46
N SER H 24 -9.94 6.08 -28.34
CA SER H 24 -9.03 7.00 -27.70
C SER H 24 -7.70 6.86 -28.42
N GLY H 25 -7.20 7.95 -28.96
CA GLY H 25 -5.88 7.95 -29.60
C GLY H 25 -4.79 7.79 -28.57
N THR H 26 -5.06 8.22 -27.31
CA THR H 26 -4.16 8.08 -26.19
C THR H 26 -3.96 6.59 -25.92
N ILE H 27 -5.04 5.80 -25.90
CA ILE H 27 -4.97 4.36 -25.69
C ILE H 27 -4.24 3.70 -26.86
N LYS H 28 -4.53 4.15 -28.09
CA LYS H 28 -3.86 3.64 -29.29
C LYS H 28 -2.32 3.81 -29.17
N ALA H 29 -1.85 4.93 -28.56
CA ALA H 29 -0.42 5.18 -28.34
C ALA H 29 0.16 4.26 -27.26
N MET H 30 -0.55 4.09 -26.13
CA MET H 30 -0.13 3.22 -25.02
C MET H 30 0.00 1.76 -25.46
N LEU H 31 -0.83 1.32 -26.41
CA LEU H 31 -0.79 -0.05 -26.90
C LEU H 31 0.31 -0.23 -27.96
N SER H 32 0.61 0.83 -28.75
CA SER H 32 1.67 0.81 -29.76
C SER H 32 3.09 0.97 -29.20
N GLY H 33 3.19 1.38 -27.93
CA GLY H 33 4.48 1.57 -27.25
C GLY H 33 4.51 0.90 -25.89
N THR H 42 1.26 -5.80 -24.32
CA THR H 42 0.74 -6.75 -23.33
C THR H 42 -0.82 -6.74 -23.23
N ASN H 43 -1.49 -5.85 -24.02
CA ASN H 43 -2.95 -5.66 -24.03
C ASN H 43 -3.50 -5.28 -22.66
N GLU H 44 -2.69 -4.57 -21.88
CA GLU H 44 -3.08 -4.12 -20.54
C GLU H 44 -2.66 -2.68 -20.37
N VAL H 45 -3.56 -1.84 -19.87
CA VAL H 45 -3.25 -0.44 -19.61
C VAL H 45 -3.69 -0.08 -18.21
N ASN H 46 -2.78 0.45 -17.39
CA ASN H 46 -3.12 0.87 -16.04
C ASN H 46 -3.36 2.36 -15.97
N PHE H 47 -4.46 2.79 -15.34
CA PHE H 47 -4.77 4.20 -15.18
C PHE H 47 -4.79 4.52 -13.71
N ARG H 48 -3.63 4.85 -13.14
CA ARG H 48 -3.53 5.14 -11.71
C ARG H 48 -4.28 6.42 -11.28
N GLU H 49 -4.80 7.20 -12.22
CA GLU H 49 -5.52 8.44 -11.88
C GLU H 49 -7.01 8.39 -12.20
N ILE H 50 -7.50 7.34 -12.86
CA ILE H 50 -8.90 7.24 -13.24
C ILE H 50 -9.62 6.18 -12.40
N PRO H 51 -10.51 6.60 -11.49
CA PRO H 51 -11.24 5.61 -10.68
C PRO H 51 -12.29 4.85 -11.48
N SER H 52 -12.75 3.70 -10.96
CA SER H 52 -13.71 2.82 -11.65
C SER H 52 -15.05 3.47 -11.98
N HIS H 53 -15.56 4.36 -11.10
CA HIS H 53 -16.81 5.05 -11.40
C HIS H 53 -16.69 5.97 -12.62
N VAL H 54 -15.45 6.32 -13.04
CA VAL H 54 -15.17 7.10 -14.22
C VAL H 54 -14.78 6.18 -15.39
N LEU H 55 -13.80 5.28 -15.19
CA LEU H 55 -13.33 4.38 -16.24
C LEU H 55 -14.45 3.50 -16.80
N SER H 56 -15.41 3.06 -15.95
CA SER H 56 -16.54 2.27 -16.45
C SER H 56 -17.35 3.08 -17.45
N LYS H 57 -17.53 4.37 -17.17
CA LYS H 57 -18.29 5.28 -18.02
C LYS H 57 -17.56 5.59 -19.33
N VAL H 58 -16.20 5.64 -19.28
CA VAL H 58 -15.37 5.81 -20.45
C VAL H 58 -15.60 4.62 -21.42
N CYS H 59 -15.64 3.40 -20.87
CA CYS H 59 -15.88 2.20 -21.64
C CYS H 59 -17.27 2.22 -22.27
N MET H 60 -18.26 2.77 -21.54
CA MET H 60 -19.61 2.89 -22.08
C MET H 60 -19.60 3.86 -23.26
N TYR H 61 -18.80 4.95 -23.17
CA TYR H 61 -18.68 5.89 -24.26
C TYR H 61 -18.12 5.23 -25.52
N PHE H 62 -17.08 4.39 -25.39
CA PHE H 62 -16.48 3.68 -26.54
C PHE H 62 -17.54 2.87 -27.31
N THR H 63 -18.37 2.13 -26.58
CA THR H 63 -19.42 1.31 -27.16
C THR H 63 -20.42 2.20 -27.89
N TYR H 64 -20.85 3.28 -27.22
CA TYR H 64 -21.78 4.26 -27.73
C TYR H 64 -21.25 4.89 -29.02
N LYS H 65 -19.98 5.28 -29.04
CA LYS H 65 -19.33 5.91 -30.17
C LYS H 65 -19.24 4.97 -31.35
N VAL H 66 -18.79 3.73 -31.13
CA VAL H 66 -18.67 2.76 -32.21
C VAL H 66 -20.06 2.45 -32.80
N ARG H 67 -21.07 2.32 -31.93
CA ARG H 67 -22.41 2.02 -32.37
C ARG H 67 -23.07 3.16 -33.17
N TYR H 68 -23.00 4.40 -32.66
CA TYR H 68 -23.71 5.51 -33.28
C TYR H 68 -22.93 6.37 -34.26
N THR H 69 -21.62 6.15 -34.48
CA THR H 69 -20.87 6.96 -35.44
C THR H 69 -21.29 6.65 -36.88
N ASN H 70 -21.67 7.68 -37.63
CA ASN H 70 -22.13 7.54 -39.02
C ASN H 70 -23.49 6.85 -39.14
N SER H 71 -24.29 6.87 -38.07
CA SER H 71 -25.60 6.21 -38.09
C SER H 71 -26.68 7.14 -38.63
N SER H 72 -27.58 6.59 -39.43
CA SER H 72 -28.71 7.34 -39.99
C SER H 72 -29.80 7.49 -38.90
N THR H 73 -30.00 6.41 -38.11
CA THR H 73 -30.98 6.33 -37.01
C THR H 73 -30.83 7.45 -35.96
N GLU H 74 -31.87 7.65 -35.13
CA GLU H 74 -31.89 8.64 -34.07
C GLU H 74 -30.83 8.28 -33.06
N ILE H 75 -30.02 9.26 -32.66
CA ILE H 75 -28.95 9.06 -31.69
C ILE H 75 -29.43 9.49 -30.32
N PRO H 76 -29.32 8.61 -29.33
CA PRO H 76 -29.72 9.01 -27.97
C PRO H 76 -28.63 9.85 -27.29
N GLU H 77 -29.02 10.59 -26.25
CA GLU H 77 -28.11 11.39 -25.46
C GLU H 77 -27.16 10.49 -24.68
N PHE H 78 -25.90 10.87 -24.55
CA PHE H 78 -24.98 10.09 -23.71
C PHE H 78 -25.16 10.62 -22.29
N PRO H 79 -25.62 9.79 -21.36
CA PRO H 79 -25.89 10.30 -20.00
C PRO H 79 -24.68 10.40 -19.09
N ILE H 80 -24.61 11.46 -18.30
CA ILE H 80 -23.52 11.67 -17.36
C ILE H 80 -24.08 12.19 -16.01
N ALA H 81 -23.92 11.42 -14.93
CA ALA H 81 -24.38 11.85 -13.61
C ALA H 81 -23.60 13.08 -13.17
N PRO H 82 -24.28 14.08 -12.58
CA PRO H 82 -23.56 15.28 -12.13
C PRO H 82 -22.32 14.99 -11.27
N GLU H 83 -22.42 13.95 -10.41
CA GLU H 83 -21.37 13.55 -9.48
C GLU H 83 -20.08 13.07 -10.13
N ILE H 84 -20.16 12.60 -11.38
CA ILE H 84 -18.96 12.12 -12.05
C ILE H 84 -18.44 13.05 -13.15
N ALA H 85 -19.26 14.04 -13.56
CA ALA H 85 -18.93 14.95 -14.65
C ALA H 85 -17.52 15.55 -14.59
N LEU H 86 -17.10 16.09 -13.44
CA LEU H 86 -15.78 16.73 -13.33
C LEU H 86 -14.62 15.76 -13.57
N GLU H 87 -14.69 14.57 -12.97
CA GLU H 87 -13.66 13.57 -13.13
C GLU H 87 -13.66 12.99 -14.53
N LEU H 88 -14.86 12.80 -15.10
CA LEU H 88 -14.99 12.25 -16.45
C LEU H 88 -14.42 13.25 -17.46
N LEU H 89 -14.59 14.55 -17.24
CA LEU H 89 -14.03 15.58 -18.11
C LEU H 89 -12.50 15.45 -18.17
N MET H 90 -11.87 15.27 -16.99
CA MET H 90 -10.42 15.15 -16.90
C MET H 90 -9.90 13.87 -17.57
N ALA H 91 -10.65 12.79 -17.43
CA ALA H 91 -10.27 11.53 -18.04
C ALA H 91 -10.40 11.63 -19.56
N ALA H 92 -11.53 12.20 -20.05
CA ALA H 92 -11.78 12.36 -21.48
C ALA H 92 -10.73 13.25 -22.13
N ASN H 93 -10.25 14.26 -21.40
CA ASN H 93 -9.25 15.18 -21.91
C ASN H 93 -7.92 14.44 -22.08
N PHE H 94 -7.57 13.55 -21.14
CA PHE H 94 -6.32 12.78 -21.26
C PHE H 94 -6.43 11.77 -22.39
N LEU H 95 -7.60 11.11 -22.49
CA LEU H 95 -7.83 10.07 -23.47
C LEU H 95 -8.03 10.57 -24.90
N ASP H 96 -8.33 11.87 -25.07
CA ASP H 96 -8.54 12.46 -26.39
C ASP H 96 -9.68 11.78 -27.13
N CYS H 97 -10.83 11.63 -26.45
CA CYS H 97 -11.99 11.00 -27.06
C CYS H 97 -13.28 11.80 -26.76
N PRO I 10 -18.90 37.40 -48.79
CA PRO I 10 -19.49 36.38 -47.90
C PRO I 10 -19.60 35.00 -48.54
N VAL I 11 -18.82 34.01 -48.06
CA VAL I 11 -18.90 32.66 -48.63
C VAL I 11 -20.15 31.92 -48.12
N LEU I 12 -20.27 31.69 -46.80
CA LEU I 12 -21.43 30.98 -46.24
C LEU I 12 -22.63 31.91 -46.09
N ARG I 13 -23.53 31.90 -47.07
CA ARG I 13 -24.72 32.78 -47.09
C ARG I 13 -25.79 32.25 -48.04
N SER I 14 -27.05 32.71 -47.86
CA SER I 14 -28.12 32.25 -48.73
C SER I 14 -28.13 32.93 -50.08
N VAL I 15 -28.47 32.19 -51.12
CA VAL I 15 -28.60 32.75 -52.46
C VAL I 15 -30.00 33.33 -52.56
N ASN I 16 -30.16 34.55 -53.10
CA ASN I 16 -31.49 35.14 -53.27
C ASN I 16 -32.13 34.57 -54.53
N SER I 17 -32.52 33.29 -54.46
CA SER I 17 -33.08 32.60 -55.61
C SER I 17 -34.53 33.01 -55.88
N ARG I 18 -35.29 33.28 -54.81
CA ARG I 18 -36.72 33.58 -54.86
C ARG I 18 -37.52 32.37 -55.40
N GLU I 19 -36.96 31.15 -55.26
CA GLU I 19 -37.61 29.94 -55.69
C GLU I 19 -38.10 29.24 -54.45
N PRO I 20 -39.42 29.22 -54.15
CA PRO I 20 -39.87 28.57 -52.91
C PRO I 20 -39.52 27.10 -52.83
N SER I 21 -39.25 26.64 -51.63
CA SER I 21 -38.92 25.25 -51.36
C SER I 21 -39.51 24.92 -50.00
N GLN I 22 -40.38 23.90 -49.95
CA GLN I 22 -40.97 23.50 -48.69
C GLN I 22 -40.12 22.46 -48.02
N VAL I 23 -39.91 22.61 -46.72
CA VAL I 23 -39.06 21.70 -45.95
C VAL I 23 -39.79 21.18 -44.74
N ILE I 24 -39.48 19.95 -44.29
CA ILE I 24 -39.97 19.45 -43.03
C ILE I 24 -38.79 19.48 -42.05
N PHE I 25 -38.82 20.38 -41.05
CA PHE I 25 -37.79 20.39 -40.02
C PHE I 25 -38.25 19.30 -39.06
N CAS I 26 -37.51 18.18 -38.95
CA CAS I 26 -37.89 17.09 -38.07
CB CAS I 26 -38.04 15.90 -39.01
C CAS I 26 -36.85 16.88 -36.95
O CAS I 26 -35.75 16.40 -37.21
SG CAS I 26 -38.30 14.37 -38.09
AS CAS I 26 -40.45 14.60 -37.44
CE1 CAS I 26 -40.26 14.24 -35.47
CE2 CAS I 26 -41.49 13.12 -38.29
N ASN I 27 -37.21 17.26 -35.73
CA ASN I 27 -36.33 17.17 -34.56
C ASN I 27 -36.27 15.76 -34.02
N ARG I 28 -35.30 14.96 -34.49
CA ARG I 28 -35.08 13.61 -34.00
C ARG I 28 -33.96 13.63 -32.95
N SER I 29 -34.03 14.60 -32.04
CA SER I 29 -33.08 14.79 -30.95
C SER I 29 -33.86 15.06 -29.65
N PRO I 30 -33.22 14.88 -28.49
CA PRO I 30 -33.92 15.20 -27.24
C PRO I 30 -33.71 16.67 -26.82
N ARG I 31 -33.16 17.52 -27.70
CA ARG I 31 -32.92 18.91 -27.38
C ARG I 31 -34.00 19.80 -27.98
N VAL I 32 -34.16 21.01 -27.43
CA VAL I 32 -35.04 22.01 -28.01
C VAL I 32 -34.19 22.58 -29.13
N VAL I 33 -34.68 22.51 -30.36
CA VAL I 33 -33.91 22.94 -31.52
C VAL I 33 -34.16 24.39 -31.89
N LEU I 34 -33.08 25.11 -32.17
CA LEU I 34 -33.08 26.49 -32.68
C LEU I 34 -32.60 26.44 -34.12
N PRO I 35 -33.53 26.56 -35.09
CA PRO I 35 -33.11 26.63 -36.51
C PRO I 35 -32.54 28.02 -36.78
N VAL I 36 -31.42 28.08 -37.52
CA VAL I 36 -30.76 29.34 -37.80
C VAL I 36 -30.65 29.50 -39.30
N TRP I 37 -31.11 30.63 -39.83
CA TRP I 37 -31.06 30.88 -41.25
C TRP I 37 -29.91 31.81 -41.54
N LEU I 38 -29.02 31.45 -42.48
CA LEU I 38 -27.94 32.38 -42.84
C LEU I 38 -28.51 33.31 -43.90
N ASN I 39 -28.72 34.57 -43.53
CA ASN I 39 -29.29 35.55 -44.44
C ASN I 39 -28.33 35.89 -45.61
N PHE I 40 -28.72 36.86 -46.44
CA PHE I 40 -28.06 37.31 -47.65
C PHE I 40 -26.70 37.94 -47.44
N ASP I 41 -26.40 38.39 -46.20
CA ASP I 41 -25.07 38.90 -45.87
C ASP I 41 -24.23 37.86 -45.09
N GLY I 42 -24.76 36.67 -44.87
CA GLY I 42 -24.13 35.61 -44.10
C GLY I 42 -24.38 35.72 -42.60
N GLU I 43 -25.35 36.57 -42.19
CA GLU I 43 -25.66 36.79 -40.79
C GLU I 43 -26.67 35.77 -40.29
N PRO I 44 -26.32 35.04 -39.21
CA PRO I 44 -27.27 34.05 -38.68
C PRO I 44 -28.51 34.73 -38.12
N GLN I 45 -29.67 34.22 -38.51
CA GLN I 45 -30.96 34.75 -38.14
C GLN I 45 -31.75 33.61 -37.47
N PRO I 46 -32.01 33.70 -36.16
CA PRO I 46 -32.72 32.62 -35.47
C PRO I 46 -34.20 32.56 -35.82
N TYR I 47 -34.76 31.34 -35.82
CA TYR I 47 -36.17 31.08 -36.14
C TYR I 47 -36.91 30.40 -34.96
N PRO I 48 -38.26 30.31 -34.96
CA PRO I 48 -38.95 29.67 -33.83
C PRO I 48 -38.41 28.28 -33.48
N THR I 49 -38.29 28.01 -32.18
CA THR I 49 -37.74 26.74 -31.71
C THR I 49 -38.69 25.57 -31.91
N LEU I 50 -38.13 24.35 -31.88
CA LEU I 50 -38.87 23.10 -32.00
C LEU I 50 -38.63 22.26 -30.75
N PRO I 51 -39.68 21.90 -30.02
CA PRO I 51 -39.51 21.01 -28.87
C PRO I 51 -38.99 19.63 -29.33
N PRO I 52 -38.32 18.86 -28.43
CA PRO I 52 -37.81 17.54 -28.82
C PRO I 52 -38.87 16.62 -29.42
N GLY I 53 -38.44 15.82 -30.39
CA GLY I 53 -39.32 14.86 -31.07
C GLY I 53 -40.47 15.44 -31.89
N THR I 54 -40.41 16.73 -32.24
CA THR I 54 -41.49 17.36 -33.02
C THR I 54 -41.05 17.74 -34.45
N GLY I 55 -42.01 17.90 -35.34
CA GLY I 55 -41.74 18.28 -36.71
C GLY I 55 -42.56 19.49 -37.10
N ARG I 56 -42.04 20.30 -38.03
CA ARG I 56 -42.74 21.48 -38.51
C ARG I 56 -42.60 21.54 -40.01
N ARG I 57 -43.68 21.86 -40.71
CA ARG I 57 -43.62 22.06 -42.16
C ARG I 57 -43.37 23.54 -42.37
N ILE I 58 -42.25 23.90 -43.00
CA ILE I 58 -41.85 25.28 -43.16
C ILE I 58 -41.61 25.70 -44.61
N HIS I 59 -41.74 27.00 -44.87
CA HIS I 59 -41.51 27.53 -46.21
C HIS I 59 -40.17 28.26 -46.31
N SER I 60 -39.24 27.68 -47.04
CA SER I 60 -37.95 28.28 -47.27
C SER I 60 -37.74 28.48 -48.79
N TYR I 61 -36.50 28.65 -49.26
CA TYR I 61 -36.22 28.88 -50.68
C TYR I 61 -35.01 28.07 -51.11
N ARG I 62 -34.90 27.81 -52.41
CA ARG I 62 -33.80 27.01 -52.96
C ARG I 62 -32.49 27.78 -52.84
N GLY I 63 -31.47 27.10 -52.34
CA GLY I 63 -30.16 27.73 -52.20
C GLY I 63 -29.93 28.45 -50.89
N HIS I 64 -30.90 28.41 -49.97
CA HIS I 64 -30.71 29.04 -48.67
C HIS I 64 -29.95 28.09 -47.74
N LEU I 65 -29.15 28.62 -46.82
CA LEU I 65 -28.39 27.80 -45.89
C LEU I 65 -29.08 27.87 -44.57
N TRP I 66 -29.11 26.73 -43.86
CA TRP I 66 -29.67 26.59 -42.54
C TRP I 66 -28.73 25.75 -41.67
N LEU I 67 -28.63 26.07 -40.39
CA LEU I 67 -27.92 25.25 -39.40
C LEU I 67 -28.80 25.12 -38.17
N PHE I 68 -28.53 24.11 -37.31
CA PHE I 68 -29.43 23.82 -36.19
C PHE I 68 -28.65 23.69 -34.91
N ARG I 69 -29.16 24.33 -33.85
CA ARG I 69 -28.49 24.36 -32.55
C ARG I 69 -29.41 23.99 -31.40
N ASP I 70 -28.84 23.66 -30.21
CA ASP I 70 -29.67 23.49 -29.01
C ASP I 70 -30.06 24.93 -28.64
N ALA I 71 -31.36 25.23 -28.53
CA ALA I 71 -31.82 26.60 -28.28
C ALA I 71 -31.35 27.21 -26.97
N GLY I 72 -31.06 26.38 -25.98
CA GLY I 72 -30.64 26.87 -24.68
C GLY I 72 -29.14 27.03 -24.51
N THR I 73 -28.36 26.11 -25.08
CA THR I 73 -26.91 26.10 -24.89
C THR I 73 -26.08 26.42 -26.13
N HIS I 74 -26.70 26.39 -27.31
CA HIS I 74 -26.08 26.62 -28.61
C HIS I 74 -25.19 25.46 -29.07
N ASP I 75 -25.31 24.27 -28.46
CA ASP I 75 -24.56 23.07 -28.85
C ASP I 75 -24.88 22.72 -30.30
N GLY I 76 -23.89 22.24 -31.03
CA GLY I 76 -24.04 21.90 -32.43
C GLY I 76 -24.89 20.67 -32.66
N LEU I 77 -25.78 20.76 -33.66
CA LEU I 77 -26.60 19.61 -34.03
C LEU I 77 -26.35 19.27 -35.49
N LEU I 78 -26.72 18.04 -35.90
CA LEU I 78 -26.57 17.65 -37.30
C LEU I 78 -27.89 17.73 -38.02
N VAL I 79 -27.86 18.00 -39.31
CA VAL I 79 -29.07 18.00 -40.14
C VAL I 79 -28.76 17.14 -41.35
N ASN I 80 -29.48 16.02 -41.52
CA ASN I 80 -29.21 15.07 -42.60
C ASN I 80 -27.75 14.57 -42.55
N GLN I 81 -27.26 14.34 -41.32
CA GLN I 81 -25.93 13.84 -40.97
C GLN I 81 -24.79 14.79 -41.29
N THR I 82 -25.08 16.07 -41.54
CA THR I 82 -24.03 17.02 -41.83
C THR I 82 -24.29 18.39 -41.11
N GLU I 83 -23.41 19.37 -41.27
CA GLU I 83 -23.53 20.64 -40.58
C GLU I 83 -24.56 21.61 -41.14
N LEU I 84 -24.62 21.74 -42.48
CA LEU I 84 -25.53 22.71 -43.09
C LEU I 84 -26.57 22.05 -43.97
N PHE I 85 -27.73 22.69 -44.09
CA PHE I 85 -28.81 22.18 -44.91
C PHE I 85 -29.21 23.23 -45.93
N VAL I 86 -29.29 22.82 -47.19
CA VAL I 86 -29.68 23.69 -48.28
C VAL I 86 -30.92 23.13 -48.94
N PRO I 87 -32.09 23.82 -48.79
CA PRO I 87 -33.31 23.32 -49.46
C PRO I 87 -33.11 23.25 -50.96
N SER I 88 -33.67 22.23 -51.58
CA SER I 88 -33.57 22.06 -53.03
C SER I 88 -34.98 21.98 -53.69
N LEU I 89 -35.03 21.87 -55.01
CA LEU I 89 -36.28 21.77 -55.76
C LEU I 89 -37.19 20.66 -55.27
N ASN I 90 -38.49 20.95 -55.14
CA ASN I 90 -39.50 19.98 -54.72
C ASN I 90 -40.05 19.19 -55.91
N VAL I 91 -39.60 17.94 -56.09
CA VAL I 91 -40.09 17.09 -57.18
C VAL I 91 -41.49 16.60 -56.82
N ASP I 92 -42.49 16.86 -57.70
CA ASP I 92 -43.89 16.47 -57.51
C ASP I 92 -44.51 17.09 -56.24
N GLY I 93 -44.03 18.27 -55.86
CA GLY I 93 -44.51 18.96 -54.66
C GLY I 93 -44.13 18.32 -53.34
N GLN I 94 -43.28 17.27 -53.36
CA GLN I 94 -42.83 16.60 -52.13
C GLN I 94 -41.96 17.55 -51.36
N PRO I 95 -42.22 17.78 -50.06
CA PRO I 95 -41.32 18.65 -49.28
C PRO I 95 -40.00 17.93 -48.97
N ILE I 96 -38.97 18.70 -48.69
CA ILE I 96 -37.64 18.16 -48.43
C ILE I 96 -37.46 17.90 -46.96
N PHE I 97 -37.05 16.70 -46.58
CA PHE I 97 -36.86 16.40 -45.17
C PHE I 97 -35.51 16.89 -44.67
N ALA I 98 -35.52 17.59 -43.52
CA ALA I 98 -34.32 18.05 -42.83
C ALA I 98 -34.33 17.37 -41.46
N ASN I 99 -33.70 16.18 -41.37
CA ASN I 99 -33.64 15.39 -40.13
C ASN I 99 -32.57 15.88 -39.18
N ILE I 100 -33.00 16.54 -38.13
CA ILE I 100 -32.12 17.10 -37.13
C ILE I 100 -31.84 16.03 -36.10
N THR I 101 -30.57 15.75 -35.82
CA THR I 101 -30.18 14.72 -34.85
C THR I 101 -29.01 15.21 -34.01
N LEU I 102 -28.77 14.56 -32.87
CA LEU I 102 -27.59 14.84 -32.08
C LEU I 102 -26.41 14.26 -32.82
N PRO I 103 -25.27 14.95 -32.85
CA PRO I 103 -24.05 14.30 -33.33
C PRO I 103 -23.51 13.37 -32.22
N VAL I 104 -22.51 12.53 -32.54
CA VAL I 104 -21.83 11.73 -31.53
C VAL I 104 -20.81 12.69 -30.98
N TYR I 105 -21.13 13.46 -29.92
CA TYR I 105 -20.17 14.42 -29.37
C TYR I 105 -18.96 13.68 -28.82
N THR I 106 -17.79 14.35 -28.76
CA THR I 106 -16.64 13.75 -28.05
C THR I 106 -17.05 13.67 -26.55
N LEU I 107 -16.45 12.74 -25.80
CA LEU I 107 -16.73 12.61 -24.38
C LEU I 107 -16.36 13.90 -23.65
N LYS I 108 -15.25 14.55 -24.07
CA LYS I 108 -14.81 15.82 -23.50
C LYS I 108 -15.90 16.89 -23.68
N GLU I 109 -16.43 17.04 -24.91
CA GLU I 109 -17.45 18.05 -25.16
C GLU I 109 -18.73 17.75 -24.41
N ARG I 110 -19.11 16.48 -24.34
CA ARG I 110 -20.29 16.09 -23.60
C ARG I 110 -20.15 16.42 -22.10
N CYS I 111 -18.96 16.15 -21.55
CA CYS I 111 -18.63 16.50 -20.17
C CYS I 111 -18.71 18.01 -19.95
N LEU I 112 -18.16 18.81 -20.89
CA LEU I 112 -18.22 20.26 -20.80
C LEU I 112 -19.68 20.75 -20.79
N GLN I 113 -20.56 20.15 -21.60
CA GLN I 113 -21.98 20.53 -21.63
C GLN I 113 -22.64 20.25 -20.25
N VAL I 114 -22.37 19.08 -19.65
CA VAL I 114 -22.95 18.74 -18.36
C VAL I 114 -22.44 19.68 -17.25
N VAL I 115 -21.13 19.99 -17.25
CA VAL I 115 -20.58 20.90 -16.24
C VAL I 115 -21.18 22.31 -16.41
N ARG I 116 -21.20 22.85 -17.63
CA ARG I 116 -21.80 24.17 -17.89
C ARG I 116 -23.28 24.21 -17.46
N SER I 117 -23.99 23.08 -17.57
CA SER I 117 -25.39 23.03 -17.17
C SER I 117 -25.59 23.05 -15.64
N LEU I 118 -24.55 22.69 -14.88
CA LEU I 118 -24.63 22.64 -13.43
C LEU I 118 -23.98 23.84 -12.74
N VAL I 119 -23.00 24.49 -13.40
CA VAL I 119 -22.26 25.58 -12.77
C VAL I 119 -22.51 26.90 -13.46
N LYS I 120 -22.83 27.95 -12.70
CA LYS I 120 -23.02 29.29 -13.29
C LYS I 120 -21.66 29.79 -13.80
N PRO I 121 -21.61 30.49 -14.93
CA PRO I 121 -20.32 30.96 -15.46
C PRO I 121 -19.43 31.72 -14.47
N GLU I 122 -20.04 32.39 -13.49
CA GLU I 122 -19.36 33.14 -12.44
C GLU I 122 -18.45 32.22 -11.61
N ASN I 123 -18.90 30.96 -11.39
CA ASN I 123 -18.22 29.97 -10.57
C ASN I 123 -17.36 28.95 -11.30
N TYR I 124 -17.04 29.15 -12.59
CA TYR I 124 -16.18 28.19 -13.31
C TYR I 124 -14.79 28.17 -12.66
N ARG I 125 -14.24 29.35 -12.34
CA ARG I 125 -12.92 29.48 -11.72
C ARG I 125 -12.85 28.89 -10.30
N ARG I 126 -14.01 28.55 -9.70
CA ARG I 126 -14.04 27.92 -8.38
C ARG I 126 -13.92 26.37 -8.45
N LEU I 127 -13.84 25.79 -9.66
CA LEU I 127 -13.75 24.33 -9.81
C LEU I 127 -12.32 23.83 -9.60
N ASP I 128 -12.17 22.63 -9.02
CA ASP I 128 -10.82 22.06 -8.80
C ASP I 128 -10.33 21.33 -10.07
N ILE I 129 -10.10 22.11 -11.13
CA ILE I 129 -9.63 21.59 -12.41
C ILE I 129 -8.47 22.44 -12.93
N VAL I 130 -7.69 21.89 -13.87
CA VAL I 130 -6.56 22.60 -14.45
C VAL I 130 -7.02 23.81 -15.25
N ARG I 131 -6.16 24.82 -15.33
CA ARG I 131 -6.41 26.08 -16.02
C ARG I 131 -6.95 25.92 -17.43
N SER I 132 -6.43 24.97 -18.21
CA SER I 132 -6.88 24.76 -19.58
C SER I 132 -8.35 24.36 -19.65
N LEU I 133 -8.84 23.59 -18.67
CA LEU I 133 -10.24 23.20 -18.64
C LEU I 133 -11.18 24.34 -18.26
N TYR I 134 -10.66 25.39 -17.55
CA TYR I 134 -11.46 26.60 -17.27
C TYR I 134 -11.74 27.28 -18.60
N GLU I 135 -10.70 27.43 -19.45
CA GLU I 135 -10.84 28.07 -20.75
C GLU I 135 -11.75 27.26 -21.66
N ASP I 136 -11.65 25.92 -21.61
CA ASP I 136 -12.50 25.05 -22.42
C ASP I 136 -13.97 25.24 -22.04
N LEU I 137 -14.25 25.38 -20.73
CA LEU I 137 -15.59 25.60 -20.18
C LEU I 137 -16.15 26.94 -20.61
N GLU I 138 -15.31 28.01 -20.50
CA GLU I 138 -15.68 29.37 -20.87
C GLU I 138 -15.93 29.52 -22.37
N ASP I 139 -15.34 28.65 -23.20
CA ASP I 139 -15.49 28.72 -24.66
C ASP I 139 -16.82 28.09 -25.08
N HIS I 140 -17.93 28.76 -24.71
CA HIS I 140 -19.28 28.31 -24.99
C HIS I 140 -19.55 28.09 -26.45
N PRO I 141 -20.35 27.09 -26.83
CA PRO I 141 -20.66 26.89 -28.26
C PRO I 141 -21.23 28.15 -28.88
N ASN I 142 -20.73 28.50 -30.05
CA ASN I 142 -21.04 29.79 -30.65
C ASN I 142 -21.23 29.63 -32.16
N VAL I 143 -22.37 30.08 -32.68
CA VAL I 143 -22.66 29.98 -34.10
C VAL I 143 -21.64 30.76 -34.93
N GLN I 144 -21.31 32.01 -34.54
CA GLN I 144 -20.35 32.82 -35.29
C GLN I 144 -18.95 32.15 -35.32
N LYS I 145 -18.51 31.60 -34.18
CA LYS I 145 -17.21 30.92 -34.10
C LYS I 145 -17.21 29.69 -35.01
N ASP I 146 -18.35 28.98 -35.09
CA ASP I 146 -18.51 27.80 -35.95
C ASP I 146 -18.49 28.20 -37.42
N LEU I 147 -19.13 29.32 -37.76
CA LEU I 147 -19.11 29.81 -39.13
C LEU I 147 -17.68 30.19 -39.54
N GLU I 148 -16.88 30.74 -38.62
CA GLU I 148 -15.48 31.08 -38.92
C GLU I 148 -14.71 29.78 -39.17
N ARG I 149 -14.94 28.74 -38.33
CA ARG I 149 -14.30 27.43 -38.47
C ARG I 149 -14.67 26.79 -39.82
N LEU I 150 -15.96 26.82 -40.17
CA LEU I 150 -16.45 26.24 -41.43
C LEU I 150 -15.86 26.94 -42.63
N THR I 151 -15.69 28.27 -42.55
CA THR I 151 -15.11 29.04 -43.64
C THR I 151 -13.62 28.74 -43.77
N GLN I 152 -12.92 28.62 -42.64
CA GLN I 152 -11.49 28.37 -42.62
C GLN I 152 -11.16 26.98 -43.12
N GLU I 153 -11.98 25.98 -42.75
CA GLU I 153 -11.78 24.59 -43.16
C GLU I 153 -12.05 24.44 -44.65
N ARG I 154 -13.07 25.12 -45.18
CA ARG I 154 -13.36 25.11 -46.62
C ARG I 154 -12.17 25.66 -47.42
N ILE I 155 -11.43 26.63 -46.85
CA ILE I 155 -10.26 27.23 -47.48
C ILE I 155 -9.04 26.32 -47.33
N ALA I 156 -8.83 25.73 -46.15
CA ALA I 156 -7.71 24.82 -45.89
C ALA I 156 -7.69 23.59 -46.80
N HIS I 157 -8.85 23.22 -47.37
CA HIS I 157 -8.91 22.10 -48.29
C HIS I 157 -8.38 22.53 -49.66
N GLN I 158 -8.78 23.74 -50.11
CA GLN I 158 -8.35 24.29 -51.40
C GLN I 158 -6.83 24.45 -51.49
N ARG I 159 -6.18 24.92 -50.40
CA ARG I 159 -4.73 25.09 -50.39
C ARG I 159 -4.02 23.82 -49.96
N MET J 1 9.51 -16.77 -17.72
CA MET J 1 10.01 -15.65 -16.93
C MET J 1 11.27 -16.02 -16.17
N ASP J 2 12.15 -15.05 -15.96
CA ASP J 2 13.37 -15.26 -15.22
C ASP J 2 13.14 -14.98 -13.75
N VAL J 3 13.80 -15.75 -12.89
CA VAL J 3 13.76 -15.55 -11.46
C VAL J 3 15.19 -15.34 -10.99
N PHE J 4 15.39 -14.47 -10.00
CA PHE J 4 16.73 -14.14 -9.53
C PHE J 4 16.89 -14.66 -8.12
N LEU J 5 17.92 -15.49 -7.91
CA LEU J 5 18.09 -16.19 -6.65
C LEU J 5 19.43 -15.99 -5.94
N MET J 6 19.46 -16.39 -4.65
CA MET J 6 20.61 -16.46 -3.77
C MET J 6 20.54 -17.85 -3.18
N ILE J 7 21.42 -18.75 -3.63
CA ILE J 7 21.46 -20.11 -3.11
C ILE J 7 22.45 -20.05 -1.95
N ARG J 8 21.97 -20.25 -0.73
CA ARG J 8 22.76 -20.03 0.47
C ARG J 8 22.99 -21.23 1.36
N ARG J 9 24.22 -21.39 1.81
CA ARG J 9 24.64 -22.46 2.70
C ARG J 9 25.79 -21.94 3.51
N HIS J 10 25.68 -21.99 4.86
CA HIS J 10 26.71 -21.54 5.78
C HIS J 10 27.17 -20.10 5.43
N LYS J 11 28.44 -19.87 5.03
CA LYS J 11 28.89 -18.54 4.63
C LYS J 11 29.06 -18.42 3.11
N THR J 12 28.36 -19.25 2.33
CA THR J 12 28.42 -19.23 0.87
C THR J 12 27.09 -18.74 0.31
N THR J 13 27.14 -17.80 -0.64
CA THR J 13 25.94 -17.29 -1.29
C THR J 13 26.18 -17.26 -2.79
N ILE J 14 25.38 -17.99 -3.55
CA ILE J 14 25.48 -17.99 -5.01
C ILE J 14 24.40 -17.10 -5.61
N PHE J 15 24.78 -16.09 -6.37
CA PHE J 15 23.83 -15.24 -7.07
C PHE J 15 23.65 -15.85 -8.47
N THR J 16 22.45 -16.33 -8.80
CA THR J 16 22.19 -16.88 -10.14
C THR J 16 20.74 -16.61 -10.57
N ASP J 17 20.45 -16.80 -11.84
CA ASP J 17 19.09 -16.69 -12.35
C ASP J 17 18.69 -18.02 -12.98
N ALA J 18 17.40 -18.22 -13.18
CA ALA J 18 16.83 -19.43 -13.78
C ALA J 18 15.41 -19.11 -14.30
N LYS J 19 14.75 -20.01 -15.03
CA LYS J 19 13.39 -19.78 -15.49
C LYS J 19 12.40 -20.27 -14.42
N GLU J 20 11.22 -19.64 -14.34
CA GLU J 20 10.14 -20.10 -13.46
C GLU J 20 9.75 -21.55 -13.81
N SER J 21 9.82 -21.91 -15.11
CA SER J 21 9.50 -23.24 -15.61
C SER J 21 10.60 -24.28 -15.39
N SER J 22 11.80 -23.86 -14.97
CA SER J 22 12.89 -24.79 -14.71
C SER J 22 12.64 -25.50 -13.39
N THR J 23 13.15 -26.74 -13.24
CA THR J 23 12.90 -27.58 -12.07
C THR J 23 13.93 -27.40 -10.94
N VAL J 24 13.60 -27.93 -9.74
CA VAL J 24 14.49 -27.95 -8.59
C VAL J 24 15.76 -28.76 -8.94
N PHE J 25 15.61 -29.87 -9.70
CA PHE J 25 16.73 -30.70 -10.13
C PHE J 25 17.65 -29.91 -11.04
N GLU J 26 17.11 -29.13 -11.98
CA GLU J 26 17.93 -28.31 -12.86
C GLU J 26 18.72 -27.25 -12.09
N LEU J 27 18.17 -26.74 -10.98
CA LEU J 27 18.86 -25.79 -10.13
C LEU J 27 20.01 -26.49 -9.38
N LYS J 28 19.84 -27.78 -9.02
CA LYS J 28 20.92 -28.53 -8.39
C LYS J 28 22.07 -28.75 -9.38
N ARG J 29 21.78 -28.93 -10.69
CA ARG J 29 22.81 -29.04 -11.72
C ARG J 29 23.63 -27.73 -11.80
N ILE J 30 23.00 -26.56 -11.54
CA ILE J 30 23.69 -25.28 -11.50
C ILE J 30 24.66 -25.26 -10.32
N VAL J 31 24.20 -25.66 -9.13
CA VAL J 31 25.03 -25.75 -7.93
C VAL J 31 26.19 -26.73 -8.17
N GLU J 32 25.95 -27.84 -8.89
CA GLU J 32 26.99 -28.82 -9.19
C GLU J 32 28.12 -28.19 -9.97
N GLY J 33 27.78 -27.40 -10.98
CA GLY J 33 28.79 -26.74 -11.80
C GLY J 33 29.64 -25.74 -11.04
N ILE J 34 29.11 -25.18 -9.95
CA ILE J 34 29.82 -24.18 -9.16
C ILE J 34 30.58 -24.78 -7.96
N LEU J 35 29.89 -25.56 -7.13
CA LEU J 35 30.44 -26.13 -5.91
C LEU J 35 30.96 -27.56 -6.01
N LYS J 36 30.86 -28.16 -7.22
CA LYS J 36 31.34 -29.51 -7.54
C LYS J 36 30.74 -30.61 -6.68
N ARG J 37 29.47 -30.46 -6.30
CA ARG J 37 28.76 -31.49 -5.52
C ARG J 37 27.61 -32.00 -6.37
N PRO J 38 27.49 -33.32 -6.55
CA PRO J 38 26.42 -33.85 -7.39
C PRO J 38 25.02 -33.60 -6.82
N PRO J 39 23.99 -33.58 -7.69
CA PRO J 39 22.62 -33.34 -7.18
C PRO J 39 22.13 -34.30 -6.11
N ASP J 40 22.60 -35.56 -6.10
CA ASP J 40 22.20 -36.51 -5.06
C ASP J 40 22.84 -36.22 -3.68
N GLU J 41 23.86 -35.35 -3.65
CA GLU J 41 24.51 -34.94 -2.41
C GLU J 41 24.06 -33.56 -1.93
N GLN J 42 22.94 -33.04 -2.46
CA GLN J 42 22.46 -31.73 -2.05
C GLN J 42 20.96 -31.69 -1.93
N ARG J 43 20.46 -30.83 -1.03
CA ARG J 43 19.03 -30.64 -0.75
C ARG J 43 18.70 -29.14 -0.83
N LEU J 44 17.72 -28.77 -1.66
CA LEU J 44 17.31 -27.37 -1.76
C LEU J 44 16.10 -27.08 -0.90
N TYR J 45 16.01 -25.86 -0.37
CA TYR J 45 14.92 -25.50 0.53
C TYR J 45 14.31 -24.15 0.24
N LYS J 46 13.02 -23.97 0.56
CA LYS J 46 12.39 -22.65 0.51
C LYS J 46 12.01 -22.44 1.94
N ASP J 47 12.76 -21.62 2.66
CA ASP J 47 12.60 -21.42 4.09
C ASP J 47 13.01 -22.77 4.77
N ASP J 48 12.18 -23.38 5.60
CA ASP J 48 12.50 -24.67 6.19
C ASP J 48 11.90 -25.84 5.42
N GLN J 49 11.34 -25.61 4.23
CA GLN J 49 10.70 -26.69 3.48
C GLN J 49 11.61 -27.34 2.44
N LEU J 50 11.72 -28.66 2.47
CA LEU J 50 12.48 -29.41 1.49
C LEU J 50 11.73 -29.38 0.16
N LEU J 51 12.44 -29.15 -0.93
CA LEU J 51 11.84 -29.06 -2.26
C LEU J 51 12.06 -30.31 -3.09
N ASP J 52 11.00 -30.76 -3.80
CA ASP J 52 11.04 -31.93 -4.67
C ASP J 52 11.71 -31.58 -6.00
N ASP J 53 12.63 -32.44 -6.46
CA ASP J 53 13.36 -32.27 -7.71
C ASP J 53 12.50 -32.05 -8.94
N GLY J 54 11.34 -32.66 -9.00
CA GLY J 54 10.46 -32.54 -10.15
C GLY J 54 9.64 -31.27 -10.21
N LYS J 55 9.61 -30.51 -9.11
CA LYS J 55 8.80 -29.30 -9.06
C LYS J 55 9.48 -28.12 -9.74
N THR J 56 8.70 -27.29 -10.46
CA THR J 56 9.26 -26.11 -11.08
C THR J 56 9.52 -25.06 -9.99
N LEU J 57 10.36 -24.06 -10.29
CA LEU J 57 10.64 -23.00 -9.34
C LEU J 57 9.40 -22.18 -9.04
N GLY J 58 8.57 -21.94 -10.06
CA GLY J 58 7.29 -21.27 -9.92
C GLY J 58 6.38 -21.98 -8.94
N GLU J 59 6.32 -23.33 -9.04
CA GLU J 59 5.53 -24.18 -8.14
C GLU J 59 6.07 -24.11 -6.71
N CYS J 60 7.38 -23.95 -6.55
CA CYS J 60 8.03 -23.77 -5.27
C CYS J 60 7.94 -22.33 -4.71
N GLY J 61 7.19 -21.44 -5.35
CA GLY J 61 7.03 -20.08 -4.87
C GLY J 61 8.04 -19.07 -5.38
N PHE J 62 8.94 -19.49 -6.29
CA PHE J 62 9.91 -18.58 -6.88
C PHE J 62 9.31 -18.04 -8.17
N THR J 63 8.87 -16.79 -8.15
CA THR J 63 8.25 -16.17 -9.33
C THR J 63 8.95 -14.85 -9.69
N SER J 64 8.68 -14.33 -10.88
CA SER J 64 9.26 -13.07 -11.33
C SER J 64 8.85 -11.90 -10.42
N GLN J 65 7.68 -11.97 -9.76
CA GLN J 65 7.24 -10.91 -8.87
C GLN J 65 8.03 -10.89 -7.54
N THR J 66 8.46 -12.06 -7.07
CA THR J 66 9.14 -12.16 -5.77
C THR J 66 10.62 -12.49 -5.77
N ALA J 67 11.19 -12.76 -6.94
CA ALA J 67 12.60 -13.11 -7.05
C ALA J 67 13.18 -12.15 -8.07
N ARG J 68 13.32 -10.89 -7.67
CA ARG J 68 13.76 -9.80 -8.53
C ARG J 68 15.28 -9.61 -8.57
N PRO J 69 15.84 -8.97 -9.63
CA PRO J 69 17.31 -8.77 -9.69
C PRO J 69 17.84 -7.96 -8.51
N GLN J 70 17.11 -6.91 -8.12
CA GLN J 70 17.49 -6.06 -6.99
C GLN J 70 17.13 -6.65 -5.61
N ALA J 71 16.33 -7.72 -5.57
CA ALA J 71 15.93 -8.35 -4.33
C ALA J 71 15.67 -9.83 -4.62
N PRO J 72 16.76 -10.62 -4.77
CA PRO J 72 16.59 -12.03 -5.14
C PRO J 72 16.00 -12.88 -4.02
N ALA J 73 15.34 -13.98 -4.41
CA ALA J 73 14.74 -14.90 -3.43
C ALA J 73 15.83 -15.83 -2.91
N THR J 74 15.67 -16.27 -1.68
CA THR J 74 16.65 -17.16 -1.05
C THR J 74 16.28 -18.62 -1.18
N VAL J 75 17.22 -19.45 -1.60
CA VAL J 75 17.06 -20.89 -1.69
C VAL J 75 18.10 -21.47 -0.74
N GLY J 76 17.68 -22.26 0.23
CA GLY J 76 18.59 -22.86 1.20
C GLY J 76 19.23 -24.11 0.65
N LEU J 77 20.50 -24.36 1.00
CA LEU J 77 21.23 -25.51 0.50
C LEU J 77 21.89 -26.26 1.67
N ALA J 78 21.71 -27.58 1.69
CA ALA J 78 22.32 -28.46 2.69
C ALA J 78 23.13 -29.52 1.96
N PHE J 79 24.28 -29.92 2.51
CA PHE J 79 25.09 -30.96 1.89
C PHE J 79 25.09 -32.24 2.70
N ARG J 80 25.29 -33.39 2.04
CA ARG J 80 25.35 -34.67 2.75
C ARG J 80 26.77 -34.82 3.32
N ASP J 82 29.17 -37.47 2.67
CA ASP J 82 28.68 -38.84 2.72
C ASP J 82 27.77 -39.13 3.94
N ASP J 83 27.10 -40.29 3.90
CA ASP J 83 26.20 -40.92 4.86
C ASP J 83 24.93 -40.10 5.15
N THR J 84 25.03 -38.97 5.86
CA THR J 84 23.84 -38.20 6.23
C THR J 84 23.89 -36.75 5.79
N PHE J 85 22.73 -36.14 5.59
CA PHE J 85 22.65 -34.73 5.21
C PHE J 85 22.75 -33.90 6.46
N GLU J 86 23.49 -32.80 6.39
CA GLU J 86 23.63 -31.89 7.53
C GLU J 86 22.33 -31.10 7.74
N ALA J 87 22.18 -30.50 8.92
CA ALA J 87 21.04 -29.63 9.19
C ALA J 87 21.22 -28.33 8.36
N LEU J 88 20.10 -27.75 7.87
CA LEU J 88 20.11 -26.54 7.06
C LEU J 88 20.59 -25.38 7.92
N CYS J 89 21.75 -24.81 7.55
CA CYS J 89 22.30 -23.70 8.31
C CYS J 89 22.74 -22.60 7.38
N ILE J 90 22.30 -21.37 7.67
CA ILE J 90 22.64 -20.21 6.87
C ILE J 90 23.15 -19.11 7.79
N GLU J 91 24.44 -18.77 7.68
CA GLU J 91 25.03 -17.70 8.49
C GLU J 91 24.44 -16.40 8.00
N PRO J 92 23.83 -15.62 8.91
CA PRO J 92 23.26 -14.35 8.48
C PRO J 92 24.34 -13.34 8.14
N PHE J 93 23.95 -12.31 7.39
CA PHE J 93 24.88 -11.24 7.06
C PHE J 93 25.17 -10.42 8.33
N SER J 94 26.15 -9.52 8.26
CA SER J 94 26.51 -8.68 9.38
C SER J 94 25.38 -7.70 9.72
N SER J 95 25.36 -7.20 10.95
CA SER J 95 24.36 -6.22 11.36
C SER J 95 24.87 -4.84 11.05
N PRO J 96 24.04 -4.01 10.41
CA PRO J 96 24.48 -2.62 10.15
C PRO J 96 24.61 -1.83 11.45
N PRO J 97 25.43 -0.78 11.47
CA PRO J 97 25.53 0.05 12.68
C PRO J 97 24.26 0.86 12.93
N GLU J 98 24.15 1.49 14.11
CA GLU J 98 23.03 2.35 14.43
C GLU J 98 23.03 3.56 13.48
N LEU J 99 21.83 4.03 13.09
CA LEU J 99 21.70 5.19 12.23
C LEU J 99 22.31 6.43 12.90
N PRO J 100 23.11 7.21 12.17
CA PRO J 100 23.65 8.44 12.75
C PRO J 100 22.54 9.42 13.14
N ASP J 101 22.83 10.32 14.09
CA ASP J 101 21.83 11.30 14.55
C ASP J 101 21.29 12.14 13.39
N VAL J 102 22.16 12.52 12.45
CA VAL J 102 21.78 13.31 11.28
C VAL J 102 20.87 12.56 10.27
N MET J 103 20.63 11.26 10.47
CA MET J 103 19.78 10.45 9.60
C MET J 103 18.48 10.05 10.28
N MET K 1 30.30 -20.99 -18.45
CA MET K 1 29.88 -19.84 -17.66
C MET K 1 30.85 -19.66 -16.51
N MET K 2 31.58 -18.54 -16.51
CA MET K 2 32.58 -18.26 -15.47
C MET K 2 31.99 -17.47 -14.31
N TYR K 3 32.37 -17.85 -13.08
CA TYR K 3 31.97 -17.22 -11.83
C TYR K 3 33.22 -16.77 -11.05
N VAL K 4 33.05 -15.75 -10.22
CA VAL K 4 34.12 -15.27 -9.35
C VAL K 4 33.60 -15.23 -7.91
N LYS K 5 34.53 -15.28 -6.96
CA LYS K 5 34.17 -15.24 -5.55
C LYS K 5 34.59 -13.92 -4.95
N LEU K 6 33.66 -13.21 -4.33
CA LEU K 6 33.92 -11.94 -3.67
C LEU K 6 33.72 -12.22 -2.19
N ILE K 7 34.77 -12.08 -1.40
CA ILE K 7 34.72 -12.37 0.02
C ILE K 7 34.62 -11.09 0.84
N SER K 8 33.66 -11.00 1.75
CA SER K 8 33.47 -9.82 2.58
C SER K 8 34.51 -9.76 3.74
N SER K 9 34.54 -8.65 4.49
CA SER K 9 35.44 -8.49 5.64
C SER K 9 35.14 -9.49 6.72
N ASP K 10 33.89 -9.92 6.87
CA ASP K 10 33.51 -10.90 7.87
C ASP K 10 33.53 -12.37 7.39
N GLY K 11 34.14 -12.65 6.23
CA GLY K 11 34.24 -14.02 5.73
C GLY K 11 33.12 -14.60 4.87
N HIS K 12 32.08 -13.80 4.49
CA HIS K 12 31.01 -14.32 3.64
C HIS K 12 31.51 -14.41 2.19
N GLU K 13 31.30 -15.54 1.54
CA GLU K 13 31.76 -15.75 0.17
C GLU K 13 30.60 -15.61 -0.82
N PHE K 14 30.66 -14.61 -1.68
CA PHE K 14 29.61 -14.40 -2.68
C PHE K 14 30.07 -14.84 -4.06
N ILE K 15 29.39 -15.80 -4.67
CA ILE K 15 29.74 -16.30 -5.99
C ILE K 15 28.86 -15.71 -7.06
N VAL K 16 29.41 -14.78 -7.87
CA VAL K 16 28.64 -14.09 -8.91
C VAL K 16 29.22 -14.36 -10.30
N LYS K 17 28.40 -14.18 -11.36
CA LYS K 17 28.87 -14.32 -12.75
C LYS K 17 30.05 -13.38 -13.00
N ARG K 18 31.05 -13.83 -13.74
CA ARG K 18 32.23 -13.03 -14.03
C ARG K 18 31.87 -11.71 -14.73
N GLU K 19 30.97 -11.80 -15.73
CA GLU K 19 30.42 -10.67 -16.49
C GLU K 19 29.81 -9.65 -15.54
N HIS K 20 29.06 -10.09 -14.55
CA HIS K 20 28.41 -9.20 -13.58
C HIS K 20 29.43 -8.50 -12.70
N ALA K 21 30.44 -9.24 -12.21
CA ALA K 21 31.47 -8.68 -11.36
C ALA K 21 32.30 -7.61 -12.07
N LEU K 22 32.50 -7.78 -13.39
CA LEU K 22 33.22 -6.81 -14.20
C LEU K 22 32.50 -5.47 -14.34
N THR K 23 31.29 -5.31 -13.75
CA THR K 23 30.58 -4.03 -13.67
C THR K 23 31.50 -3.01 -12.93
N SER K 24 32.25 -3.49 -11.94
CA SER K 24 33.22 -2.70 -11.20
C SER K 24 34.59 -2.73 -11.86
N GLY K 25 35.08 -1.56 -12.25
CA GLY K 25 36.42 -1.43 -12.81
C GLY K 25 37.47 -1.76 -11.78
N THR K 26 37.21 -1.43 -10.50
CA THR K 26 38.11 -1.73 -9.39
C THR K 26 38.28 -3.25 -9.26
N ILE K 27 37.17 -3.98 -9.35
CA ILE K 27 37.23 -5.44 -9.30
C ILE K 27 37.98 -6.00 -10.51
N LYS K 28 37.72 -5.45 -11.72
CA LYS K 28 38.41 -5.88 -12.93
C LYS K 28 39.96 -5.84 -12.78
N ALA K 29 40.50 -4.82 -12.11
CA ALA K 29 41.94 -4.72 -11.86
C ALA K 29 42.39 -5.74 -10.83
N MET K 30 41.57 -5.99 -9.82
CA MET K 30 41.89 -6.98 -8.79
C MET K 30 41.86 -8.43 -9.35
N LEU K 31 41.11 -8.66 -10.42
CA LEU K 31 41.04 -9.99 -11.02
C LEU K 31 42.23 -10.31 -11.92
N SER K 32 42.73 -9.30 -12.64
CA SER K 32 43.91 -9.49 -13.49
C SER K 32 45.15 -9.11 -12.69
N GLY K 33 45.61 -10.04 -11.85
CA GLY K 33 46.76 -9.89 -10.97
C GLY K 33 47.95 -9.15 -11.55
N GLU K 39 48.56 -13.83 -3.80
CA GLU K 39 48.32 -14.48 -2.51
C GLU K 39 47.02 -15.29 -2.50
N ASN K 40 45.91 -14.69 -3.01
CA ASN K 40 44.61 -15.36 -3.04
C ASN K 40 44.30 -15.92 -4.44
N GLU K 41 43.57 -17.06 -4.51
CA GLU K 41 43.18 -17.76 -5.75
C GLU K 41 42.77 -16.83 -6.92
N THR K 42 43.02 -17.29 -8.17
CA THR K 42 42.80 -16.58 -9.44
C THR K 42 41.47 -15.80 -9.57
N ASN K 43 40.31 -16.48 -9.38
CA ASN K 43 39.00 -15.85 -9.50
C ASN K 43 38.41 -15.52 -8.13
N GLU K 44 39.25 -15.11 -7.19
CA GLU K 44 38.85 -14.79 -5.83
C GLU K 44 39.34 -13.38 -5.48
N VAL K 45 38.45 -12.56 -4.92
CA VAL K 45 38.79 -11.22 -4.46
C VAL K 45 38.41 -11.11 -2.97
N ASN K 46 39.30 -10.55 -2.16
CA ASN K 46 39.01 -10.34 -0.74
C ASN K 46 38.77 -8.87 -0.47
N PHE K 47 37.71 -8.56 0.27
CA PHE K 47 37.40 -7.19 0.62
C PHE K 47 37.42 -7.03 2.13
N ARG K 48 38.60 -6.76 2.67
CA ARG K 48 38.75 -6.62 4.12
C ARG K 48 38.05 -5.36 4.70
N GLU K 49 37.48 -4.50 3.85
CA GLU K 49 36.83 -3.28 4.27
C GLU K 49 35.32 -3.27 4.06
N ILE K 50 34.80 -4.16 3.20
CA ILE K 50 33.37 -4.19 2.93
C ILE K 50 32.67 -5.35 3.65
N PRO K 51 31.83 -5.07 4.66
CA PRO K 51 31.11 -6.15 5.37
C PRO K 51 30.03 -6.81 4.52
N SER K 52 29.56 -8.00 4.93
CA SER K 52 28.58 -8.76 4.15
C SER K 52 27.25 -8.06 3.95
N HIS K 53 26.77 -7.28 4.94
CA HIS K 53 25.51 -6.55 4.75
C HIS K 53 25.61 -5.48 3.64
N VAL K 54 26.84 -5.11 3.24
CA VAL K 54 27.11 -4.17 2.15
C VAL K 54 27.45 -4.94 0.88
N LEU K 55 28.41 -5.89 0.94
CA LEU K 55 28.82 -6.69 -0.22
C LEU K 55 27.69 -7.47 -0.84
N SER K 56 26.74 -7.98 -0.03
CA SER K 56 25.58 -8.69 -0.59
C SER K 56 24.75 -7.74 -1.44
N LYS K 57 24.60 -6.49 -1.00
CA LYS K 57 23.84 -5.47 -1.72
C LYS K 57 24.54 -5.01 -2.99
N VAL K 58 25.89 -4.99 -2.99
CA VAL K 58 26.68 -4.66 -4.19
C VAL K 58 26.40 -5.75 -5.25
N CYS K 59 26.40 -7.03 -4.84
CA CYS K 59 26.10 -8.13 -5.75
C CYS K 59 24.69 -8.01 -6.33
N MET K 60 23.74 -7.55 -5.52
CA MET K 60 22.38 -7.31 -6.00
C MET K 60 22.39 -6.20 -7.04
N TYR K 61 23.20 -5.16 -6.82
CA TYR K 61 23.32 -4.07 -7.79
C TYR K 61 23.84 -4.59 -9.14
N PHE K 62 24.89 -5.45 -9.14
CA PHE K 62 25.45 -6.01 -10.39
C PHE K 62 24.36 -6.70 -11.21
N THR K 63 23.54 -7.54 -10.56
CA THR K 63 22.48 -8.27 -11.22
C THR K 63 21.45 -7.27 -11.79
N TYR K 64 21.07 -6.28 -10.98
CA TYR K 64 20.13 -5.24 -11.35
C TYR K 64 20.64 -4.45 -12.57
N LYS K 65 21.91 -4.07 -12.57
CA LYS K 65 22.56 -3.31 -13.64
C LYS K 65 22.61 -4.12 -14.92
N VAL K 66 23.06 -5.39 -14.83
CA VAL K 66 23.13 -6.23 -16.02
C VAL K 66 21.72 -6.47 -16.60
N ARG K 67 20.73 -6.70 -15.74
CA ARG K 67 19.37 -6.93 -16.19
C ARG K 67 18.71 -5.72 -16.83
N TYR K 68 18.79 -4.55 -16.19
CA TYR K 68 18.07 -3.39 -16.66
C TYR K 68 18.80 -2.41 -17.56
N THR K 69 20.11 -2.60 -17.82
CA THR K 69 20.84 -1.70 -18.71
C THR K 69 20.38 -1.83 -20.14
N ASN K 70 19.96 -0.72 -20.76
CA ASN K 70 19.46 -0.68 -22.14
C ASN K 70 18.10 -1.35 -22.31
N SER K 71 17.33 -1.50 -21.23
CA SER K 71 16.02 -2.13 -21.30
C SER K 71 14.91 -1.15 -21.71
N SER K 72 13.99 -1.61 -22.55
CA SER K 72 12.84 -0.82 -22.99
C SER K 72 11.79 -0.77 -21.86
N THR K 73 11.61 -1.91 -21.15
CA THR K 73 10.67 -2.09 -20.04
C THR K 73 10.87 -1.08 -18.89
N GLU K 74 9.87 -0.96 -18.01
CA GLU K 74 9.90 -0.09 -16.84
C GLU K 74 11.01 -0.57 -15.92
N ILE K 75 11.83 0.35 -15.44
CA ILE K 75 12.92 0.03 -14.55
C ILE K 75 12.49 0.30 -13.11
N PRO K 76 12.61 -0.69 -12.23
CA PRO K 76 12.26 -0.45 -10.82
C PRO K 76 13.36 0.30 -10.08
N GLU K 77 13.00 0.95 -8.98
CA GLU K 77 13.95 1.68 -8.17
C GLU K 77 14.89 0.70 -7.50
N PHE K 78 16.19 1.04 -7.37
CA PHE K 78 17.11 0.16 -6.64
C PHE K 78 16.96 0.55 -5.19
N PRO K 79 16.50 -0.36 -4.34
CA PRO K 79 16.27 -0.01 -2.93
C PRO K 79 17.50 -0.04 -2.05
N ILE K 80 17.64 0.95 -1.16
CA ILE K 80 18.75 1.01 -0.22
C ILE K 80 18.22 1.36 1.18
N ALA K 81 18.40 0.46 2.16
CA ALA K 81 17.96 0.73 3.53
C ALA K 81 18.76 1.89 4.10
N PRO K 82 18.12 2.82 4.80
CA PRO K 82 18.86 3.96 5.38
C PRO K 82 20.10 3.56 6.19
N GLU K 83 20.00 2.45 6.94
CA GLU K 83 21.06 1.91 7.79
C GLU K 83 22.32 1.49 7.05
N ILE K 84 22.22 1.14 5.75
CA ILE K 84 23.39 0.72 4.99
C ILE K 84 23.89 1.77 4.00
N ALA K 85 23.09 2.81 3.73
CA ALA K 85 23.41 3.84 2.74
C ALA K 85 24.81 4.41 2.85
N LEU K 86 25.26 4.80 4.04
CA LEU K 86 26.60 5.38 4.23
C LEU K 86 27.72 4.42 3.86
N GLU K 87 27.66 3.18 4.32
CA GLU K 87 28.68 2.19 4.01
C GLU K 87 28.62 1.78 2.54
N LEU K 88 27.41 1.67 1.98
CA LEU K 88 27.26 1.29 0.58
C LEU K 88 27.83 2.39 -0.31
N LEU K 89 27.65 3.68 0.06
CA LEU K 89 28.20 4.80 -0.70
C LEU K 89 29.73 4.68 -0.79
N MET K 90 30.38 4.38 0.34
CA MET K 90 31.82 4.24 0.39
C MET K 90 32.32 3.05 -0.39
N ALA K 91 31.59 1.95 -0.36
CA ALA K 91 31.96 0.76 -1.12
C ALA K 91 31.80 1.03 -2.62
N ALA K 92 30.68 1.67 -3.03
CA ALA K 92 30.43 2.00 -4.42
C ALA K 92 31.48 2.96 -4.97
N ASN K 93 31.95 3.87 -4.14
CA ASN K 93 32.95 4.85 -4.54
C ASN K 93 34.29 4.14 -4.77
N PHE K 94 34.64 3.14 -3.92
CA PHE K 94 35.88 2.40 -4.09
C PHE K 94 35.80 1.52 -5.32
N LEU K 95 34.64 0.86 -5.52
CA LEU K 95 34.42 -0.08 -6.61
C LEU K 95 34.19 0.60 -7.98
N ASP K 96 33.88 1.90 -8.00
CA ASP K 96 33.65 2.63 -9.24
C ASP K 96 32.47 2.04 -10.04
N CYS K 97 31.34 1.81 -9.37
CA CYS K 97 30.16 1.24 -10.02
C CYS K 97 28.87 2.00 -9.67
N VAL L 11 23.53 26.00 -28.71
CA VAL L 11 23.78 24.68 -29.28
C VAL L 11 22.64 23.69 -28.97
N LEU L 12 21.99 23.82 -27.81
CA LEU L 12 20.85 22.99 -27.48
C LEU L 12 19.63 23.87 -27.33
N ARG L 13 18.75 23.89 -28.34
CA ARG L 13 17.58 24.74 -28.31
C ARG L 13 16.51 24.23 -29.27
N SER L 14 15.24 24.60 -29.00
CA SER L 14 14.13 24.18 -29.84
C SER L 14 14.18 24.86 -31.19
N VAL L 15 13.81 24.13 -32.23
CA VAL L 15 13.74 24.66 -33.57
C VAL L 15 12.36 25.27 -33.68
N ASN L 16 12.26 26.52 -34.18
CA ASN L 16 10.94 27.14 -34.32
C ASN L 16 10.24 26.62 -35.58
N SER L 17 9.82 25.35 -35.58
CA SER L 17 9.18 24.74 -36.74
C SER L 17 7.76 25.25 -36.98
N ARG L 18 6.99 25.41 -35.89
CA ARG L 18 5.58 25.79 -35.92
C ARG L 18 4.70 24.64 -36.48
N GLU L 19 5.19 23.39 -36.46
CA GLU L 19 4.44 22.22 -36.89
C GLU L 19 4.01 21.49 -35.65
N PRO L 20 2.72 21.51 -35.32
CA PRO L 20 2.26 20.83 -34.11
C PRO L 20 2.59 19.33 -34.10
N SER L 21 2.89 18.82 -32.92
CA SER L 21 3.19 17.42 -32.70
C SER L 21 2.60 17.07 -31.35
N GLN L 22 1.70 16.10 -31.31
CA GLN L 22 1.09 15.69 -30.06
C GLN L 22 1.91 14.60 -29.43
N VAL L 23 2.14 14.72 -28.13
CA VAL L 23 2.94 13.75 -27.39
C VAL L 23 2.20 13.22 -26.17
N ILE L 24 2.46 11.99 -25.77
CA ILE L 24 1.96 11.45 -24.52
C ILE L 24 3.17 11.39 -23.59
N PHE L 25 3.21 12.24 -22.56
CA PHE L 25 4.26 12.17 -21.57
C PHE L 25 3.77 11.04 -20.65
N CAS L 26 4.48 9.91 -20.62
CA CAS L 26 4.08 8.77 -19.78
CB CAS L 26 3.87 7.63 -20.76
C CAS L 26 5.14 8.50 -18.71
O CAS L 26 6.22 8.00 -19.02
SG CAS L 26 3.60 6.05 -19.92
AS CAS L 26 1.50 6.33 -19.25
CE1 CAS L 26 1.68 5.88 -17.33
CE2 CAS L 26 0.46 4.80 -19.86
N ASN L 27 4.81 8.81 -17.45
CA ASN L 27 5.72 8.62 -16.33
C ASN L 27 5.74 7.16 -15.87
N ARG L 28 6.66 6.36 -16.40
CA ARG L 28 6.86 4.97 -15.99
C ARG L 28 7.99 4.87 -14.97
N SER L 29 7.94 5.78 -13.99
CA SER L 29 8.93 5.88 -12.94
C SER L 29 8.17 6.10 -11.60
N PRO L 30 8.83 5.83 -10.47
CA PRO L 30 8.18 6.10 -9.18
C PRO L 30 8.43 7.54 -8.68
N ARG L 31 9.00 8.43 -9.53
CA ARG L 31 9.29 9.80 -9.15
C ARG L 31 8.23 10.76 -9.65
N VAL L 32 8.14 11.94 -9.03
CA VAL L 32 7.28 13.00 -9.55
C VAL L 32 8.11 13.61 -10.67
N VAL L 33 7.60 13.65 -11.89
CA VAL L 33 8.36 14.13 -13.03
C VAL L 33 8.16 15.61 -13.32
N LEU L 34 9.27 16.31 -13.57
CA LEU L 34 9.30 17.69 -13.99
C LEU L 34 9.74 17.71 -15.46
N PRO L 35 8.81 17.93 -16.40
CA PRO L 35 9.22 18.06 -17.81
C PRO L 35 9.87 19.43 -18.04
N VAL L 36 10.93 19.50 -18.86
CA VAL L 36 11.63 20.76 -19.14
C VAL L 36 11.75 21.03 -20.64
N TRP L 37 11.23 22.14 -21.10
CA TRP L 37 11.30 22.52 -22.49
C TRP L 37 12.46 23.47 -22.67
N LEU L 38 13.37 23.15 -23.59
CA LEU L 38 14.46 24.05 -23.89
C LEU L 38 13.89 25.04 -24.93
N ASN L 39 13.80 26.31 -24.57
CA ASN L 39 13.17 27.32 -25.42
C ASN L 39 14.07 27.74 -26.63
N PHE L 40 13.57 28.64 -27.47
CA PHE L 40 14.27 29.06 -28.68
C PHE L 40 15.61 29.75 -28.40
N ASP L 41 15.89 30.13 -27.15
CA ASP L 41 17.18 30.71 -26.74
C ASP L 41 18.05 29.70 -25.95
N GLY L 42 17.58 28.47 -25.77
CA GLY L 42 18.33 27.47 -25.02
C GLY L 42 18.08 27.49 -23.52
N GLU L 43 17.08 28.27 -23.07
CA GLU L 43 16.77 28.38 -21.65
C GLU L 43 15.81 27.24 -21.23
N PRO L 44 16.16 26.51 -20.18
CA PRO L 44 15.24 25.47 -19.67
C PRO L 44 13.99 26.13 -19.08
N GLN L 45 12.82 25.65 -19.49
CA GLN L 45 11.53 26.15 -19.06
C GLN L 45 10.76 24.99 -18.43
N PRO L 46 10.51 25.05 -17.11
CA PRO L 46 9.79 23.94 -16.47
C PRO L 46 8.30 23.95 -16.81
N TYR L 47 7.69 22.74 -16.85
CA TYR L 47 6.28 22.55 -17.20
C TYR L 47 5.55 21.81 -16.06
N PRO L 48 4.19 21.80 -16.03
CA PRO L 48 3.50 21.14 -14.92
C PRO L 48 3.97 19.71 -14.64
N THR L 49 4.14 19.38 -13.35
CA THR L 49 4.66 18.06 -12.95
C THR L 49 3.67 16.92 -13.19
N LEU L 50 4.20 15.68 -13.24
CA LEU L 50 3.42 14.46 -13.40
C LEU L 50 3.65 13.55 -12.20
N PRO L 51 2.59 13.17 -11.48
CA PRO L 51 2.75 12.21 -10.38
C PRO L 51 3.23 10.84 -10.91
N PRO L 52 3.88 10.01 -10.07
CA PRO L 52 4.34 8.69 -10.55
C PRO L 52 3.25 7.84 -11.19
N GLY L 53 3.63 7.09 -12.21
CA GLY L 53 2.71 6.20 -12.93
C GLY L 53 1.58 6.86 -13.69
N THR L 54 1.64 8.17 -13.94
CA THR L 54 0.57 8.88 -14.68
C THR L 54 1.02 9.33 -16.07
N GLY L 55 0.04 9.60 -16.93
CA GLY L 55 0.30 10.08 -18.28
C GLY L 55 -0.42 11.38 -18.53
N ARG L 56 0.08 12.19 -19.47
CA ARG L 56 -0.58 13.43 -19.88
C ARG L 56 -0.49 13.58 -21.38
N ARG L 57 -1.60 13.98 -22.02
CA ARG L 57 -1.57 14.21 -23.46
C ARG L 57 -1.26 15.68 -23.65
N ILE L 58 -0.12 15.98 -24.30
CA ILE L 58 0.32 17.36 -24.45
C ILE L 58 0.54 17.79 -25.90
N HIS L 59 0.46 19.10 -26.12
CA HIS L 59 0.68 19.67 -27.45
C HIS L 59 2.04 20.34 -27.53
N SER L 60 2.93 19.75 -28.31
CA SER L 60 4.25 20.31 -28.52
C SER L 60 4.45 20.54 -30.03
N TYR L 61 5.69 20.70 -30.51
CA TYR L 61 5.95 20.96 -31.92
C TYR L 61 7.14 20.16 -32.40
N ARG L 62 7.21 19.90 -33.70
CA ARG L 62 8.32 19.13 -34.27
C ARG L 62 9.62 19.91 -34.11
N GLY L 63 10.68 19.21 -33.76
CA GLY L 63 11.99 19.84 -33.60
C GLY L 63 12.28 20.42 -32.23
N HIS L 64 11.26 20.50 -31.38
CA HIS L 64 11.40 20.99 -30.03
C HIS L 64 12.18 20.04 -29.12
N LEU L 65 12.81 20.58 -28.08
CA LEU L 65 13.65 19.78 -27.21
C LEU L 65 13.07 19.66 -25.84
N TRP L 66 13.10 18.45 -25.28
CA TRP L 66 12.61 18.22 -23.92
C TRP L 66 13.52 17.32 -23.09
N LEU L 67 13.64 17.62 -21.80
CA LEU L 67 14.31 16.72 -20.88
C LEU L 67 13.43 16.51 -19.65
N PHE L 68 13.67 15.46 -18.86
CA PHE L 68 12.79 15.14 -17.74
C PHE L 68 13.59 14.89 -16.49
N ARG L 69 13.12 15.46 -15.38
CA ARG L 69 13.81 15.38 -14.10
C ARG L 69 12.89 14.97 -12.95
N ASP L 70 13.45 14.53 -11.80
CA ASP L 70 12.65 14.32 -10.60
C ASP L 70 12.33 15.75 -10.11
N ALA L 71 11.04 16.11 -9.95
CA ALA L 71 10.66 17.47 -9.60
C ALA L 71 11.17 17.95 -8.26
N GLY L 72 11.44 17.05 -7.33
CA GLY L 72 11.88 17.40 -6.00
C GLY L 72 13.38 17.45 -5.81
N THR L 73 14.12 16.57 -6.49
CA THR L 73 15.57 16.48 -6.31
C THR L 73 16.38 16.88 -7.56
N HIS L 74 15.75 16.96 -8.72
CA HIS L 74 16.35 17.27 -10.02
C HIS L 74 17.19 16.13 -10.58
N ASP L 75 17.05 14.90 -10.06
CA ASP L 75 17.74 13.71 -10.56
C ASP L 75 17.39 13.48 -12.03
N GLY L 76 18.36 13.06 -12.81
CA GLY L 76 18.16 12.84 -14.23
C GLY L 76 17.27 11.65 -14.52
N LEU L 77 16.41 11.77 -15.53
CA LEU L 77 15.54 10.68 -15.95
C LEU L 77 15.72 10.44 -17.43
N LEU L 78 15.33 9.26 -17.90
CA LEU L 78 15.41 8.95 -19.32
C LEU L 78 14.09 9.09 -19.99
N VAL L 79 14.10 9.44 -21.27
CA VAL L 79 12.87 9.52 -22.06
C VAL L 79 13.14 8.72 -23.34
N ASN L 80 12.39 7.61 -23.53
CA ASN L 80 12.59 6.73 -24.67
C ASN L 80 14.05 6.21 -24.70
N GLN L 81 14.56 5.86 -23.50
CA GLN L 81 15.90 5.32 -23.23
C GLN L 81 17.05 6.28 -23.47
N THR L 82 16.79 7.58 -23.63
CA THR L 82 17.87 8.55 -23.88
C THR L 82 17.65 9.86 -23.08
N GLU L 83 18.56 10.84 -23.18
CA GLU L 83 18.51 12.08 -22.41
C GLU L 83 17.49 13.10 -22.89
N LEU L 84 17.42 13.34 -24.21
CA LEU L 84 16.54 14.35 -24.75
C LEU L 84 15.46 13.78 -25.64
N PHE L 85 14.32 14.44 -25.68
CA PHE L 85 13.21 14.01 -26.52
C PHE L 85 12.83 15.10 -27.48
N VAL L 86 12.76 14.75 -28.75
CA VAL L 86 12.42 15.67 -29.79
C VAL L 86 11.16 15.16 -30.45
N PRO L 87 10.04 15.89 -30.29
CA PRO L 87 8.78 15.46 -30.93
C PRO L 87 8.95 15.34 -32.44
N SER L 88 8.39 14.27 -33.02
CA SER L 88 8.49 14.05 -34.46
C SER L 88 7.09 13.96 -35.14
N LEU L 89 7.07 13.62 -36.43
CA LEU L 89 5.90 13.46 -37.26
C LEU L 89 4.88 12.44 -36.73
N ASN L 90 3.64 12.89 -36.49
CA ASN L 90 2.56 12.02 -36.05
C ASN L 90 2.01 11.22 -37.25
N VAL L 91 2.37 9.93 -37.35
CA VAL L 91 1.87 9.10 -38.45
C VAL L 91 0.41 8.73 -38.20
N ASP L 92 -0.48 9.06 -39.14
CA ASP L 92 -1.93 8.82 -39.04
C ASP L 92 -2.57 9.52 -37.82
N GLY L 93 -2.00 10.67 -37.42
CA GLY L 93 -2.49 11.43 -36.27
C GLY L 93 -2.23 10.79 -34.91
N GLN L 94 -1.48 9.68 -34.87
CA GLN L 94 -1.15 9.00 -33.62
C GLN L 94 -0.19 9.85 -32.84
N PRO L 95 -0.45 10.11 -31.55
CA PRO L 95 0.52 10.90 -30.77
C PRO L 95 1.82 10.13 -30.49
N ILE L 96 2.92 10.83 -30.31
CA ILE L 96 4.22 10.20 -30.03
C ILE L 96 4.28 9.83 -28.59
N PHE L 97 4.66 8.59 -28.30
CA PHE L 97 4.78 8.17 -26.93
C PHE L 97 6.15 8.53 -26.39
N ALA L 98 6.20 9.40 -25.37
CA ALA L 98 7.43 9.76 -24.67
C ALA L 98 7.41 9.01 -23.33
N ASN L 99 8.15 7.89 -23.25
CA ASN L 99 8.23 7.03 -22.05
C ASN L 99 9.33 7.47 -21.13
N ILE L 100 8.94 8.09 -20.02
CA ILE L 100 9.86 8.56 -19.01
C ILE L 100 10.11 7.44 -18.05
N THR L 101 11.38 7.10 -17.84
CA THR L 101 11.74 6.00 -16.94
C THR L 101 12.94 6.42 -16.10
N LEU L 102 13.19 5.70 -15.02
CA LEU L 102 14.38 5.89 -14.23
C LEU L 102 15.53 5.33 -15.05
N PRO L 103 16.68 6.01 -15.08
CA PRO L 103 17.86 5.36 -15.65
C PRO L 103 18.39 4.31 -14.66
N VAL L 104 19.35 3.48 -15.12
CA VAL L 104 20.03 2.59 -14.21
C VAL L 104 21.11 3.49 -13.65
N TYR L 105 20.86 4.16 -12.51
CA TYR L 105 21.88 5.03 -11.92
C TYR L 105 23.08 4.21 -11.49
N THR L 106 24.27 4.81 -11.42
CA THR L 106 25.42 4.11 -10.83
C THR L 106 25.07 3.85 -9.32
N LEU L 107 25.67 2.83 -8.71
CA LEU L 107 25.41 2.56 -7.29
C LEU L 107 25.85 3.77 -6.43
N LYS L 108 26.95 4.42 -6.82
CA LYS L 108 27.41 5.63 -6.12
C LYS L 108 26.36 6.74 -6.17
N GLU L 109 25.82 7.02 -7.36
CA GLU L 109 24.82 8.08 -7.48
C GLU L 109 23.53 7.72 -6.75
N ARG L 110 23.13 6.45 -6.80
CA ARG L 110 21.95 6.00 -6.08
C ARG L 110 22.14 6.19 -4.57
N CYS L 111 23.34 5.85 -4.06
CA CYS L 111 23.70 6.06 -2.66
C CYS L 111 23.64 7.54 -2.31
N LEU L 112 24.19 8.43 -3.18
CA LEU L 112 24.13 9.89 -2.96
C LEU L 112 22.67 10.38 -2.89
N GLN L 113 21.77 9.82 -3.74
CA GLN L 113 20.37 10.20 -3.75
C GLN L 113 19.72 9.84 -2.42
N VAL L 114 19.99 8.63 -1.89
CA VAL L 114 19.40 8.18 -0.64
C VAL L 114 19.92 9.00 0.53
N VAL L 115 21.22 9.28 0.57
CA VAL L 115 21.79 10.09 1.64
C VAL L 115 21.23 11.51 1.61
N ARG L 116 21.20 12.17 0.44
CA ARG L 116 20.63 13.51 0.32
C ARG L 116 19.17 13.55 0.78
N SER L 117 18.43 12.45 0.55
CA SER L 117 17.02 12.38 0.94
C SER L 117 16.83 12.25 2.47
N LEU L 118 17.87 11.80 3.19
CA LEU L 118 17.78 11.61 4.63
C LEU L 118 18.46 12.72 5.44
N VAL L 119 19.46 13.37 4.85
CA VAL L 119 20.25 14.38 5.57
C VAL L 119 20.01 15.78 5.02
N LYS L 120 19.78 16.75 5.92
CA LYS L 120 19.61 18.14 5.50
C LYS L 120 20.97 18.65 5.02
N PRO L 121 21.02 19.48 3.98
CA PRO L 121 22.33 19.96 3.46
C PRO L 121 23.26 20.57 4.51
N GLU L 122 22.69 21.15 5.58
CA GLU L 122 23.42 21.75 6.68
C GLU L 122 24.30 20.72 7.40
N ASN L 123 23.81 19.47 7.48
CA ASN L 123 24.46 18.37 8.18
C ASN L 123 25.27 17.40 7.34
N TYR L 124 25.60 17.74 6.07
CA TYR L 124 26.40 16.84 5.23
C TYR L 124 27.79 16.68 5.86
N ARG L 125 28.39 17.80 6.29
CA ARG L 125 29.71 17.83 6.91
C ARG L 125 29.78 17.06 8.25
N ARG L 126 28.63 16.71 8.83
CA ARG L 126 28.58 15.94 10.07
C ARG L 126 28.65 14.41 9.84
N LEU L 127 28.67 13.95 8.58
CA LEU L 127 28.71 12.52 8.28
C LEU L 127 30.13 11.94 8.41
N ASP L 128 30.24 10.68 8.84
CA ASP L 128 31.55 10.03 8.98
C ASP L 128 32.03 9.45 7.63
N ILE L 129 32.27 10.33 6.66
CA ILE L 129 32.72 9.94 5.32
C ILE L 129 33.90 10.81 4.88
N VAL L 130 34.64 10.37 3.87
CA VAL L 130 35.79 11.12 3.35
C VAL L 130 35.37 12.42 2.72
N ARG L 131 36.27 13.41 2.75
CA ARG L 131 36.06 14.76 2.22
C ARG L 131 35.51 14.82 0.80
N SER L 132 35.98 13.93 -0.08
CA SER L 132 35.52 13.91 -1.46
C SER L 132 34.04 13.59 -1.56
N LEU L 133 33.52 12.72 -0.66
CA LEU L 133 32.11 12.37 -0.66
C LEU L 133 31.22 13.51 -0.15
N TYR L 134 31.78 14.46 0.66
CA TYR L 134 31.02 15.64 1.09
C TYR L 134 30.75 16.50 -0.16
N GLU L 135 31.79 16.70 -0.99
CA GLU L 135 31.66 17.48 -2.21
C GLU L 135 30.71 16.79 -3.20
N ASP L 136 30.78 15.46 -3.30
CA ASP L 136 29.90 14.70 -4.19
C ASP L 136 28.44 14.88 -3.77
N LEU L 137 28.17 14.89 -2.46
CA LEU L 137 26.85 15.07 -1.89
C LEU L 137 26.33 16.47 -2.17
N GLU L 138 27.18 17.49 -1.96
CA GLU L 138 26.84 18.90 -2.19
C GLU L 138 26.60 19.21 -3.66
N ASP L 139 27.16 18.41 -4.59
CA ASP L 139 27.00 18.64 -6.02
C ASP L 139 25.66 18.10 -6.50
N HIS L 140 24.57 18.75 -6.05
CA HIS L 140 23.20 18.37 -6.36
C HIS L 140 22.93 18.35 -7.85
N PRO L 141 22.11 17.40 -8.33
CA PRO L 141 21.79 17.34 -9.77
C PRO L 141 21.24 18.67 -10.26
N ASN L 142 21.70 19.11 -11.42
CA ASN L 142 21.38 20.43 -11.92
C ASN L 142 21.15 20.40 -13.43
N VAL L 143 20.02 20.95 -13.90
CA VAL L 143 19.70 20.99 -15.32
C VAL L 143 20.74 21.79 -16.11
N GLN L 144 21.11 22.99 -15.63
CA GLN L 144 22.09 23.83 -16.32
C GLN L 144 23.45 23.14 -16.43
N LYS L 145 23.91 22.50 -15.35
CA LYS L 145 25.17 21.75 -15.37
C LYS L 145 25.12 20.61 -16.41
N ASP L 146 23.96 19.93 -16.50
CA ASP L 146 23.76 18.84 -17.46
C ASP L 146 23.73 19.36 -18.89
N LEU L 147 23.14 20.53 -19.11
CA LEU L 147 23.13 21.13 -20.44
C LEU L 147 24.55 21.51 -20.86
N GLU L 148 25.39 21.95 -19.91
CA GLU L 148 26.79 22.28 -20.20
C GLU L 148 27.53 20.99 -20.61
N ARG L 149 27.29 19.90 -19.87
CA ARG L 149 27.89 18.61 -20.16
C ARG L 149 27.46 18.10 -21.54
N LEU L 150 26.16 18.19 -21.86
CA LEU L 150 25.62 17.75 -23.14
C LEU L 150 26.18 18.57 -24.30
N THR L 151 26.40 19.87 -24.08
CA THR L 151 26.94 20.75 -25.10
C THR L 151 28.38 20.39 -25.45
N GLN L 152 29.17 19.88 -24.49
CA GLN L 152 30.55 19.49 -24.74
C GLN L 152 30.73 18.49 -25.90
N GLU L 153 29.67 17.73 -26.22
CA GLU L 153 29.72 16.80 -27.34
C GLU L 153 28.64 17.16 -28.38
C1 QF3 M . -1.67 -65.49 1.23
N1 QF3 M . -2.22 -66.46 2.17
C2 QF3 M . -2.96 -65.82 3.27
C3 QF3 M . -3.27 -64.44 2.71
C4 QF3 M . -2.02 -64.15 1.90
C5 QF3 M . -0.17 -65.63 1.04
O1 QF3 M . 0.58 -65.93 1.98
N2 QF3 M . 0.27 -65.39 -0.19
C6 QF3 M . -2.03 -67.78 2.00
O2 QF3 M . -1.45 -68.21 1.03
C7 QF3 M . -2.58 -68.75 3.05
C8 QF3 M . -3.57 -69.63 2.35
C9 QF3 M . -1.48 -69.57 3.73
C10 QF3 M . -0.45 -68.64 4.39
C11 QF3 M . -2.07 -70.51 4.77
C12 QF3 M . -3.45 -70.61 1.44
C13 QF3 M . -4.79 -70.98 1.13
N3 QF3 M . -5.64 -70.25 1.78
O3 QF3 M . -4.88 -69.38 2.58
O4 QF3 M . -4.39 -64.54 1.85
C14 QF3 M . -5.25 -72.04 0.18
C15 QF3 M . 1.69 -65.23 -0.49
C16 QF3 M . 2.15 -63.82 -0.22
C17 QF3 M . 1.27 -62.75 -0.28
C18 QF3 M . 1.71 -61.46 -0.04
C19 QF3 M . 3.06 -61.19 0.14
C20 QF3 M . 3.96 -62.26 0.22
C21 QF3 M . 3.51 -63.55 0.00
C22 QF3 M . 3.54 -59.81 0.39
C23 QF3 M . 4.66 -59.17 -0.09
N4 QF3 M . 4.83 -57.89 0.37
C24 QF3 M . 3.86 -57.56 1.15
S1 QF3 M . 2.69 -58.76 1.46
C25 QF3 M . 5.64 -59.71 -1.08
O5 QF3 M . 4.33 -64.64 0.09
C26 QF3 M . 5.75 -64.47 0.14
C27 QF3 M . 6.35 -65.76 -0.29
O6 QF3 M . 5.85 -66.80 0.56
C28 QF3 M . 6.09 -68.10 0.04
C29 QF3 M . 1.93 -65.62 -1.96
C1 QF3 N . -10.71 51.17 9.08
N1 QF3 N . -9.87 52.29 8.64
C2 QF3 N . -8.44 51.98 8.78
C3 QF3 N . -8.42 50.46 8.83
C4 QF3 N . -9.68 50.16 9.62
C5 QF3 N . -11.72 51.56 10.15
O1 QF3 N . -11.42 52.36 11.05
N2 QF3 N . -12.90 50.98 10.04
C6 QF3 N . -10.41 53.44 8.19
O2 QF3 N . -11.62 53.55 8.06
C7 QF3 N . -9.50 54.60 7.84
C8 QF3 N . -9.70 54.89 6.38
C9 QF3 N . -9.78 55.84 8.71
C10 QF3 N . -9.52 55.51 10.18
C11 QF3 N . -8.97 57.04 8.28
C12 QF3 N . -10.70 55.43 5.66
C13 QF3 N . -10.28 55.33 4.31
N3 QF3 N . -9.12 54.75 4.21
O3 QF3 N . -8.74 54.43 5.54
O4 QF3 N . -8.53 49.95 7.51
C14 QF3 N . -10.99 55.81 3.08
C15 QF3 N . -13.89 50.99 11.12
C16 QF3 N . -13.60 49.94 12.18
C17 QF3 N . -12.90 48.79 11.85
C18 QF3 N . -12.65 47.83 12.82
C19 QF3 N . -13.17 47.95 14.10
C20 QF3 N . -13.88 49.12 14.43
C21 QF3 N . -14.12 50.08 13.48
C22 QF3 N . -12.94 46.91 15.13
C23 QF3 N . -13.80 46.37 16.05
N4 QF3 N . -13.24 45.44 16.91
C24 QF3 N . -11.99 45.25 16.61
S1 QF3 N . -11.37 46.23 15.35
C25 QF3 N . -15.26 46.69 16.21
O5 QF3 N . -14.81 51.23 13.74
C26 QF3 N . -15.57 51.35 14.95
C27 QF3 N . -17.00 51.67 14.60
O6 QF3 N . -17.05 52.78 13.72
C28 QF3 N . -18.34 52.98 13.16
C29 QF3 N . -15.28 50.81 10.52
C1 QF3 O . -38.06 32.10 -44.99
N1 QF3 O . -37.23 33.20 -45.48
C2 QF3 O . -35.80 32.96 -45.25
C3 QF3 O . -35.74 31.45 -45.09
C4 QF3 O . -37.03 31.16 -44.34
C5 QF3 O . -39.12 32.55 -43.98
O1 QF3 O . -38.89 33.44 -43.15
N2 QF3 O . -40.27 31.90 -44.06
C6 QF3 O . -37.78 34.29 -46.05
O2 QF3 O . -38.99 34.35 -46.22
C7 QF3 O . -36.87 35.43 -46.49
C8 QF3 O . -37.03 35.59 -47.97
C9 QF3 O . -37.17 36.74 -45.75
C10 QF3 O . -37.02 36.56 -44.24
C11 QF3 O . -36.28 37.88 -46.24
C12 QF3 O . -38.02 36.05 -48.76
C13 QF3 O . -37.57 35.86 -50.09
N3 QF3 O . -36.39 35.32 -50.11
O3 QF3 O . -36.04 35.12 -48.75
O4 QF3 O . -35.77 30.85 -46.37
C14 QF3 O . -38.28 36.21 -51.36
C15 QF3 O . -41.29 31.98 -43.01
C16 QF3 O . -40.98 31.03 -41.86
C17 QF3 O . -40.24 29.87 -42.07
C18 QF3 O . -39.99 28.99 -41.03
C19 QF3 O . -40.58 29.18 -39.78
C20 QF3 O . -41.31 30.35 -39.56
C21 QF3 O . -41.55 31.23 -40.60
C22 QF3 O . -40.30 28.25 -38.67
C23 QF3 O . -41.17 27.77 -37.70
N4 QF3 O . -40.59 26.94 -36.78
C24 QF3 O . -39.34 26.75 -37.05
S1 QF3 O . -38.73 27.62 -38.37
C25 QF3 O . -42.64 28.04 -37.58
O5 QF3 O . -42.29 32.38 -40.44
C26 QF3 O . -43.11 32.54 -39.26
C27 QF3 O . -44.54 32.77 -39.67
O6 QF3 O . -44.61 33.85 -40.59
C28 QF3 O . -45.86 33.96 -41.24
C29 QF3 O . -42.65 31.69 -43.62
C1 QF3 P . 4.28 24.02 -26.06
N1 QF3 P . 5.14 25.12 -26.52
C2 QF3 P . 6.56 24.81 -26.34
C3 QF3 P . 6.58 23.30 -26.22
C4 QF3 P . 5.29 23.03 -25.46
C5 QF3 P . 3.26 24.47 -25.02
O1 QF3 P . 3.53 25.31 -24.17
N2 QF3 P . 2.08 23.87 -25.10
C6 QF3 P . 4.62 26.24 -27.04
O2 QF3 P . 3.41 26.36 -27.21
C7 QF3 P . 5.56 27.37 -27.45
C8 QF3 P . 5.39 27.57 -28.93
C9 QF3 P . 5.30 28.66 -26.66
C10 QF3 P . 5.45 28.43 -25.17
C11 QF3 P . 6.22 29.78 -27.13
C12 QF3 P . 4.41 28.08 -29.69
C13 QF3 P . 4.83 27.91 -31.03
N3 QF3 P . 5.99 27.32 -31.08
O3 QF3 P . 6.36 27.08 -29.73
O4 QF3 P . 6.49 22.72 -27.52
C14 QF3 P . 4.14 28.33 -32.29
C15 QF3 P . 1.09 23.93 -24.02
C16 QF3 P . 1.38 22.94 -22.92
C17 QF3 P . 2.08 21.76 -23.18
C18 QF3 P . 2.31 20.84 -22.17
C19 QF3 P . 1.78 21.01 -20.89
C20 QF3 P . 1.10 22.20 -20.63
C21 QF3 P . 0.86 23.11 -21.63
C22 QF3 P . 2.03 20.03 -19.82
C23 QF3 P . 1.17 19.54 -18.86
N4 QF3 P . 1.74 18.66 -17.97
C24 QF3 P . 2.98 18.43 -18.27
S1 QF3 P . 3.59 19.34 -19.58
C25 QF3 P . -0.29 19.85 -18.73
O5 QF3 P . 0.17 24.28 -21.41
C26 QF3 P . -0.68 24.40 -20.25
C27 QF3 P . -1.51 25.62 -20.46
O6 QF3 P . -2.38 25.46 -21.56
C28 QF3 P . -2.91 26.68 -22.06
C29 QF3 P . -0.30 23.74 -24.62
#